data_6RK7
#
_entry.id   6RK7
#
_cell.length_a   113.999
_cell.length_b   106.139
_cell.length_c   234.377
_cell.angle_alpha   90.00
_cell.angle_beta   96.86
_cell.angle_gamma   90.00
#
_symmetry.space_group_name_H-M   'I 1 2 1'
#
loop_
_entity.id
_entity.type
_entity.pdbx_description
1 polymer 'Methionine adenosyltransferase'
2 non-polymer S-ADENOSYLMETHIONINE
3 non-polymer 'CHLORIDE ION'
4 water water
#
_entity_poly.entity_id   1
_entity_poly.type   'polypeptide(L)'
_entity_poly.pdbx_seq_one_letter_code
;MQYKKIITSESVGAGHPDKICDQISDAILDECLSQDQNSRVACEVLACNRLIVIAGEITTHAYVDVVKTAWEIIKPLGYD
ENDFTIISNVNKQSVDIAQSVDKTNKNLIGAGDQGIVFGYACDETPQYMPLTSVLAHELLKEIERQRRSKEFIKIQADMK
SQVSIDYSNSTPLIETMLVSIQHDEDYDVEYFNKKVSAIMEQIAKKYNLNTNFKKIINSSGRFVIGGPIGDTGLTGRKII
VDTYGGVGHHGGGAFSGKDPTKVDRSASYFARWIAKNVVAAKLAKQCEIQLAFAIGQPQPVAMYVNTFNTNLIDETKIFE
AIKKSFNFDIKTFINDLNLWTTKYLPVATYGHFGRDDLDLSWEKLNKVEDLIKNSKHHHHHH
;
_entity_poly.pdbx_strand_id   A,B,E,F,G,H
#
# COMPACT_ATOMS: atom_id res chain seq x y z
N LYS A 4 -33.45 -17.11 17.84
CA LYS A 4 -31.96 -17.00 17.90
C LYS A 4 -31.29 -17.90 18.97
N LYS A 5 -30.11 -18.41 18.66
CA LYS A 5 -29.27 -19.18 19.59
C LYS A 5 -28.22 -18.26 20.25
N ILE A 6 -28.52 -17.76 21.45
CA ILE A 6 -27.68 -16.72 22.13
C ILE A 6 -26.99 -17.36 23.34
N ILE A 7 -25.67 -17.47 23.26
CA ILE A 7 -24.81 -18.03 24.30
C ILE A 7 -24.01 -16.89 24.94
N THR A 8 -23.81 -16.94 26.25
CA THR A 8 -23.19 -15.82 26.98
C THR A 8 -22.13 -16.33 27.93
N SER A 9 -21.03 -15.57 28.05
CA SER A 9 -19.97 -15.87 29.02
C SER A 9 -19.52 -14.57 29.67
N GLU A 10 -18.74 -14.68 30.71
CA GLU A 10 -18.27 -13.51 31.47
C GLU A 10 -16.77 -13.46 31.67
N SER A 11 -16.28 -12.31 32.16
CA SER A 11 -14.98 -12.21 32.73
C SER A 11 -14.99 -11.21 33.86
N VAL A 12 -13.94 -11.17 34.62
CA VAL A 12 -13.78 -10.15 35.70
C VAL A 12 -12.37 -9.65 35.72
N GLY A 13 -12.18 -8.50 36.30
CA GLY A 13 -10.89 -7.83 36.22
C GLY A 13 -9.97 -8.12 37.40
N ALA A 14 -8.79 -7.49 37.39
CA ALA A 14 -7.76 -7.80 38.39
C ALA A 14 -8.11 -7.26 39.74
N GLY A 15 -8.98 -6.26 39.80
CA GLY A 15 -9.44 -5.68 41.08
C GLY A 15 -10.78 -6.22 41.57
N HIS A 16 -11.32 -7.20 40.87
CA HIS A 16 -12.48 -7.88 41.33
C HIS A 16 -12.08 -8.67 42.62
N PRO A 17 -12.88 -8.70 43.64
CA PRO A 17 -12.41 -9.22 44.95
C PRO A 17 -12.15 -10.72 44.92
N ASP A 18 -12.93 -11.50 44.13
CA ASP A 18 -12.64 -12.92 44.04
C ASP A 18 -11.28 -13.13 43.35
N LYS A 19 -11.00 -12.36 42.32
CA LYS A 19 -9.76 -12.42 41.61
C LYS A 19 -8.56 -11.90 42.42
N ILE A 20 -8.74 -10.91 43.28
CA ILE A 20 -7.71 -10.55 44.23
C ILE A 20 -7.30 -11.79 45.04
N CYS A 21 -8.28 -12.53 45.55
CA CYS A 21 -7.99 -13.72 46.29
C CYS A 21 -7.27 -14.80 45.47
N ASP A 22 -7.72 -15.06 44.24
CA ASP A 22 -7.02 -16.00 43.40
C ASP A 22 -5.57 -15.55 43.19
N GLN A 23 -5.36 -14.25 42.95
CA GLN A 23 -4.01 -13.78 42.72
C GLN A 23 -3.10 -13.95 43.99
N ILE A 24 -3.65 -13.62 45.19
CA ILE A 24 -2.86 -13.80 46.38
C ILE A 24 -2.53 -15.31 46.61
N SER A 25 -3.51 -16.17 46.37
CA SER A 25 -3.30 -17.61 46.50
C SER A 25 -2.17 -18.07 45.60
N ASP A 26 -2.23 -17.71 44.33
CA ASP A 26 -1.24 -18.16 43.39
C ASP A 26 0.13 -17.46 43.57
N ALA A 27 0.16 -16.23 44.04
CA ALA A 27 1.40 -15.59 44.33
C ALA A 27 2.09 -16.26 45.51
N ILE A 28 1.31 -16.72 46.50
CA ILE A 28 1.89 -17.45 47.61
C ILE A 28 2.40 -18.79 47.14
N LEU A 29 1.61 -19.49 46.31
CA LEU A 29 2.06 -20.73 45.75
C LEU A 29 3.40 -20.54 45.01
N ASP A 30 3.46 -19.54 44.12
CA ASP A 30 4.66 -19.32 43.28
C ASP A 30 5.88 -19.09 44.18
N GLU A 31 5.75 -18.33 45.24
CA GLU A 31 6.87 -18.12 46.14
C GLU A 31 7.28 -19.43 46.84
N CYS A 32 6.33 -20.28 47.28
CA CYS A 32 6.71 -21.55 47.82
C CYS A 32 7.47 -22.41 46.81
N LEU A 33 6.93 -22.57 45.58
CA LEU A 33 7.54 -23.42 44.62
C LEU A 33 8.92 -22.87 44.16
N SER A 34 9.12 -21.58 44.14
CA SER A 34 10.44 -21.04 43.79
CA SER A 34 10.45 -21.03 43.80
C SER A 34 11.52 -21.46 44.81
N GLN A 35 11.14 -21.65 46.07
CA GLN A 35 12.08 -22.05 47.13
C GLN A 35 12.13 -23.56 47.28
N ASP A 36 11.03 -24.27 47.06
CA ASP A 36 10.93 -25.70 47.40
C ASP A 36 9.94 -26.33 46.40
N GLN A 37 10.46 -26.99 45.39
CA GLN A 37 9.63 -27.60 44.36
C GLN A 37 8.81 -28.79 44.79
N ASN A 38 9.05 -29.29 46.02
CA ASN A 38 8.18 -30.34 46.53
C ASN A 38 7.14 -29.78 47.54
N SER A 39 6.93 -28.45 47.59
CA SER A 39 5.96 -27.87 48.51
C SER A 39 4.59 -28.51 48.33
N ARG A 40 3.84 -28.65 49.39
CA ARG A 40 2.44 -29.03 49.34
CA ARG A 40 2.44 -29.03 49.34
C ARG A 40 1.69 -27.78 49.78
N VAL A 41 0.86 -27.24 48.87
CA VAL A 41 0.27 -25.96 49.09
C VAL A 41 -1.19 -26.03 48.68
N ALA A 42 -2.06 -25.56 49.56
CA ALA A 42 -3.49 -25.41 49.32
C ALA A 42 -3.91 -24.11 49.99
N CYS A 43 -3.63 -22.97 49.34
CA CYS A 43 -3.71 -21.70 50.01
C CYS A 43 -5.01 -21.02 49.58
N GLU A 44 -5.85 -20.66 50.53
CA GLU A 44 -7.14 -20.08 50.34
C GLU A 44 -7.21 -18.73 50.95
N VAL A 45 -7.83 -17.78 50.26
CA VAL A 45 -7.87 -16.42 50.71
C VAL A 45 -9.26 -15.90 50.70
N LEU A 46 -9.57 -15.06 51.68
CA LEU A 46 -10.83 -14.36 51.80
C LEU A 46 -10.50 -12.88 51.92
N ALA A 47 -11.21 -12.04 51.19
CA ALA A 47 -11.04 -10.57 51.26
C ALA A 47 -12.40 -9.91 51.45
N CYS A 48 -12.61 -9.26 52.57
CA CYS A 48 -13.92 -8.62 52.90
CA CYS A 48 -13.92 -8.62 52.90
C CYS A 48 -13.71 -7.36 53.69
N ASN A 49 -14.17 -6.27 53.19
CA ASN A 49 -14.21 -4.96 53.73
C ASN A 49 -12.77 -4.54 54.00
N ARG A 50 -12.33 -4.70 55.23
CA ARG A 50 -10.96 -4.37 55.60
C ARG A 50 -10.18 -5.58 56.24
N LEU A 51 -10.52 -6.80 55.84
CA LEU A 51 -9.84 -7.94 56.28
C LEU A 51 -9.41 -8.79 55.11
N ILE A 52 -8.17 -9.28 55.12
CA ILE A 52 -7.77 -10.36 54.20
C ILE A 52 -7.35 -11.51 55.11
N VAL A 53 -7.87 -12.70 54.87
CA VAL A 53 -7.49 -13.89 55.58
C VAL A 53 -6.79 -14.83 54.66
N ILE A 54 -5.57 -15.22 55.02
CA ILE A 54 -4.75 -16.12 54.27
C ILE A 54 -4.70 -17.42 55.05
N ALA A 55 -5.27 -18.45 54.48
CA ALA A 55 -5.41 -19.70 55.16
C ALA A 55 -5.06 -20.86 54.25
N GLY A 56 -5.28 -22.04 54.76
CA GLY A 56 -5.02 -23.26 54.04
C GLY A 56 -3.92 -24.10 54.63
N GLU A 57 -3.48 -25.07 53.87
CA GLU A 57 -2.59 -26.10 54.37
C GLU A 57 -1.33 -26.07 53.48
N ILE A 58 -0.22 -25.85 54.13
CA ILE A 58 1.08 -25.74 53.48
C ILE A 58 2.10 -26.57 54.24
N THR A 59 2.81 -27.47 53.57
CA THR A 59 3.96 -28.13 54.17
C THR A 59 5.10 -27.86 53.20
N THR A 60 6.13 -27.21 53.68
CA THR A 60 7.18 -26.70 52.83
C THR A 60 8.45 -26.40 53.59
N HIS A 61 9.59 -26.41 52.89
CA HIS A 61 10.82 -25.82 53.39
C HIS A 61 10.92 -24.33 53.12
N ALA A 62 10.06 -23.78 52.30
CA ALA A 62 10.08 -22.37 52.03
C ALA A 62 9.59 -21.54 53.19
N TYR A 63 9.84 -20.24 53.13
CA TYR A 63 9.16 -19.29 53.98
C TYR A 63 8.58 -18.24 53.05
N VAL A 64 7.28 -17.98 53.15
CA VAL A 64 6.70 -16.89 52.37
C VAL A 64 6.17 -15.81 53.29
N ASP A 65 6.55 -14.58 53.03
CA ASP A 65 6.02 -13.45 53.73
C ASP A 65 4.63 -13.14 53.12
N VAL A 66 3.56 -13.58 53.78
CA VAL A 66 2.25 -13.49 53.18
C VAL A 66 1.78 -12.08 53.14
N VAL A 67 2.19 -11.22 54.08
CA VAL A 67 1.83 -9.86 54.04
C VAL A 67 2.46 -9.13 52.88
N LYS A 68 3.75 -9.26 52.70
CA LYS A 68 4.45 -8.70 51.57
C LYS A 68 3.85 -9.18 50.24
N THR A 69 3.53 -10.45 50.20
CA THR A 69 2.90 -11.04 48.95
C THR A 69 1.54 -10.43 48.67
N ALA A 70 0.71 -10.26 49.73
CA ALA A 70 -0.55 -9.68 49.54
C ALA A 70 -0.41 -8.23 49.03
N TRP A 71 0.52 -7.47 49.63
CA TRP A 71 0.78 -6.12 49.19
C TRP A 71 1.20 -6.05 47.69
N GLU A 72 1.92 -7.04 47.20
CA GLU A 72 2.28 -7.07 45.81
C GLU A 72 1.09 -7.19 44.86
N ILE A 73 0.01 -7.81 45.31
CA ILE A 73 -1.18 -7.92 44.52
C ILE A 73 -2.02 -6.65 44.67
N ILE A 74 -2.15 -6.09 45.90
CA ILE A 74 -3.13 -5.05 46.12
C ILE A 74 -2.59 -3.63 45.82
N LYS A 75 -1.29 -3.40 45.95
CA LYS A 75 -0.72 -2.06 45.62
C LYS A 75 -0.91 -1.60 44.20
N PRO A 76 -0.77 -2.45 43.19
CA PRO A 76 -1.05 -1.97 41.84
C PRO A 76 -2.52 -1.67 41.55
N LEU A 77 -3.42 -2.10 42.44
CA LEU A 77 -4.83 -1.79 42.34
C LEU A 77 -5.19 -0.52 43.10
N GLY A 78 -4.25 0.07 43.82
CA GLY A 78 -4.53 1.32 44.48
C GLY A 78 -4.59 1.23 45.96
N TYR A 79 -4.47 0.04 46.55
CA TYR A 79 -4.55 -0.07 48.02
C TYR A 79 -3.21 0.19 48.64
N ASP A 80 -3.18 0.49 49.92
CA ASP A 80 -1.91 0.67 50.62
C ASP A 80 -1.80 -0.27 51.84
N GLU A 81 -0.74 -0.05 52.62
CA GLU A 81 -0.36 -0.92 53.71
C GLU A 81 -1.25 -0.81 54.91
N ASN A 82 -2.09 0.21 54.98
CA ASN A 82 -3.00 0.38 56.08
C ASN A 82 -4.44 0.03 55.74
N ASP A 83 -4.73 -0.43 54.53
CA ASP A 83 -6.10 -0.71 54.15
C ASP A 83 -6.68 -2.00 54.75
N PHE A 84 -5.84 -3.02 54.94
CA PHE A 84 -6.38 -4.30 55.44
C PHE A 84 -5.62 -4.82 56.67
N THR A 85 -6.40 -5.38 57.59
CA THR A 85 -5.91 -6.36 58.51
C THR A 85 -5.61 -7.64 57.79
N ILE A 86 -4.45 -8.25 58.04
CA ILE A 86 -4.11 -9.50 57.42
C ILE A 86 -4.03 -10.56 58.48
N ILE A 87 -4.73 -11.67 58.26
CA ILE A 87 -4.74 -12.79 59.16
C ILE A 87 -4.03 -13.93 58.44
N SER A 88 -2.98 -14.47 59.07
CA SER A 88 -2.28 -15.59 58.55
C SER A 88 -2.58 -16.82 59.37
N ASN A 89 -3.25 -17.77 58.77
CA ASN A 89 -3.63 -19.01 59.44
C ASN A 89 -3.18 -20.21 58.61
N VAL A 90 -1.90 -20.45 58.67
CA VAL A 90 -1.26 -21.43 57.79
C VAL A 90 -1.14 -22.72 58.57
N ASN A 91 -1.91 -23.70 58.19
CA ASN A 91 -1.86 -25.02 58.85
C ASN A 91 -0.94 -25.91 58.00
N LYS A 92 -0.53 -27.08 58.49
CA LYS A 92 0.25 -28.00 57.70
C LYS A 92 -0.68 -28.96 56.95
N GLN A 93 -0.17 -29.56 55.88
CA GLN A 93 -0.95 -30.63 55.18
C GLN A 93 -1.14 -31.83 56.18
N SER A 94 -2.39 -32.32 56.21
CA SER A 94 -2.71 -33.47 56.98
C SER A 94 -1.75 -34.63 56.66
N VAL A 95 -1.18 -35.23 57.73
CA VAL A 95 -0.31 -36.38 57.48
C VAL A 95 -1.07 -37.58 56.89
N ASP A 96 -2.39 -37.62 57.13
CA ASP A 96 -3.23 -38.71 56.55
C ASP A 96 -3.36 -38.56 55.06
N ILE A 97 -3.44 -37.29 54.56
CA ILE A 97 -3.50 -37.11 53.09
C ILE A 97 -2.11 -37.38 52.55
N ALA A 98 -1.10 -36.86 53.21
CA ALA A 98 0.27 -36.94 52.68
C ALA A 98 0.75 -38.37 52.45
N GLN A 99 0.41 -39.29 53.35
CA GLN A 99 0.87 -40.69 53.19
C GLN A 99 0.21 -41.33 52.00
N SER A 100 -1.00 -40.86 51.62
CA SER A 100 -1.69 -41.39 50.44
C SER A 100 -1.08 -40.88 49.12
N VAL A 101 -0.66 -39.60 49.12
CA VAL A 101 -0.07 -38.96 47.94
C VAL A 101 1.35 -39.48 47.72
N ASP A 102 2.14 -39.54 48.81
CA ASP A 102 3.55 -39.93 48.74
C ASP A 102 3.71 -41.44 48.82
N LYS A 103 3.63 -42.08 47.75
CA LYS A 103 3.54 -43.52 47.74
C LYS A 103 4.99 -44.04 48.11
N THR A 104 4.98 -45.29 48.61
CA THR A 104 6.25 -46.09 48.92
C THR A 104 7.18 -46.14 47.67
N ASN A 105 6.57 -46.44 46.52
CA ASN A 105 7.18 -46.29 45.23
C ASN A 105 7.40 -44.81 45.00
N LYS A 106 8.60 -44.37 45.18
CA LYS A 106 8.96 -42.95 44.99
C LYS A 106 8.85 -42.41 43.54
N ASN A 107 8.53 -43.25 42.56
CA ASN A 107 8.25 -42.69 41.24
C ASN A 107 6.78 -42.47 41.04
N LEU A 108 5.94 -42.61 42.07
CA LEU A 108 4.49 -42.40 41.87
C LEU A 108 4.00 -41.30 42.81
N ILE A 109 3.02 -40.56 42.31
CA ILE A 109 2.28 -39.60 43.11
C ILE A 109 0.84 -40.11 43.02
N GLY A 110 0.23 -40.28 44.18
CA GLY A 110 -1.19 -40.65 44.30
C GLY A 110 -1.98 -39.30 44.12
N ALA A 111 -3.16 -39.39 43.56
CA ALA A 111 -4.03 -38.18 43.41
C ALA A 111 -4.23 -37.59 44.79
N GLY A 112 -4.20 -36.25 44.85
CA GLY A 112 -4.35 -35.57 46.10
C GLY A 112 -5.78 -35.59 46.67
N ASP A 113 -6.74 -36.05 45.86
CA ASP A 113 -8.14 -36.11 46.26
C ASP A 113 -8.90 -36.97 45.26
N GLN A 114 -10.13 -37.32 45.60
CA GLN A 114 -11.06 -37.79 44.53
C GLN A 114 -11.43 -36.54 43.69
N GLY A 115 -12.14 -36.76 42.60
CA GLY A 115 -12.84 -35.67 41.92
C GLY A 115 -12.96 -35.91 40.45
N ILE A 116 -13.65 -34.97 39.83
CA ILE A 116 -13.87 -35.00 38.38
C ILE A 116 -13.36 -33.67 37.82
N VAL A 117 -12.71 -33.75 36.68
CA VAL A 117 -12.26 -32.56 35.94
C VAL A 117 -12.69 -32.67 34.52
N PHE A 118 -12.85 -31.53 33.85
CA PHE A 118 -13.15 -31.51 32.41
C PHE A 118 -12.14 -30.60 31.72
N GLY A 119 -11.68 -31.04 30.60
CA GLY A 119 -10.91 -30.28 29.65
C GLY A 119 -11.76 -30.03 28.42
N TYR A 120 -11.58 -28.88 27.77
CA TYR A 120 -12.46 -28.51 26.63
C TYR A 120 -11.64 -27.80 25.61
N ALA A 121 -11.98 -27.98 24.33
CA ALA A 121 -11.45 -27.13 23.26
C ALA A 121 -12.47 -27.14 22.10
N CYS A 122 -12.41 -26.08 21.31
CA CYS A 122 -13.23 -25.97 20.13
C CYS A 122 -12.46 -25.15 19.09
N ASP A 123 -12.99 -25.15 17.84
CA ASP A 123 -12.26 -24.50 16.74
C ASP A 123 -12.83 -23.12 16.44
N GLU A 124 -13.52 -22.47 17.38
CA GLU A 124 -14.11 -21.18 17.08
C GLU A 124 -13.11 -20.04 16.98
N THR A 125 -11.98 -20.14 17.69
CA THR A 125 -11.08 -19.02 17.84
C THR A 125 -9.66 -19.59 17.61
N PRO A 126 -8.69 -18.73 17.40
CA PRO A 126 -7.33 -19.19 17.32
C PRO A 126 -6.81 -19.75 18.63
N GLN A 127 -7.44 -19.33 19.74
CA GLN A 127 -7.12 -19.86 21.06
C GLN A 127 -7.71 -21.23 21.33
N TYR A 128 -8.52 -21.76 20.41
CA TYR A 128 -9.28 -22.97 20.62
C TYR A 128 -10.25 -22.90 21.79
N MET A 129 -10.86 -21.72 21.95
CA MET A 129 -11.75 -21.39 23.03
C MET A 129 -13.06 -20.86 22.49
N PRO A 130 -14.13 -20.95 23.30
CA PRO A 130 -15.40 -20.27 23.01
C PRO A 130 -15.20 -18.80 22.77
N LEU A 131 -15.81 -18.30 21.70
CA LEU A 131 -15.65 -16.91 21.36
C LEU A 131 -16.19 -15.97 22.43
N THR A 132 -17.27 -16.35 23.08
CA THR A 132 -17.82 -15.53 24.14
C THR A 132 -16.80 -15.24 25.27
N SER A 133 -16.08 -16.28 25.69
CA SER A 133 -15.06 -16.11 26.75
CA SER A 133 -15.06 -16.12 26.74
C SER A 133 -13.89 -15.28 26.25
N VAL A 134 -13.45 -15.55 25.03
CA VAL A 134 -12.31 -14.78 24.49
C VAL A 134 -12.60 -13.31 24.45
N LEU A 135 -13.78 -12.95 23.93
CA LEU A 135 -14.15 -11.51 23.83
C LEU A 135 -14.26 -10.91 25.26
N ALA A 136 -14.86 -11.66 26.19
CA ALA A 136 -15.10 -11.09 27.52
C ALA A 136 -13.78 -10.74 28.21
N HIS A 137 -12.80 -11.65 28.12
CA HIS A 137 -11.49 -11.39 28.72
C HIS A 137 -10.79 -10.25 27.99
N GLU A 138 -10.86 -10.22 26.65
CA GLU A 138 -10.12 -9.21 25.89
CA GLU A 138 -10.11 -9.21 25.90
C GLU A 138 -10.58 -7.81 26.21
N LEU A 139 -11.89 -7.65 26.48
CA LEU A 139 -12.44 -6.36 26.85
C LEU A 139 -11.80 -5.88 28.14
N LEU A 140 -11.71 -6.77 29.11
CA LEU A 140 -11.19 -6.31 30.44
C LEU A 140 -9.70 -6.13 30.41
N LYS A 141 -9.02 -6.95 29.65
CA LYS A 141 -7.54 -6.77 29.52
C LYS A 141 -7.20 -5.43 28.91
N GLU A 142 -7.97 -5.05 27.90
CA GLU A 142 -7.73 -3.73 27.27
C GLU A 142 -8.08 -2.56 28.20
N ILE A 143 -9.19 -2.64 28.95
CA ILE A 143 -9.50 -1.59 29.85
C ILE A 143 -8.42 -1.48 30.93
N GLU A 144 -7.95 -2.61 31.49
CA GLU A 144 -6.98 -2.57 32.56
C GLU A 144 -5.64 -2.07 32.00
N ARG A 145 -5.32 -2.45 30.77
CA ARG A 145 -4.11 -1.89 30.14
C ARG A 145 -4.16 -0.36 30.08
N GLN A 146 -5.31 0.17 29.66
CA GLN A 146 -5.49 1.59 29.58
C GLN A 146 -5.56 2.28 30.93
N ARG A 147 -6.12 1.62 31.97
CA ARG A 147 -6.13 2.19 33.29
C ARG A 147 -4.68 2.43 33.75
N ARG A 148 -3.82 1.46 33.53
CA ARG A 148 -2.44 1.51 34.00
C ARG A 148 -1.60 2.50 33.17
N SER A 149 -1.82 2.59 31.87
CA SER A 149 -1.07 3.53 31.04
C SER A 149 -1.66 4.95 31.12
N LYS A 150 -2.80 5.14 31.78
CA LYS A 150 -3.50 6.41 31.87
C LYS A 150 -4.14 6.89 30.55
N GLU A 151 -4.36 5.98 29.63
CA GLU A 151 -5.13 6.27 28.46
C GLU A 151 -6.64 6.35 28.78
N PHE A 152 -7.07 5.69 29.88
CA PHE A 152 -8.48 5.72 30.31
C PHE A 152 -8.43 6.19 31.74
N ILE A 153 -8.84 7.42 31.99
CA ILE A 153 -8.69 8.02 33.30
C ILE A 153 -9.99 7.89 34.08
N LYS A 154 -9.83 8.12 35.39
CA LYS A 154 -10.92 8.15 36.38
C LYS A 154 -11.73 6.85 36.49
N ILE A 155 -11.02 5.75 36.30
CA ILE A 155 -11.53 4.42 36.64
C ILE A 155 -10.63 3.67 37.59
N GLN A 156 -11.18 2.58 38.14
CA GLN A 156 -10.53 1.80 39.15
C GLN A 156 -10.48 0.37 38.64
N ALA A 157 -9.89 -0.54 39.43
CA ALA A 157 -9.55 -1.87 38.91
C ALA A 157 -10.65 -2.93 39.01
N ASP A 158 -11.69 -2.70 39.80
CA ASP A 158 -12.81 -3.67 39.91
C ASP A 158 -13.69 -3.49 38.64
N MET A 159 -13.88 -4.57 37.91
CA MET A 159 -14.67 -4.56 36.68
C MET A 159 -15.14 -5.92 36.29
N LYS A 160 -16.17 -5.97 35.46
CA LYS A 160 -16.76 -7.23 34.94
C LYS A 160 -17.17 -7.03 33.55
N SER A 161 -17.25 -8.10 32.80
CA SER A 161 -17.76 -8.06 31.43
C SER A 161 -18.63 -9.25 31.17
N GLN A 162 -19.44 -9.17 30.09
CA GLN A 162 -20.28 -10.27 29.73
C GLN A 162 -20.55 -10.14 28.26
N VAL A 163 -20.38 -11.21 27.49
CA VAL A 163 -20.58 -11.10 26.06
C VAL A 163 -21.52 -12.18 25.60
N SER A 164 -22.53 -11.77 24.82
CA SER A 164 -23.49 -12.68 24.26
C SER A 164 -23.28 -12.76 22.75
N ILE A 165 -23.19 -13.96 22.23
CA ILE A 165 -23.06 -14.21 20.83
C ILE A 165 -24.18 -15.00 20.27
N ASP A 166 -24.61 -14.58 19.08
CA ASP A 166 -25.67 -15.23 18.31
C ASP A 166 -25.03 -16.22 17.37
N TYR A 167 -25.29 -17.47 17.63
CA TYR A 167 -24.77 -18.59 16.89
C TYR A 167 -25.86 -19.20 15.96
N SER A 168 -26.90 -18.44 15.67
CA SER A 168 -28.01 -18.97 14.82
C SER A 168 -27.57 -19.35 13.43
N ASN A 169 -26.57 -18.66 12.88
CA ASN A 169 -26.06 -18.91 11.50
C ASN A 169 -24.62 -19.35 11.60
N SER A 170 -24.03 -19.74 10.50
CA SER A 170 -22.65 -20.22 10.52
C SER A 170 -21.62 -19.07 10.78
N THR A 171 -21.89 -17.85 10.42
CA THR A 171 -21.09 -16.74 10.88
C THR A 171 -21.70 -16.24 12.26
N PRO A 172 -20.88 -16.24 13.33
CA PRO A 172 -21.36 -15.67 14.59
C PRO A 172 -21.57 -14.19 14.50
N LEU A 173 -22.54 -13.69 15.26
CA LEU A 173 -22.73 -12.27 15.43
C LEU A 173 -22.60 -11.93 16.92
N ILE A 174 -22.01 -10.81 17.26
CA ILE A 174 -22.11 -10.33 18.63
C ILE A 174 -23.54 -9.86 18.84
N GLU A 175 -24.19 -10.29 19.91
CA GLU A 175 -25.55 -9.83 20.24
C GLU A 175 -25.44 -8.66 21.20
N THR A 176 -24.72 -8.86 22.30
CA THR A 176 -24.51 -7.83 23.32
C THR A 176 -23.08 -7.87 23.89
N MET A 177 -22.49 -6.71 24.10
CA MET A 177 -21.33 -6.59 24.97
C MET A 177 -21.71 -5.74 26.16
N LEU A 178 -21.35 -6.24 27.35
CA LEU A 178 -21.67 -5.57 28.60
C LEU A 178 -20.42 -5.41 29.38
N VAL A 179 -20.20 -4.23 29.95
CA VAL A 179 -19.10 -4.00 30.86
C VAL A 179 -19.62 -3.21 32.03
N SER A 180 -19.09 -3.48 33.23
CA SER A 180 -19.23 -2.62 34.39
C SER A 180 -17.88 -2.29 34.93
N ILE A 181 -17.53 -1.01 35.14
CA ILE A 181 -16.22 -0.60 35.57
C ILE A 181 -16.38 0.33 36.74
N GLN A 182 -15.67 0.06 37.81
CA GLN A 182 -15.67 0.96 38.96
C GLN A 182 -15.03 2.29 38.51
N HIS A 183 -15.69 3.38 38.86
CA HIS A 183 -15.29 4.72 38.41
C HIS A 183 -15.16 5.69 39.58
N ASP A 184 -14.37 6.72 39.38
CA ASP A 184 -14.25 7.79 40.39
C ASP A 184 -15.55 8.59 40.50
N GLU A 185 -15.78 9.13 41.67
CA GLU A 185 -16.93 9.98 41.97
C GLU A 185 -16.99 11.18 40.99
N ASP A 186 -15.86 11.77 40.65
CA ASP A 186 -15.83 12.94 39.75
C ASP A 186 -15.66 12.59 38.29
N TYR A 187 -16.02 11.36 37.89
CA TYR A 187 -15.87 11.00 36.47
C TYR A 187 -16.82 11.78 35.55
N ASP A 188 -16.52 11.72 34.28
CA ASP A 188 -17.34 12.33 33.24
C ASP A 188 -17.97 11.17 32.45
N VAL A 189 -19.26 10.95 32.66
CA VAL A 189 -19.96 9.80 32.15
C VAL A 189 -19.94 9.75 30.63
N GLU A 190 -19.91 10.92 30.00
CA GLU A 190 -19.85 10.95 28.52
C GLU A 190 -18.53 10.48 28.00
N TYR A 191 -17.44 10.92 28.59
CA TYR A 191 -16.09 10.44 28.28
C TYR A 191 -16.01 8.91 28.52
N PHE A 192 -16.50 8.49 29.68
CA PHE A 192 -16.46 7.08 30.07
C PHE A 192 -17.22 6.20 29.04
N ASN A 193 -18.44 6.56 28.70
CA ASN A 193 -19.23 5.82 27.73
C ASN A 193 -18.57 5.74 26.38
N LYS A 194 -17.96 6.85 25.93
CA LYS A 194 -17.25 6.87 24.66
CA LYS A 194 -17.25 6.88 24.67
C LYS A 194 -16.02 5.98 24.69
N LYS A 195 -15.21 6.04 25.77
CA LYS A 195 -14.07 5.13 25.87
C LYS A 195 -14.47 3.65 25.83
N VAL A 196 -15.51 3.27 26.55
CA VAL A 196 -15.92 1.88 26.64
C VAL A 196 -16.44 1.46 25.27
N SER A 197 -17.25 2.30 24.64
CA SER A 197 -17.79 2.00 23.30
C SER A 197 -16.73 1.77 22.30
N ALA A 198 -15.70 2.60 22.32
CA ALA A 198 -14.56 2.43 21.41
C ALA A 198 -13.80 1.14 21.64
N ILE A 199 -13.57 0.81 22.94
CA ILE A 199 -12.88 -0.44 23.27
C ILE A 199 -13.69 -1.64 22.74
N MET A 200 -15.01 -1.61 22.98
CA MET A 200 -15.85 -2.68 22.54
C MET A 200 -15.78 -2.85 21.04
N GLU A 201 -15.82 -1.75 20.30
CA GLU A 201 -15.73 -1.82 18.82
C GLU A 201 -14.40 -2.28 18.36
N GLN A 202 -13.35 -1.85 19.02
CA GLN A 202 -11.98 -2.23 18.63
C GLN A 202 -11.83 -3.76 18.80
N ILE A 203 -12.35 -4.31 19.90
CA ILE A 203 -12.26 -5.79 20.06
C ILE A 203 -13.08 -6.53 18.99
N ALA A 204 -14.28 -6.07 18.74
CA ALA A 204 -15.13 -6.69 17.66
C ALA A 204 -14.42 -6.69 16.34
N LYS A 205 -13.82 -5.55 15.97
CA LYS A 205 -13.08 -5.39 14.69
C LYS A 205 -11.87 -6.29 14.66
N LYS A 206 -11.16 -6.42 15.77
CA LYS A 206 -10.06 -7.37 15.82
C LYS A 206 -10.44 -8.78 15.48
N TYR A 207 -11.68 -9.22 15.80
CA TYR A 207 -12.09 -10.54 15.47
C TYR A 207 -12.98 -10.60 14.21
N ASN A 208 -13.01 -9.50 13.41
CA ASN A 208 -13.81 -9.40 12.18
C ASN A 208 -15.29 -9.62 12.40
N LEU A 209 -15.80 -9.05 13.50
CA LEU A 209 -17.22 -9.25 13.81
C LEU A 209 -17.97 -7.99 13.53
N ASN A 210 -19.29 -8.08 13.55
CA ASN A 210 -20.15 -6.93 13.48
C ASN A 210 -19.92 -5.92 14.57
N THR A 211 -20.22 -4.67 14.26
CA THR A 211 -20.07 -3.57 15.23
C THR A 211 -21.41 -2.93 15.58
N ASN A 212 -22.52 -3.51 15.18
CA ASN A 212 -23.83 -2.97 15.50
C ASN A 212 -24.55 -3.72 16.67
N PHE A 213 -23.83 -4.19 17.65
CA PHE A 213 -24.43 -4.97 18.71
C PHE A 213 -24.93 -4.04 19.82
N LYS A 214 -25.78 -4.55 20.70
CA LYS A 214 -26.17 -3.81 21.89
C LYS A 214 -25.00 -3.65 22.83
N LYS A 215 -24.89 -2.49 23.42
CA LYS A 215 -23.87 -2.18 24.41
C LYS A 215 -24.55 -1.87 25.71
N ILE A 216 -24.16 -2.58 26.78
CA ILE A 216 -24.68 -2.28 28.07
C ILE A 216 -23.45 -1.80 28.88
N ILE A 217 -23.44 -0.54 29.26
CA ILE A 217 -22.31 0.06 29.89
C ILE A 217 -22.73 0.59 31.25
N ASN A 218 -22.18 0.01 32.33
CA ASN A 218 -22.49 0.42 33.69
C ASN A 218 -24.00 0.48 33.94
N SER A 219 -24.66 -0.67 33.75
CA SER A 219 -26.09 -0.74 33.89
C SER A 219 -26.58 -0.40 35.31
N SER A 220 -25.77 -0.52 36.34
CA SER A 220 -26.23 -0.17 37.68
C SER A 220 -26.42 1.34 37.81
N GLY A 221 -25.73 2.09 36.99
CA GLY A 221 -25.83 3.54 36.97
C GLY A 221 -24.88 4.22 37.94
N ARG A 222 -24.23 3.49 38.86
CA ARG A 222 -23.23 4.06 39.73
C ARG A 222 -22.40 2.93 40.38
N PHE A 223 -21.09 3.02 40.28
CA PHE A 223 -20.15 2.01 40.78
C PHE A 223 -18.92 2.72 41.28
N VAL A 224 -19.06 3.35 42.40
CA VAL A 224 -17.95 4.07 43.05
C VAL A 224 -17.35 3.19 44.18
N ILE A 225 -18.19 2.63 45.01
CA ILE A 225 -17.81 1.61 46.00
C ILE A 225 -17.45 0.33 45.24
N GLY A 226 -16.28 -0.26 45.54
CA GLY A 226 -15.93 -1.51 44.85
C GLY A 226 -14.84 -2.24 45.57
N GLY A 227 -14.28 -3.21 44.89
CA GLY A 227 -13.31 -4.11 45.49
C GLY A 227 -13.94 -4.86 46.69
N PRO A 228 -13.08 -5.28 47.66
CA PRO A 228 -13.58 -5.96 48.79
C PRO A 228 -14.54 -5.14 49.70
N ILE A 229 -14.50 -3.85 49.57
CA ILE A 229 -15.48 -3.00 50.29
C ILE A 229 -16.92 -3.19 49.82
N GLY A 230 -17.11 -3.37 48.52
CA GLY A 230 -18.40 -3.59 47.93
C GLY A 230 -18.87 -5.02 47.92
N ASP A 231 -17.95 -6.00 48.02
CA ASP A 231 -18.30 -7.38 47.84
C ASP A 231 -17.14 -8.23 48.34
N THR A 232 -17.45 -9.29 49.07
CA THR A 232 -16.49 -10.21 49.60
C THR A 232 -15.92 -11.11 48.53
N GLY A 233 -14.59 -11.22 48.51
CA GLY A 233 -13.96 -12.18 47.60
C GLY A 233 -13.46 -13.42 48.33
N LEU A 234 -13.43 -14.54 47.61
CA LEU A 234 -12.83 -15.77 48.12
CA LEU A 234 -12.83 -15.76 48.11
C LEU A 234 -12.09 -16.44 46.97
N THR A 235 -11.05 -17.19 47.29
CA THR A 235 -10.41 -17.98 46.29
C THR A 235 -11.34 -18.98 45.70
N GLY A 236 -11.27 -19.22 44.37
CA GLY A 236 -11.98 -20.34 43.77
C GLY A 236 -13.48 -20.08 43.60
N ARG A 237 -13.87 -18.83 43.43
CA ARG A 237 -15.26 -18.42 43.27
C ARG A 237 -15.52 -17.89 41.85
N LYS A 238 -14.53 -18.06 40.98
CA LYS A 238 -14.67 -17.65 39.58
C LYS A 238 -14.22 -18.81 38.67
N ILE A 239 -14.67 -20.02 38.99
CA ILE A 239 -14.14 -21.19 38.33
C ILE A 239 -14.63 -21.31 36.87
N ILE A 240 -15.72 -20.67 36.53
CA ILE A 240 -16.22 -20.71 35.17
C ILE A 240 -15.50 -19.64 34.33
N VAL A 241 -15.26 -18.47 34.90
CA VAL A 241 -14.36 -17.47 34.32
C VAL A 241 -12.97 -18.01 34.10
N ASP A 242 -12.49 -18.86 35.03
CA ASP A 242 -11.15 -19.43 34.95
C ASP A 242 -11.05 -20.49 33.84
N THR A 243 -12.16 -21.00 33.35
CA THR A 243 -12.17 -22.10 32.50
C THR A 243 -12.86 -21.73 31.14
N TYR A 244 -14.05 -22.25 30.86
CA TYR A 244 -14.62 -22.24 29.59
C TYR A 244 -15.97 -21.42 29.44
N GLY A 245 -16.26 -20.53 30.36
CA GLY A 245 -17.37 -19.65 30.17
C GLY A 245 -18.76 -20.29 30.12
N GLY A 246 -18.89 -21.45 30.68
CA GLY A 246 -20.16 -22.14 30.71
C GLY A 246 -20.43 -23.02 29.48
N VAL A 247 -19.55 -22.94 28.46
CA VAL A 247 -19.68 -23.80 27.26
C VAL A 247 -19.11 -25.15 27.63
N GLY A 248 -18.02 -25.19 28.36
CA GLY A 248 -17.48 -26.50 28.87
C GLY A 248 -18.14 -26.85 30.18
N HIS A 249 -18.20 -28.13 30.47
CA HIS A 249 -18.66 -28.62 31.81
C HIS A 249 -17.55 -28.33 32.80
N HIS A 250 -17.88 -28.44 34.07
CA HIS A 250 -16.90 -28.20 35.13
C HIS A 250 -17.21 -29.20 36.24
N GLY A 251 -16.14 -29.72 36.85
CA GLY A 251 -16.29 -30.69 37.96
C GLY A 251 -16.30 -30.10 39.34
N GLY A 252 -16.06 -28.81 39.43
CA GLY A 252 -16.20 -28.04 40.69
C GLY A 252 -14.96 -27.63 41.40
N GLY A 253 -13.79 -28.17 40.97
CA GLY A 253 -12.55 -27.85 41.65
C GLY A 253 -11.96 -26.52 41.27
N ALA A 254 -11.44 -25.77 42.23
CA ALA A 254 -10.79 -24.49 41.94
C ALA A 254 -9.32 -24.72 41.67
N PHE A 255 -8.68 -23.79 40.96
CA PHE A 255 -7.26 -23.93 40.62
C PHE A 255 -6.26 -23.22 41.57
N SER A 256 -6.57 -21.97 41.88
CA SER A 256 -5.57 -21.07 42.46
C SER A 256 -5.16 -21.54 43.87
N GLY A 257 -3.87 -21.44 44.13
CA GLY A 257 -3.33 -21.71 45.44
C GLY A 257 -2.85 -23.18 45.61
N LYS A 258 -3.03 -24.02 44.59
CA LYS A 258 -2.80 -25.45 44.69
CA LYS A 258 -2.80 -25.45 44.69
C LYS A 258 -1.54 -25.87 43.94
N ASP A 259 -0.73 -26.75 44.59
CA ASP A 259 0.45 -27.34 43.96
C ASP A 259 -0.04 -28.43 43.03
N PRO A 260 0.81 -28.89 42.12
CA PRO A 260 0.38 -29.89 41.08
C PRO A 260 -0.08 -31.24 41.57
N THR A 261 0.18 -31.62 42.82
CA THR A 261 -0.40 -32.90 43.34
C THR A 261 -1.87 -32.80 43.57
N LYS A 262 -2.41 -31.57 43.56
CA LYS A 262 -3.88 -31.40 43.61
C LYS A 262 -4.36 -31.58 42.19
N VAL A 263 -4.95 -32.72 41.89
CA VAL A 263 -5.41 -33.03 40.53
C VAL A 263 -6.49 -32.14 40.00
N ASP A 264 -7.28 -31.52 40.84
CA ASP A 264 -8.18 -30.45 40.39
C ASP A 264 -7.49 -29.46 39.47
N ARG A 265 -6.26 -29.12 39.78
CA ARG A 265 -5.50 -28.24 38.98
C ARG A 265 -4.74 -28.98 37.84
N SER A 266 -3.82 -29.89 38.22
CA SER A 266 -2.97 -30.49 37.26
C SER A 266 -3.72 -31.33 36.22
N ALA A 267 -4.73 -32.07 36.63
CA ALA A 267 -5.44 -32.89 35.67
C ALA A 267 -6.38 -32.06 34.81
N SER A 268 -6.85 -30.94 35.31
CA SER A 268 -7.58 -30.00 34.44
C SER A 268 -6.73 -29.44 33.32
N TYR A 269 -5.51 -29.12 33.65
CA TYR A 269 -4.52 -28.66 32.62
C TYR A 269 -4.22 -29.78 31.63
N PHE A 270 -3.99 -30.98 32.18
CA PHE A 270 -3.79 -32.12 31.33
C PHE A 270 -4.94 -32.42 30.39
N ALA A 271 -6.19 -32.35 30.89
CA ALA A 271 -7.35 -32.58 30.09
C ALA A 271 -7.52 -31.52 28.99
N ARG A 272 -7.22 -30.27 29.31
CA ARG A 272 -7.23 -29.21 28.29
C ARG A 272 -6.22 -29.52 27.21
N TRP A 273 -5.02 -29.96 27.60
CA TRP A 273 -3.93 -30.25 26.65
C TRP A 273 -4.39 -31.33 25.67
N ILE A 274 -5.06 -32.35 26.20
CA ILE A 274 -5.60 -33.43 25.35
C ILE A 274 -6.65 -32.85 24.41
N ALA A 275 -7.65 -32.19 24.96
CA ALA A 275 -8.78 -31.72 24.13
C ALA A 275 -8.31 -30.77 23.03
N LYS A 276 -7.38 -29.87 23.37
CA LYS A 276 -6.90 -28.91 22.41
C LYS A 276 -6.16 -29.58 21.27
N ASN A 277 -5.38 -30.61 21.61
CA ASN A 277 -4.64 -31.34 20.59
C ASN A 277 -5.54 -32.17 19.72
N VAL A 278 -6.61 -32.72 20.29
CA VAL A 278 -7.64 -33.47 19.50
C VAL A 278 -8.25 -32.54 18.46
N VAL A 279 -8.63 -31.37 18.89
CA VAL A 279 -9.26 -30.42 17.98
C VAL A 279 -8.23 -29.87 16.94
N ALA A 280 -7.04 -29.56 17.37
CA ALA A 280 -5.97 -29.09 16.46
C ALA A 280 -5.57 -30.15 15.45
N ALA A 281 -5.67 -31.42 15.80
CA ALA A 281 -5.44 -32.50 14.89
C ALA A 281 -6.57 -32.72 13.89
N LYS A 282 -7.63 -31.97 14.01
CA LYS A 282 -8.82 -32.05 13.20
C LYS A 282 -9.54 -33.35 13.36
N LEU A 283 -9.47 -33.95 14.55
CA LEU A 283 -10.25 -35.15 14.81
C LEU A 283 -11.70 -34.80 15.21
N ALA A 284 -11.93 -33.58 15.66
CA ALA A 284 -13.27 -33.07 15.99
C ALA A 284 -13.26 -31.56 15.94
N LYS A 285 -14.45 -30.93 15.91
CA LYS A 285 -14.53 -29.49 16.01
C LYS A 285 -14.55 -29.03 17.48
N GLN A 286 -15.13 -29.87 18.34
CA GLN A 286 -15.24 -29.63 19.79
C GLN A 286 -14.87 -30.93 20.48
N CYS A 287 -14.17 -30.84 21.59
CA CYS A 287 -13.81 -32.02 22.34
C CYS A 287 -13.82 -31.67 23.84
N GLU A 288 -14.47 -32.52 24.61
CA GLU A 288 -14.44 -32.39 26.05
C GLU A 288 -14.00 -33.70 26.65
N ILE A 289 -13.06 -33.64 27.60
CA ILE A 289 -12.51 -34.83 28.25
C ILE A 289 -12.84 -34.74 29.70
N GLN A 290 -13.54 -35.74 30.23
CA GLN A 290 -13.77 -35.87 31.64
CA GLN A 290 -13.78 -35.87 31.65
C GLN A 290 -12.79 -36.91 32.22
N LEU A 291 -12.14 -36.56 33.34
CA LEU A 291 -11.32 -37.54 34.06
C LEU A 291 -11.77 -37.58 35.51
N ALA A 292 -11.82 -38.77 36.08
CA ALA A 292 -12.16 -38.91 37.49
C ALA A 292 -11.05 -39.61 38.24
N PHE A 293 -10.89 -39.24 39.49
CA PHE A 293 -9.80 -39.65 40.34
C PHE A 293 -10.25 -40.25 41.64
N ALA A 294 -9.37 -41.03 42.24
CA ALA A 294 -9.54 -41.50 43.61
C ALA A 294 -8.30 -41.15 44.42
N ILE A 295 -8.49 -40.67 45.62
CA ILE A 295 -7.40 -40.22 46.42
C ILE A 295 -6.39 -41.38 46.65
N GLY A 296 -5.12 -41.08 46.40
CA GLY A 296 -4.05 -42.04 46.59
C GLY A 296 -3.75 -42.86 45.37
N GLN A 297 -4.61 -42.84 44.34
CA GLN A 297 -4.38 -43.68 43.16
CA GLN A 297 -4.38 -43.68 43.16
C GLN A 297 -3.67 -42.86 42.06
N PRO A 298 -2.64 -43.43 41.44
CA PRO A 298 -1.77 -42.65 40.58
C PRO A 298 -2.25 -42.41 39.17
N GLN A 299 -3.35 -42.99 38.79
CA GLN A 299 -3.98 -42.79 37.50
C GLN A 299 -5.47 -42.49 37.69
N PRO A 300 -6.11 -41.91 36.66
CA PRO A 300 -7.57 -41.69 36.74
C PRO A 300 -8.30 -43.01 36.86
N VAL A 301 -9.42 -43.02 37.53
CA VAL A 301 -10.27 -44.19 37.60
C VAL A 301 -11.33 -44.23 36.49
N ALA A 302 -11.54 -43.13 35.75
CA ALA A 302 -12.42 -43.14 34.62
C ALA A 302 -12.11 -42.01 33.69
N MET A 303 -12.51 -42.19 32.43
CA MET A 303 -12.40 -41.16 31.44
C MET A 303 -13.56 -41.23 30.46
N TYR A 304 -14.02 -40.07 29.99
CA TYR A 304 -15.04 -39.99 29.00
C TYR A 304 -14.67 -38.86 28.01
N VAL A 305 -14.83 -39.19 26.72
CA VAL A 305 -14.43 -38.31 25.65
C VAL A 305 -15.71 -37.96 24.91
N ASN A 306 -16.06 -36.68 24.85
CA ASN A 306 -17.25 -36.24 24.17
C ASN A 306 -16.82 -35.35 23.01
N THR A 307 -17.23 -35.69 21.77
CA THR A 307 -16.99 -34.87 20.64
C THR A 307 -18.24 -34.24 20.03
N PHE A 308 -19.37 -34.33 20.74
CA PHE A 308 -20.57 -33.49 20.52
C PHE A 308 -21.10 -33.69 19.09
N ASN A 309 -20.96 -34.88 18.55
CA ASN A 309 -21.27 -35.15 17.13
C ASN A 309 -20.55 -34.29 16.11
N THR A 310 -19.33 -33.86 16.43
CA THR A 310 -18.52 -33.10 15.49
C THR A 310 -17.29 -33.89 15.12
N ASN A 311 -17.26 -35.17 15.50
CA ASN A 311 -16.08 -36.01 15.21
C ASN A 311 -15.89 -36.18 13.72
N LEU A 312 -14.66 -36.11 13.24
CA LEU A 312 -14.32 -36.25 11.80
C LEU A 312 -13.81 -37.61 11.52
N ILE A 313 -13.54 -38.41 12.51
CA ILE A 313 -13.23 -39.84 12.40
C ILE A 313 -14.05 -40.55 13.46
N ASP A 314 -14.01 -41.88 13.47
CA ASP A 314 -14.78 -42.69 14.42
C ASP A 314 -14.39 -42.33 15.85
N GLU A 315 -15.37 -42.18 16.74
CA GLU A 315 -15.16 -41.84 18.16
C GLU A 315 -14.24 -42.88 18.83
N THR A 316 -14.38 -44.16 18.48
CA THR A 316 -13.56 -45.19 19.07
C THR A 316 -12.09 -45.00 18.74
N LYS A 317 -11.79 -44.54 17.51
CA LYS A 317 -10.42 -44.27 17.12
C LYS A 317 -9.86 -43.04 17.84
N ILE A 318 -10.69 -42.04 18.10
CA ILE A 318 -10.25 -40.86 18.88
C ILE A 318 -9.82 -41.33 20.27
N PHE A 319 -10.69 -42.09 20.92
CA PHE A 319 -10.50 -42.57 22.27
C PHE A 319 -9.19 -43.39 22.31
N GLU A 320 -9.00 -44.26 21.36
CA GLU A 320 -7.79 -45.08 21.30
C GLU A 320 -6.53 -44.25 21.02
N ALA A 321 -6.63 -43.26 20.13
CA ALA A 321 -5.51 -42.41 19.83
C ALA A 321 -5.09 -41.62 21.08
N ILE A 322 -6.06 -41.15 21.83
CA ILE A 322 -5.78 -40.41 23.09
C ILE A 322 -5.01 -41.36 24.05
N LYS A 323 -5.53 -42.57 24.24
CA LYS A 323 -4.89 -43.51 25.20
C LYS A 323 -3.48 -43.84 24.78
N LYS A 324 -3.24 -43.99 23.49
CA LYS A 324 -1.88 -44.26 22.99
C LYS A 324 -0.97 -43.07 22.96
N SER A 325 -1.48 -41.84 22.94
CA SER A 325 -0.62 -40.67 22.73
C SER A 325 -0.24 -39.98 24.05
N PHE A 326 -0.99 -40.24 25.12
CA PHE A 326 -0.77 -39.50 26.39
C PHE A 326 -0.45 -40.54 27.49
N ASN A 327 0.34 -40.10 28.46
CA ASN A 327 0.59 -40.88 29.64
C ASN A 327 -0.26 -40.35 30.80
N PHE A 328 -1.10 -41.23 31.37
CA PHE A 328 -2.08 -40.81 32.34
C PHE A 328 -1.59 -40.93 33.79
N ASP A 329 -0.34 -41.37 33.95
CA ASP A 329 0.27 -41.38 35.29
C ASP A 329 0.43 -39.95 35.77
N ILE A 330 -0.03 -39.65 36.97
CA ILE A 330 -0.06 -38.27 37.50
C ILE A 330 1.31 -37.68 37.56
N LYS A 331 2.29 -38.40 38.16
CA LYS A 331 3.64 -37.82 38.21
C LYS A 331 4.17 -37.51 36.85
N THR A 332 3.87 -38.39 35.91
CA THR A 332 4.36 -38.23 34.55
C THR A 332 3.74 -37.06 33.84
N PHE A 333 2.42 -36.89 33.94
CA PHE A 333 1.85 -35.71 33.24
C PHE A 333 2.20 -34.39 33.95
N ILE A 334 2.39 -34.42 35.28
CA ILE A 334 2.89 -33.23 35.97
C ILE A 334 4.24 -32.83 35.37
N ASN A 335 5.13 -33.82 35.22
CA ASN A 335 6.45 -33.55 34.59
C ASN A 335 6.41 -33.19 33.14
N ASP A 336 5.54 -33.85 32.37
CA ASP A 336 5.42 -33.55 30.95
C ASP A 336 4.99 -32.09 30.76
N LEU A 337 4.15 -31.56 31.69
CA LEU A 337 3.68 -30.17 31.60
C LEU A 337 4.54 -29.19 32.41
N ASN A 338 5.67 -29.65 32.97
CA ASN A 338 6.55 -28.78 33.76
C ASN A 338 5.80 -27.96 34.82
N LEU A 339 4.88 -28.62 35.50
CA LEU A 339 4.02 -27.92 36.45
C LEU A 339 4.75 -27.50 37.70
N TRP A 340 5.91 -28.13 38.04
CA TRP A 340 6.68 -27.69 39.23
C TRP A 340 7.34 -26.37 39.03
N THR A 341 7.59 -25.97 37.79
CA THR A 341 8.30 -24.74 37.48
C THR A 341 7.50 -23.78 36.67
N THR A 342 6.21 -23.99 36.50
CA THR A 342 5.32 -23.02 35.87
C THR A 342 4.96 -21.96 36.92
N LYS A 343 4.90 -20.69 36.48
CA LYS A 343 4.42 -19.63 37.33
C LYS A 343 2.90 -19.52 37.17
N TYR A 344 2.18 -19.55 38.28
CA TYR A 344 0.73 -19.56 38.21
C TYR A 344 0.07 -18.22 38.36
N LEU A 345 0.74 -17.26 39.02
CA LEU A 345 0.16 -15.95 39.09
C LEU A 345 -0.42 -15.42 37.75
N PRO A 346 0.29 -15.59 36.62
CA PRO A 346 -0.27 -15.03 35.37
C PRO A 346 -1.59 -15.60 34.93
N VAL A 347 -1.96 -16.82 35.34
CA VAL A 347 -3.24 -17.40 35.01
C VAL A 347 -4.32 -17.14 36.04
N ALA A 348 -4.01 -16.44 37.14
CA ALA A 348 -5.00 -16.11 38.10
C ALA A 348 -5.92 -14.98 37.70
N THR A 349 -5.61 -14.27 36.62
CA THR A 349 -6.55 -13.31 36.05
C THR A 349 -6.73 -13.69 34.53
N TYR A 350 -7.89 -13.50 33.98
CA TYR A 350 -8.19 -13.60 32.55
C TYR A 350 -8.18 -15.00 31.97
N GLY A 351 -8.29 -16.01 32.86
CA GLY A 351 -8.44 -17.40 32.43
C GLY A 351 -7.20 -18.22 32.34
N HIS A 352 -7.34 -19.53 32.58
CA HIS A 352 -6.21 -20.41 32.58
C HIS A 352 -5.94 -21.00 31.20
N PHE A 353 -6.84 -20.81 30.26
CA PHE A 353 -6.81 -21.50 28.97
C PHE A 353 -6.87 -20.52 27.79
N GLY A 354 -6.29 -20.93 26.66
CA GLY A 354 -6.32 -20.09 25.48
C GLY A 354 -5.70 -18.68 25.59
N ARG A 355 -4.50 -18.61 26.13
CA ARG A 355 -3.92 -17.36 26.48
C ARG A 355 -2.83 -17.10 25.43
N ASP A 356 -3.20 -16.40 24.43
CA ASP A 356 -2.22 -15.99 23.36
C ASP A 356 -1.14 -15.02 23.85
N ASP A 357 -1.35 -14.44 25.00
CA ASP A 357 -0.40 -13.61 25.71
C ASP A 357 0.57 -14.38 26.61
N LEU A 358 0.45 -15.69 26.77
CA LEU A 358 1.32 -16.43 27.71
C LEU A 358 1.84 -17.63 27.03
N ASP A 359 2.77 -18.33 27.65
CA ASP A 359 3.35 -19.55 27.01
CA ASP A 359 3.37 -19.55 27.02
C ASP A 359 3.17 -20.74 27.97
N LEU A 360 2.01 -21.35 27.93
CA LEU A 360 1.63 -22.35 28.91
C LEU A 360 1.84 -23.72 28.29
N SER A 361 2.40 -24.64 29.09
CA SER A 361 2.65 -25.99 28.57
C SER A 361 1.43 -26.74 28.13
N TRP A 362 0.27 -26.51 28.78
CA TRP A 362 -0.92 -27.25 28.47
C TRP A 362 -1.62 -26.71 27.25
N GLU A 363 -1.10 -25.62 26.68
CA GLU A 363 -1.61 -25.01 25.48
C GLU A 363 -0.79 -25.38 24.22
N LYS A 364 0.29 -26.19 24.41
CA LYS A 364 1.16 -26.51 23.29
C LYS A 364 0.50 -27.60 22.43
N LEU A 365 0.59 -27.41 21.11
CA LEU A 365 0.09 -28.36 20.15
C LEU A 365 1.14 -29.41 19.75
N ASN A 366 1.84 -29.92 20.70
CA ASN A 366 2.92 -30.88 20.52
C ASN A 366 2.46 -32.33 20.55
N LYS A 367 1.15 -32.62 20.55
CA LYS A 367 0.68 -33.99 20.50
C LYS A 367 -0.16 -34.32 19.27
N VAL A 368 -0.31 -33.33 18.39
CA VAL A 368 -1.08 -33.51 17.15
C VAL A 368 -0.51 -34.63 16.31
N GLU A 369 0.83 -34.67 16.14
CA GLU A 369 1.45 -35.71 15.26
C GLU A 369 1.21 -37.08 15.85
N ASP A 370 1.36 -37.21 17.15
CA ASP A 370 1.08 -38.51 17.83
C ASP A 370 -0.37 -38.90 17.65
N LEU A 371 -1.31 -37.95 17.84
CA LEU A 371 -2.72 -38.25 17.70
C LEU A 371 -3.08 -38.72 16.27
N ILE A 372 -2.57 -38.02 15.26
CA ILE A 372 -2.78 -38.38 13.86
C ILE A 372 -2.24 -39.79 13.58
N LYS A 373 -0.99 -40.02 13.91
CA LYS A 373 -0.41 -41.35 13.77
C LYS A 373 -1.22 -42.42 14.51
N ASN A 374 -1.60 -42.18 15.76
CA ASN A 374 -2.31 -43.20 16.55
C ASN A 374 -3.77 -43.33 16.24
N SER A 375 -4.33 -42.49 15.35
CA SER A 375 -5.73 -42.59 15.03
C SER A 375 -5.95 -43.36 13.72
N LYS A 376 -4.88 -43.72 13.03
CA LYS A 376 -4.96 -44.33 11.64
C LYS A 376 -5.54 -45.71 11.46
N HIS A 377 -6.53 -45.84 10.50
CA HIS A 377 -7.17 -47.13 10.00
C HIS A 377 -7.10 -48.26 11.06
N TYR B 3 -15.57 -49.60 24.01
CA TYR B 3 -15.12 -48.46 24.89
C TYR B 3 -16.37 -47.81 25.57
N LYS B 4 -16.49 -48.09 26.85
CA LYS B 4 -17.70 -47.71 27.62
C LYS B 4 -17.84 -46.20 27.84
N LYS B 5 -19.08 -45.71 27.91
CA LYS B 5 -19.40 -44.31 28.19
C LYS B 5 -19.67 -44.12 29.73
N ILE B 6 -18.65 -43.71 30.47
CA ILE B 6 -18.65 -43.65 31.93
C ILE B 6 -18.64 -42.18 32.39
N ILE B 7 -19.73 -41.79 33.04
CA ILE B 7 -19.95 -40.45 33.57
C ILE B 7 -19.90 -40.51 35.10
N THR B 8 -19.34 -39.48 35.72
CA THR B 8 -19.07 -39.55 37.17
C THR B 8 -19.48 -38.24 37.83
N SER B 9 -20.11 -38.35 39.00
CA SER B 9 -20.44 -37.19 39.83
C SER B 9 -20.09 -37.43 41.27
N GLU B 10 -20.12 -36.39 42.08
CA GLU B 10 -19.75 -36.47 43.48
C GLU B 10 -20.80 -35.95 44.46
N SER B 11 -20.58 -36.25 45.75
CA SER B 11 -21.23 -35.50 46.80
C SER B 11 -20.31 -35.40 47.98
N VAL B 12 -20.70 -34.56 48.94
CA VAL B 12 -19.95 -34.42 50.19
C VAL B 12 -20.90 -34.36 51.36
N GLY B 13 -20.39 -34.66 52.53
CA GLY B 13 -21.24 -34.77 53.70
C GLY B 13 -21.40 -33.49 54.48
N ALA B 14 -22.16 -33.57 55.57
CA ALA B 14 -22.44 -32.39 56.38
C ALA B 14 -21.26 -31.90 57.14
N GLY B 15 -20.29 -32.78 57.39
CA GLY B 15 -19.02 -32.37 58.06
C GLY B 15 -17.85 -32.05 57.17
N HIS B 16 -18.10 -32.07 55.85
CA HIS B 16 -17.12 -31.58 54.90
C HIS B 16 -16.94 -30.08 55.13
N PRO B 17 -15.73 -29.57 55.12
CA PRO B 17 -15.52 -28.18 55.56
C PRO B 17 -16.16 -27.12 54.63
N ASP B 18 -16.20 -27.38 53.33
CA ASP B 18 -16.89 -26.41 52.41
C ASP B 18 -18.40 -26.41 52.74
N LYS B 19 -18.96 -27.60 53.00
CA LYS B 19 -20.35 -27.68 53.38
C LYS B 19 -20.69 -27.11 54.73
N ILE B 20 -19.80 -27.19 55.69
CA ILE B 20 -19.98 -26.45 56.95
C ILE B 20 -20.20 -25.00 56.63
N CYS B 21 -19.32 -24.43 55.80
CA CYS B 21 -19.48 -23.03 55.41
C CYS B 21 -20.79 -22.72 54.71
N ASP B 22 -21.20 -23.54 53.76
CA ASP B 22 -22.49 -23.33 53.12
C ASP B 22 -23.64 -23.38 54.15
N GLN B 23 -23.56 -24.29 55.09
CA GLN B 23 -24.62 -24.40 56.09
C GLN B 23 -24.66 -23.15 57.01
N ILE B 24 -23.48 -22.68 57.45
CA ILE B 24 -23.47 -21.49 58.31
C ILE B 24 -24.01 -20.27 57.50
N SER B 25 -23.61 -20.15 56.24
CA SER B 25 -24.08 -19.04 55.37
C SER B 25 -25.63 -19.06 55.29
N ASP B 26 -26.19 -20.21 54.98
CA ASP B 26 -27.60 -20.31 54.83
C ASP B 26 -28.38 -20.25 56.16
N ALA B 27 -27.80 -20.73 57.25
CA ALA B 27 -28.39 -20.57 58.55
C ALA B 27 -28.47 -19.12 58.95
N ILE B 28 -27.45 -18.36 58.62
CA ILE B 28 -27.46 -16.92 58.91
C ILE B 28 -28.51 -16.23 58.06
N LEU B 29 -28.55 -16.58 56.78
CA LEU B 29 -29.56 -16.01 55.89
C LEU B 29 -30.98 -16.32 56.45
N ASP B 30 -31.23 -17.59 56.83
CA ASP B 30 -32.58 -17.99 57.27
C ASP B 30 -32.98 -17.16 58.51
N GLU B 31 -32.05 -16.96 59.44
CA GLU B 31 -32.35 -16.12 60.57
C GLU B 31 -32.64 -14.66 60.19
N CYS B 32 -31.89 -14.07 59.26
CA CYS B 32 -32.20 -12.73 58.81
C CYS B 32 -33.62 -12.66 58.19
N LEU B 33 -33.93 -13.58 57.27
CA LEU B 33 -35.21 -13.50 56.60
C LEU B 33 -36.37 -13.79 57.54
N SER B 34 -36.19 -14.59 58.58
CA SER B 34 -37.27 -14.82 59.55
C SER B 34 -37.65 -13.52 60.27
N GLN B 35 -36.69 -12.62 60.47
CA GLN B 35 -36.92 -11.38 61.17
C GLN B 35 -37.26 -10.24 60.24
N ASP B 36 -36.74 -10.24 59.02
CA ASP B 36 -36.88 -9.12 58.10
C ASP B 36 -36.87 -9.65 56.67
N GLN B 37 -38.08 -9.77 56.10
CA GLN B 37 -38.22 -10.25 54.75
C GLN B 37 -37.68 -9.33 53.64
N ASN B 38 -37.28 -8.11 53.98
CA ASN B 38 -36.57 -7.30 53.02
C ASN B 38 -35.05 -7.27 53.22
N SER B 39 -34.50 -8.21 54.00
CA SER B 39 -33.05 -8.20 54.29
C SER B 39 -32.30 -8.33 52.93
N ARG B 40 -31.13 -7.72 52.87
CA ARG B 40 -30.19 -7.99 51.79
C ARG B 40 -29.01 -8.69 52.44
N VAL B 41 -28.70 -9.88 51.97
CA VAL B 41 -27.75 -10.75 52.64
C VAL B 41 -26.85 -11.41 51.59
N ALA B 42 -25.55 -11.32 51.81
CA ALA B 42 -24.55 -12.03 51.05
C ALA B 42 -23.49 -12.52 52.03
N CYS B 43 -23.74 -13.62 52.66
CA CYS B 43 -22.93 -14.08 53.81
C CYS B 43 -21.97 -15.13 53.35
N GLU B 44 -20.69 -14.91 53.53
CA GLU B 44 -19.61 -15.81 53.11
C GLU B 44 -18.85 -16.28 54.33
N VAL B 45 -18.51 -17.55 54.37
CA VAL B 45 -17.85 -18.13 55.53
C VAL B 45 -16.61 -18.89 55.08
N LEU B 46 -15.58 -18.80 55.90
CA LEU B 46 -14.34 -19.55 55.73
C LEU B 46 -14.14 -20.34 57.05
N ALA B 47 -13.76 -21.59 56.91
CA ALA B 47 -13.44 -22.47 58.07
C ALA B 47 -12.10 -23.15 57.86
N CYS B 48 -11.12 -22.83 58.66
CA CYS B 48 -9.76 -23.42 58.53
CA CYS B 48 -9.76 -23.42 58.52
C CYS B 48 -9.08 -23.63 59.86
N ASN B 49 -8.65 -24.83 60.12
CA ASN B 49 -7.95 -25.31 61.27
C ASN B 49 -8.81 -25.01 62.50
N ARG B 50 -8.55 -23.92 63.17
CA ARG B 50 -9.34 -23.49 64.32
C ARG B 50 -9.95 -22.08 64.20
N LEU B 51 -10.26 -21.65 62.99
CA LEU B 51 -10.83 -20.38 62.76
C LEU B 51 -12.05 -20.52 61.89
N ILE B 52 -13.14 -19.84 62.22
CA ILE B 52 -14.30 -19.66 61.34
C ILE B 52 -14.43 -18.17 61.15
N VAL B 53 -14.48 -17.70 59.92
CA VAL B 53 -14.66 -16.30 59.61
C VAL B 53 -16.01 -16.15 58.94
N ILE B 54 -16.86 -15.30 59.51
CA ILE B 54 -18.17 -15.02 59.00
C ILE B 54 -18.13 -13.59 58.47
N ALA B 55 -18.26 -13.49 57.16
CA ALA B 55 -18.13 -12.22 56.51
C ALA B 55 -19.26 -12.01 55.48
N GLY B 56 -19.13 -10.95 54.75
CA GLY B 56 -20.06 -10.63 53.67
C GLY B 56 -20.83 -9.30 54.01
N GLU B 57 -21.87 -9.09 53.25
CA GLU B 57 -22.55 -7.79 53.24
C GLU B 57 -24.01 -8.05 53.55
N ILE B 58 -24.46 -7.43 54.61
CA ILE B 58 -25.79 -7.60 55.14
C ILE B 58 -26.38 -6.25 55.47
N THR B 59 -27.56 -5.93 54.95
CA THR B 59 -28.30 -4.77 55.40
C THR B 59 -29.65 -5.30 55.83
N THR B 60 -29.98 -5.13 57.09
CA THR B 60 -31.16 -5.78 57.68
C THR B 60 -31.61 -5.08 58.93
N HIS B 61 -32.90 -5.21 59.26
CA HIS B 61 -33.39 -4.88 60.60
C HIS B 61 -33.21 -6.03 61.60
N ALA B 62 -32.89 -7.23 61.12
CA ALA B 62 -32.67 -8.33 62.00
C ALA B 62 -31.40 -8.20 62.81
N TYR B 63 -31.29 -9.03 63.84
CA TYR B 63 -30.02 -9.26 64.52
C TYR B 63 -29.79 -10.74 64.52
N VAL B 64 -28.65 -11.20 64.03
CA VAL B 64 -28.32 -12.63 64.07
C VAL B 64 -27.12 -12.84 64.96
N ASP B 65 -27.22 -13.75 65.91
CA ASP B 65 -26.11 -14.15 66.74
C ASP B 65 -25.33 -15.16 65.92
N VAL B 66 -24.19 -14.66 65.32
CA VAL B 66 -23.47 -15.51 64.37
C VAL B 66 -22.79 -16.65 65.07
N VAL B 67 -22.36 -16.43 66.32
CA VAL B 67 -21.70 -17.48 67.05
C VAL B 67 -22.64 -18.58 67.39
N LYS B 68 -23.81 -18.24 67.96
CA LYS B 68 -24.82 -19.23 68.24
C LYS B 68 -25.21 -20.00 66.98
N THR B 69 -25.34 -19.29 65.89
CA THR B 69 -25.72 -19.94 64.59
C THR B 69 -24.64 -20.92 64.12
N ALA B 70 -23.38 -20.52 64.23
CA ALA B 70 -22.31 -21.40 63.87
C ALA B 70 -22.29 -22.65 64.75
N TRP B 71 -22.48 -22.47 66.04
CA TRP B 71 -22.55 -23.64 66.96
C TRP B 71 -23.69 -24.57 66.61
N GLU B 72 -24.81 -24.06 66.10
CA GLU B 72 -25.91 -24.93 65.67
C GLU B 72 -25.54 -25.83 64.52
N ILE B 73 -24.63 -25.41 63.67
CA ILE B 73 -24.15 -26.24 62.58
C ILE B 73 -23.05 -27.19 63.07
N ILE B 74 -22.12 -26.74 63.90
CA ILE B 74 -20.94 -27.54 64.20
C ILE B 74 -21.15 -28.54 65.38
N LYS B 75 -22.03 -28.24 66.32
CA LYS B 75 -22.31 -29.17 67.45
C LYS B 75 -22.84 -30.54 67.07
N PRO B 76 -23.76 -30.65 66.14
CA PRO B 76 -24.17 -32.00 65.70
C PRO B 76 -23.10 -32.79 64.96
N LEU B 77 -22.03 -32.13 64.53
CA LEU B 77 -20.88 -32.80 63.94
C LEU B 77 -19.84 -33.22 64.94
N GLY B 78 -20.00 -32.84 66.21
CA GLY B 78 -19.12 -33.29 67.26
C GLY B 78 -18.20 -32.20 67.73
N TYR B 79 -18.27 -30.97 67.22
CA TYR B 79 -17.43 -29.92 67.74
C TYR B 79 -18.06 -29.25 68.94
N ASP B 80 -17.27 -28.54 69.72
CA ASP B 80 -17.79 -27.81 70.85
C ASP B 80 -17.44 -26.33 70.81
N GLU B 81 -17.78 -25.62 71.91
CA GLU B 81 -17.70 -24.17 71.96
C GLU B 81 -16.29 -23.65 72.02
N ASN B 82 -15.29 -24.50 72.28
CA ASN B 82 -13.94 -24.07 72.34
C ASN B 82 -13.11 -24.51 71.16
N ASP B 83 -13.70 -25.14 70.15
CA ASP B 83 -12.93 -25.63 69.01
C ASP B 83 -12.50 -24.51 68.03
N PHE B 84 -13.30 -23.46 67.88
CA PHE B 84 -13.00 -22.42 66.91
C PHE B 84 -13.02 -21.01 67.46
N THR B 85 -12.03 -20.21 67.06
CA THR B 85 -12.15 -18.76 67.05
C THR B 85 -13.17 -18.36 66.00
N ILE B 86 -14.09 -17.48 66.33
CA ILE B 86 -15.10 -17.00 65.41
C ILE B 86 -14.89 -15.54 65.18
N ILE B 87 -14.76 -15.15 63.91
CA ILE B 87 -14.55 -13.78 63.52
C ILE B 87 -15.81 -13.31 62.82
N SER B 88 -16.39 -12.23 63.29
CA SER B 88 -17.55 -11.66 62.65
C SER B 88 -17.15 -10.36 61.96
N ASN B 89 -17.27 -10.36 60.65
CA ASN B 89 -16.90 -9.19 59.84
C ASN B 89 -18.06 -8.85 58.91
N VAL B 90 -19.12 -8.31 59.46
CA VAL B 90 -20.35 -8.12 58.73
C VAL B 90 -20.33 -6.68 58.25
N ASN B 91 -20.17 -6.51 56.95
CA ASN B 91 -20.26 -5.14 56.35
C ASN B 91 -21.71 -4.90 55.90
N LYS B 92 -22.06 -3.68 55.58
CA LYS B 92 -23.35 -3.37 54.98
C LYS B 92 -23.31 -3.56 53.42
N GLN B 93 -24.46 -3.76 52.84
CA GLN B 93 -24.57 -3.76 51.35
C GLN B 93 -24.18 -2.39 50.79
N SER B 94 -23.36 -2.39 49.76
CA SER B 94 -23.03 -1.19 49.04
C SER B 94 -24.34 -0.42 48.65
N VAL B 95 -24.39 0.83 49.00
CA VAL B 95 -25.55 1.65 48.62
C VAL B 95 -25.59 1.82 47.07
N ASP B 96 -24.44 1.68 46.39
CA ASP B 96 -24.45 1.78 44.93
C ASP B 96 -25.12 0.58 44.29
N ILE B 97 -24.98 -0.59 44.90
CA ILE B 97 -25.66 -1.79 44.38
C ILE B 97 -27.14 -1.62 44.76
N ALA B 98 -27.41 -1.23 45.99
CA ALA B 98 -28.77 -1.21 46.50
C ALA B 98 -29.72 -0.33 45.68
N GLN B 99 -29.26 0.82 45.23
CA GLN B 99 -30.10 1.74 44.45
C GLN B 99 -30.44 1.11 43.10
N SER B 100 -29.57 0.25 42.57
CA SER B 100 -29.83 -0.43 41.31
C SER B 100 -30.85 -1.54 41.43
N VAL B 101 -30.81 -2.27 42.56
CA VAL B 101 -31.70 -3.39 42.82
C VAL B 101 -33.09 -2.87 43.21
N ASP B 102 -33.12 -1.89 44.11
CA ASP B 102 -34.39 -1.42 44.72
C ASP B 102 -34.92 -0.27 43.92
N LYS B 103 -35.62 -0.55 42.87
CA LYS B 103 -35.91 0.47 41.91
C LYS B 103 -36.81 1.58 42.49
N THR B 104 -36.60 2.83 42.04
CA THR B 104 -37.44 3.98 42.58
C THR B 104 -38.92 3.79 42.23
N ASN B 105 -39.15 3.35 40.98
CA ASN B 105 -40.44 2.71 40.56
C ASN B 105 -41.22 2.01 41.66
N LYS B 106 -40.67 1.11 42.52
CA LYS B 106 -41.34 0.19 43.30
C LYS B 106 -42.10 -0.72 42.32
N ASN B 107 -42.35 -1.98 42.65
CA ASN B 107 -42.85 -2.91 41.69
C ASN B 107 -41.84 -3.56 40.85
N LEU B 108 -40.59 -3.10 40.81
CA LEU B 108 -39.56 -3.86 40.10
C LEU B 108 -38.39 -4.14 40.99
N ILE B 109 -37.73 -5.27 40.72
CA ILE B 109 -36.44 -5.60 41.36
C ILE B 109 -35.48 -5.70 40.22
N GLY B 110 -34.38 -4.94 40.30
CA GLY B 110 -33.29 -5.10 39.35
C GLY B 110 -32.43 -6.29 39.76
N ALA B 111 -31.83 -6.97 38.79
CA ALA B 111 -30.92 -8.08 39.09
C ALA B 111 -29.83 -7.58 40.06
N GLY B 112 -29.46 -8.39 41.00
CA GLY B 112 -28.41 -8.00 41.98
C GLY B 112 -27.01 -8.02 41.43
N ASP B 113 -26.84 -8.57 40.20
CA ASP B 113 -25.53 -8.60 39.56
C ASP B 113 -25.77 -8.97 38.09
N GLN B 114 -24.73 -8.85 37.26
CA GLN B 114 -24.73 -9.55 35.99
C GLN B 114 -24.57 -11.06 36.28
N GLY B 115 -24.67 -11.90 35.25
CA GLY B 115 -24.25 -13.29 35.36
C GLY B 115 -24.99 -14.21 34.44
N ILE B 116 -24.53 -15.45 34.42
CA ILE B 116 -25.22 -16.50 33.68
C ILE B 116 -25.57 -17.59 34.66
N VAL B 117 -26.75 -18.16 34.48
CA VAL B 117 -27.20 -19.34 35.23
C VAL B 117 -27.69 -20.39 34.27
N PHE B 118 -27.63 -21.66 34.69
CA PHE B 118 -28.17 -22.73 33.92
C PHE B 118 -29.14 -23.54 34.83
N GLY B 119 -30.24 -23.96 34.24
CA GLY B 119 -31.13 -24.89 34.81
C GLY B 119 -31.09 -26.17 33.99
N TYR B 120 -31.30 -27.31 34.63
CA TYR B 120 -31.16 -28.61 33.95
C TYR B 120 -32.18 -29.57 34.51
N ALA B 121 -32.69 -30.48 33.66
CA ALA B 121 -33.43 -31.62 34.12
C ALA B 121 -33.37 -32.70 33.09
N CYS B 122 -33.54 -33.94 33.57
CA CYS B 122 -33.53 -35.12 32.69
C CYS B 122 -34.51 -36.14 33.27
N ASP B 123 -34.79 -37.19 32.50
CA ASP B 123 -35.80 -38.16 32.92
C ASP B 123 -35.15 -39.42 33.49
N GLU B 124 -33.91 -39.38 33.96
CA GLU B 124 -33.26 -40.62 34.43
C GLU B 124 -33.80 -41.11 35.79
N THR B 125 -34.33 -40.21 36.63
CA THR B 125 -34.69 -40.54 37.96
C THR B 125 -36.02 -39.90 38.29
N PRO B 126 -36.67 -40.32 39.34
CA PRO B 126 -37.95 -39.65 39.73
C PRO B 126 -37.72 -38.23 40.14
N GLN B 127 -36.49 -37.90 40.57
CA GLN B 127 -36.12 -36.54 40.89
C GLN B 127 -35.90 -35.63 39.69
N TYR B 128 -35.96 -36.19 38.46
CA TYR B 128 -35.58 -35.53 37.24
C TYR B 128 -34.14 -35.00 37.26
N MET B 129 -33.26 -35.81 37.81
CA MET B 129 -31.84 -35.48 37.97
C MET B 129 -30.97 -36.57 37.41
N PRO B 130 -29.72 -36.23 37.05
CA PRO B 130 -28.73 -37.23 36.68
C PRO B 130 -28.59 -38.29 37.76
N LEU B 131 -28.57 -39.54 37.30
CA LEU B 131 -28.48 -40.62 38.25
C LEU B 131 -27.19 -40.60 39.06
N THR B 132 -26.07 -40.21 38.43
CA THR B 132 -24.83 -40.15 39.13
C THR B 132 -24.92 -39.28 40.42
N SER B 133 -25.51 -38.09 40.28
N SER B 133 -25.51 -38.09 40.29
CA SER B 133 -25.65 -37.17 41.41
CA SER B 133 -25.64 -37.17 41.41
C SER B 133 -26.60 -37.71 42.45
C SER B 133 -26.60 -37.71 42.45
N VAL B 134 -27.71 -38.26 42.01
CA VAL B 134 -28.72 -38.81 42.95
C VAL B 134 -28.09 -39.90 43.82
N LEU B 135 -27.37 -40.83 43.19
CA LEU B 135 -26.77 -41.92 43.95
C LEU B 135 -25.69 -41.39 44.89
N ALA B 136 -24.90 -40.42 44.44
CA ALA B 136 -23.80 -39.94 45.26
C ALA B 136 -24.35 -39.32 46.56
N HIS B 137 -25.40 -38.52 46.44
CA HIS B 137 -26.00 -37.89 47.60
C HIS B 137 -26.67 -38.96 48.50
N GLU B 138 -27.36 -39.92 47.89
CA GLU B 138 -28.09 -40.94 48.71
C GLU B 138 -27.15 -41.74 49.56
N LEU B 139 -25.94 -42.03 49.05
CA LEU B 139 -24.95 -42.73 49.83
C LEU B 139 -24.62 -41.98 51.10
N LEU B 140 -24.36 -40.69 50.95
CA LEU B 140 -23.90 -39.91 52.11
C LEU B 140 -25.02 -39.58 53.06
N LYS B 141 -26.23 -39.42 52.53
CA LYS B 141 -27.38 -39.19 53.42
C LYS B 141 -27.63 -40.40 54.32
N GLU B 142 -27.50 -41.59 53.73
CA GLU B 142 -27.67 -42.80 54.52
C GLU B 142 -26.56 -43.02 55.53
N ILE B 143 -25.29 -42.77 55.16
CA ILE B 143 -24.22 -42.89 56.10
C ILE B 143 -24.41 -41.91 57.27
N GLU B 144 -24.79 -40.67 56.99
CA GLU B 144 -24.95 -39.66 58.02
C GLU B 144 -26.15 -40.01 58.88
N ARG B 145 -27.18 -40.53 58.29
CA ARG B 145 -28.36 -41.00 59.07
C ARG B 145 -27.94 -42.07 60.08
N GLN B 146 -27.15 -43.04 59.61
CA GLN B 146 -26.64 -44.08 60.47
C GLN B 146 -25.64 -43.59 61.51
N ARG B 147 -24.82 -42.60 61.16
CA ARG B 147 -23.91 -42.03 62.15
C ARG B 147 -24.70 -41.46 63.33
N ARG B 148 -25.76 -40.74 63.03
CA ARG B 148 -26.57 -40.07 64.06
C ARG B 148 -27.42 -41.06 64.86
N SER B 149 -27.94 -42.10 64.23
CA SER B 149 -28.73 -43.10 64.95
C SER B 149 -27.82 -44.13 65.67
N LYS B 150 -26.51 -44.11 65.45
CA LYS B 150 -25.56 -45.06 65.98
C LYS B 150 -25.67 -46.46 65.39
N GLU B 151 -26.28 -46.60 64.21
CA GLU B 151 -26.25 -47.82 63.49
C GLU B 151 -24.88 -48.08 62.83
N PHE B 152 -24.11 -46.99 62.60
CA PHE B 152 -22.78 -47.10 61.99
C PHE B 152 -21.87 -46.38 62.98
N ILE B 153 -21.07 -47.14 63.73
CA ILE B 153 -20.30 -46.55 64.80
C ILE B 153 -18.86 -46.31 64.31
N LYS B 154 -18.17 -45.53 65.12
CA LYS B 154 -16.76 -45.18 64.97
C LYS B 154 -16.44 -44.47 63.65
N ILE B 155 -17.40 -43.65 63.22
CA ILE B 155 -17.16 -42.72 62.12
C ILE B 155 -17.49 -41.29 62.52
N GLN B 156 -17.02 -40.36 61.68
CA GLN B 156 -17.21 -38.96 61.92
C GLN B 156 -17.94 -38.36 60.68
N ALA B 157 -18.19 -37.07 60.71
CA ALA B 157 -19.11 -36.44 59.76
C ALA B 157 -18.51 -35.97 58.44
N ASP B 158 -17.19 -35.87 58.33
CA ASP B 158 -16.52 -35.47 57.07
C ASP B 158 -16.51 -36.69 56.17
N MET B 159 -17.06 -36.57 54.97
CA MET B 159 -17.17 -37.67 54.04
C MET B 159 -17.42 -37.19 52.65
N LYS B 160 -17.07 -38.01 51.68
CA LYS B 160 -17.26 -37.72 50.25
C LYS B 160 -17.66 -38.97 49.54
N SER B 161 -18.34 -38.83 48.44
CA SER B 161 -18.71 -39.94 47.58
C SER B 161 -18.50 -39.58 46.14
N GLN B 162 -18.43 -40.59 45.28
CA GLN B 162 -18.29 -40.37 43.88
C GLN B 162 -18.88 -41.58 43.18
N VAL B 163 -19.74 -41.37 42.22
CA VAL B 163 -20.43 -42.47 41.55
C VAL B 163 -20.21 -42.39 40.07
N SER B 164 -19.76 -43.49 39.46
CA SER B 164 -19.55 -43.61 38.04
C SER B 164 -20.57 -44.55 37.44
N ILE B 165 -21.29 -44.08 36.43
CA ILE B 165 -22.30 -44.87 35.74
C ILE B 165 -21.92 -45.04 34.30
N ASP B 166 -22.13 -46.26 33.83
CA ASP B 166 -21.88 -46.66 32.45
C ASP B 166 -23.21 -46.52 31.70
N TYR B 167 -23.22 -45.58 30.78
CA TYR B 167 -24.38 -45.26 29.97
C TYR B 167 -24.20 -45.82 28.54
N SER B 168 -23.32 -46.81 28.34
CA SER B 168 -23.12 -47.40 27.01
C SER B 168 -24.37 -48.02 26.38
N ASN B 169 -25.29 -48.51 27.18
CA ASN B 169 -26.49 -49.26 26.67
C ASN B 169 -27.71 -48.53 27.27
N SER B 170 -28.93 -48.94 26.95
CA SER B 170 -30.08 -48.10 27.33
C SER B 170 -30.41 -48.15 28.82
N THR B 171 -30.13 -49.28 29.49
CA THR B 171 -30.26 -49.33 30.93
C THR B 171 -28.83 -48.91 31.47
N PRO B 172 -28.79 -47.89 32.34
CA PRO B 172 -27.55 -47.53 33.00
C PRO B 172 -27.07 -48.64 33.92
N LEU B 173 -25.77 -48.77 34.02
CA LEU B 173 -25.15 -49.70 34.96
C LEU B 173 -24.25 -48.92 35.88
N ILE B 174 -24.27 -49.22 37.16
CA ILE B 174 -23.26 -48.65 38.05
C ILE B 174 -21.91 -49.25 37.68
N GLU B 175 -20.91 -48.43 37.45
CA GLU B 175 -19.55 -48.90 37.17
C GLU B 175 -18.76 -48.93 38.48
N THR B 176 -18.76 -47.83 39.21
CA THR B 176 -18.07 -47.69 40.49
C THR B 176 -18.86 -46.87 41.50
N MET B 177 -18.87 -47.29 42.75
CA MET B 177 -19.23 -46.41 43.85
C MET B 177 -17.99 -46.25 44.74
N LEU B 178 -17.68 -44.99 45.08
CA LEU B 178 -16.55 -44.65 45.89
C LEU B 178 -17.04 -43.83 47.07
N VAL B 179 -16.55 -44.16 48.26
CA VAL B 179 -16.81 -43.32 49.41
C VAL B 179 -15.53 -43.19 50.18
N SER B 180 -15.30 -42.00 50.78
CA SER B 180 -14.31 -41.81 51.81
C SER B 180 -15.03 -41.27 53.05
N ILE B 181 -14.84 -41.89 54.23
CA ILE B 181 -15.49 -41.49 55.45
C ILE B 181 -14.47 -41.32 56.51
N GLN B 182 -14.48 -40.18 57.19
CA GLN B 182 -13.59 -39.97 58.31
C GLN B 182 -13.97 -40.98 59.43
N HIS B 183 -12.96 -41.62 59.97
CA HIS B 183 -13.17 -42.70 60.96
C HIS B 183 -12.33 -42.47 62.21
N ASP B 184 -12.79 -43.07 63.30
CA ASP B 184 -12.05 -43.02 64.56
C ASP B 184 -10.76 -43.84 64.47
N GLU B 185 -9.79 -43.41 65.26
CA GLU B 185 -8.49 -44.09 65.35
C GLU B 185 -8.65 -45.57 65.67
N ASP B 186 -9.58 -45.90 66.57
CA ASP B 186 -9.75 -47.27 67.05
C ASP B 186 -10.79 -48.05 66.26
N TYR B 187 -11.08 -47.64 65.02
CA TYR B 187 -12.06 -48.36 64.24
C TYR B 187 -11.63 -49.77 63.86
N ASP B 188 -12.61 -50.54 63.44
CA ASP B 188 -12.41 -51.86 62.93
C ASP B 188 -12.66 -51.82 61.43
N VAL B 189 -11.58 -51.92 60.66
CA VAL B 189 -11.65 -51.74 59.22
C VAL B 189 -12.53 -52.78 58.56
N GLU B 190 -12.57 -53.98 59.13
CA GLU B 190 -13.44 -55.03 58.57
C GLU B 190 -14.91 -54.71 58.72
N TYR B 191 -15.31 -54.26 59.91
CA TYR B 191 -16.67 -53.80 60.17
C TYR B 191 -17.01 -52.59 59.23
N PHE B 192 -16.09 -51.65 59.16
CA PHE B 192 -16.27 -50.42 58.35
C PHE B 192 -16.50 -50.78 56.87
N ASN B 193 -15.62 -51.60 56.29
CA ASN B 193 -15.78 -52.03 54.91
C ASN B 193 -17.10 -52.75 54.64
N LYS B 194 -17.50 -53.60 55.56
CA LYS B 194 -18.78 -54.33 55.43
C LYS B 194 -19.99 -53.37 55.52
N LYS B 195 -19.97 -52.43 56.46
CA LYS B 195 -21.07 -51.46 56.56
C LYS B 195 -21.19 -50.61 55.25
N VAL B 196 -20.07 -50.15 54.73
CA VAL B 196 -20.08 -49.31 53.55
C VAL B 196 -20.57 -50.14 52.36
N SER B 197 -20.07 -51.36 52.23
CA SER B 197 -20.47 -52.25 51.12
C SER B 197 -21.96 -52.49 51.12
N ALA B 198 -22.52 -52.72 52.30
CA ALA B 198 -23.96 -52.95 52.40
C ALA B 198 -24.78 -51.69 52.05
N ILE B 199 -24.31 -50.53 52.50
CA ILE B 199 -24.97 -49.29 52.17
C ILE B 199 -24.96 -49.06 50.65
N MET B 200 -23.82 -49.28 50.03
CA MET B 200 -23.70 -49.14 48.60
C MET B 200 -24.71 -50.05 47.88
N GLU B 201 -24.80 -51.30 48.31
CA GLU B 201 -25.76 -52.24 47.68
C GLU B 201 -27.20 -51.87 47.93
N GLN B 202 -27.48 -51.39 49.14
CA GLN B 202 -28.85 -50.97 49.49
C GLN B 202 -29.27 -49.78 48.57
N ILE B 203 -28.36 -48.82 48.35
CA ILE B 203 -28.71 -47.69 47.45
C ILE B 203 -28.92 -48.16 46.02
N ALA B 204 -28.04 -49.03 45.51
CA ALA B 204 -28.23 -49.57 44.18
C ALA B 204 -29.58 -50.28 44.01
N LYS B 205 -29.95 -51.09 44.99
CA LYS B 205 -31.25 -51.82 44.98
C LYS B 205 -32.41 -50.90 45.08
N LYS B 206 -32.30 -49.84 45.88
CA LYS B 206 -33.38 -48.83 45.89
C LYS B 206 -33.66 -48.24 44.49
N TYR B 207 -32.67 -48.12 43.62
CA TYR B 207 -32.86 -47.60 42.29
C TYR B 207 -32.95 -48.70 41.22
N ASN B 208 -33.12 -49.98 41.64
CA ASN B 208 -33.22 -51.13 40.74
C ASN B 208 -32.03 -51.30 39.83
N LEU B 209 -30.84 -51.08 40.37
CA LEU B 209 -29.65 -51.18 39.54
C LEU B 209 -28.86 -52.42 39.87
N ASN B 210 -27.85 -52.71 39.09
CA ASN B 210 -26.94 -53.79 39.37
C ASN B 210 -26.19 -53.61 40.69
N THR B 211 -25.80 -54.73 41.28
CA THR B 211 -25.07 -54.75 42.55
C THR B 211 -23.67 -55.33 42.43
N ASN B 212 -23.20 -55.58 41.22
CA ASN B 212 -21.87 -56.12 40.99
C ASN B 212 -20.78 -55.06 40.59
N PHE B 213 -20.88 -53.86 41.07
CA PHE B 213 -20.00 -52.78 40.58
C PHE B 213 -18.72 -52.76 41.45
N LYS B 214 -17.69 -52.08 40.97
CA LYS B 214 -16.52 -51.85 41.77
C LYS B 214 -16.83 -50.93 42.94
N LYS B 215 -16.22 -51.23 44.09
CA LYS B 215 -16.34 -50.43 45.28
C LYS B 215 -14.99 -49.91 45.66
N ILE B 216 -14.87 -48.59 45.85
CA ILE B 216 -13.66 -48.02 46.28
C ILE B 216 -13.99 -47.42 47.66
N ILE B 217 -13.40 -47.99 48.72
CA ILE B 217 -13.79 -47.59 50.06
C ILE B 217 -12.55 -47.11 50.77
N ASN B 218 -12.53 -45.83 51.15
CA ASN B 218 -11.42 -45.20 51.84
C ASN B 218 -10.07 -45.53 51.15
N SER B 219 -9.96 -45.14 49.89
CA SER B 219 -8.76 -45.36 49.13
C SER B 219 -7.52 -44.72 49.70
N SER B 220 -7.64 -43.66 50.53
CA SER B 220 -6.44 -43.08 51.13
C SER B 220 -5.78 -44.05 52.11
N GLY B 221 -6.58 -44.92 52.68
CA GLY B 221 -6.13 -45.88 53.66
C GLY B 221 -6.09 -45.36 55.10
N ARG B 222 -6.28 -44.06 55.31
CA ARG B 222 -6.38 -43.50 56.64
C ARG B 222 -7.00 -42.12 56.56
N PHE B 223 -8.07 -41.91 57.32
CA PHE B 223 -8.80 -40.64 57.31
C PHE B 223 -9.28 -40.39 58.73
N VAL B 224 -8.36 -40.03 59.59
CA VAL B 224 -8.65 -39.72 60.97
C VAL B 224 -8.72 -38.20 61.17
N ILE B 225 -7.75 -37.49 60.67
CA ILE B 225 -7.76 -36.02 60.60
C ILE B 225 -8.81 -35.64 59.56
N GLY B 226 -9.71 -34.72 59.91
CA GLY B 226 -10.73 -34.27 58.93
C GLY B 226 -11.37 -32.99 59.37
N GLY B 227 -12.48 -32.68 58.76
CA GLY B 227 -13.10 -31.36 58.85
C GLY B 227 -12.17 -30.23 58.49
N PRO B 228 -12.41 -29.04 59.10
CA PRO B 228 -11.54 -27.92 58.83
C PRO B 228 -10.08 -28.10 59.27
N ILE B 229 -9.82 -29.05 60.16
CA ILE B 229 -8.41 -29.37 60.48
C ILE B 229 -7.63 -29.97 59.34
N GLY B 230 -8.26 -30.82 58.56
CA GLY B 230 -7.67 -31.46 57.39
C GLY B 230 -7.70 -30.63 56.11
N ASP B 231 -8.63 -29.68 56.01
CA ASP B 231 -8.86 -28.97 54.75
C ASP B 231 -9.70 -27.73 55.03
N THR B 232 -9.33 -26.64 54.46
CA THR B 232 -10.03 -25.39 54.54
C THR B 232 -11.31 -25.36 53.75
N GLY B 233 -12.39 -24.96 54.39
CA GLY B 233 -13.63 -24.78 53.72
C GLY B 233 -13.98 -23.34 53.44
N LEU B 234 -14.70 -23.09 52.35
CA LEU B 234 -15.26 -21.77 52.04
CA LEU B 234 -15.26 -21.77 52.04
C LEU B 234 -16.65 -21.93 51.48
N THR B 235 -17.49 -20.94 51.68
CA THR B 235 -18.79 -20.91 51.08
C THR B 235 -18.67 -20.93 49.52
N GLY B 236 -19.50 -21.71 48.87
CA GLY B 236 -19.60 -21.66 47.42
C GLY B 236 -18.43 -22.31 46.66
N ARG B 237 -17.89 -23.35 47.25
CA ARG B 237 -16.78 -24.13 46.68
C ARG B 237 -17.25 -25.56 46.34
N LYS B 238 -18.54 -25.80 46.41
CA LYS B 238 -19.09 -27.09 46.00
C LYS B 238 -20.28 -26.86 45.05
N ILE B 239 -20.12 -25.97 44.08
CA ILE B 239 -21.22 -25.54 43.28
C ILE B 239 -21.70 -26.62 42.29
N ILE B 240 -20.84 -27.57 42.00
CA ILE B 240 -21.23 -28.68 41.10
C ILE B 240 -21.97 -29.74 41.89
N VAL B 241 -21.50 -30.04 43.07
CA VAL B 241 -22.26 -30.88 44.04
C VAL B 241 -23.63 -30.28 44.36
N ASP B 242 -23.71 -28.94 44.43
CA ASP B 242 -24.96 -28.25 44.75
C ASP B 242 -25.96 -28.30 43.55
N THR B 243 -25.49 -28.63 42.37
CA THR B 243 -26.27 -28.52 41.18
C THR B 243 -26.39 -29.87 40.47
N TYR B 244 -25.72 -30.06 39.33
CA TYR B 244 -26.02 -31.21 38.47
C TYR B 244 -24.85 -32.14 38.23
N GLY B 245 -23.83 -32.11 39.08
CA GLY B 245 -22.82 -33.17 39.05
C GLY B 245 -21.98 -33.19 37.80
N GLY B 246 -21.86 -32.06 37.12
CA GLY B 246 -21.03 -32.03 35.97
C GLY B 246 -21.79 -32.36 34.66
N VAL B 247 -23.01 -32.92 34.75
CA VAL B 247 -23.80 -33.24 33.55
C VAL B 247 -24.42 -31.93 33.06
N GLY B 248 -24.88 -31.08 33.95
CA GLY B 248 -25.42 -29.74 33.51
C GLY B 248 -24.30 -28.74 33.49
N HIS B 249 -24.43 -27.70 32.68
CA HIS B 249 -23.48 -26.59 32.67
C HIS B 249 -23.68 -25.76 33.92
N HIS B 250 -22.73 -24.89 34.21
CA HIS B 250 -22.82 -24.01 35.35
C HIS B 250 -22.23 -22.66 34.97
N GLY B 251 -22.85 -21.60 35.46
CA GLY B 251 -22.35 -20.24 35.16
C GLY B 251 -21.42 -19.63 36.21
N GLY B 252 -21.18 -20.36 37.27
CA GLY B 252 -20.16 -20.02 38.28
C GLY B 252 -20.59 -19.44 39.58
N GLY B 253 -21.87 -19.08 39.67
CA GLY B 253 -22.37 -18.36 40.87
C GLY B 253 -22.70 -19.37 41.99
N ALA B 254 -22.43 -19.00 43.20
CA ALA B 254 -22.71 -19.84 44.34
C ALA B 254 -24.08 -19.48 44.91
N PHE B 255 -24.71 -20.42 45.62
CA PHE B 255 -26.06 -20.18 46.16
C PHE B 255 -26.09 -19.71 47.63
N SER B 256 -25.35 -20.39 48.49
CA SER B 256 -25.58 -20.26 49.92
C SER B 256 -25.22 -18.88 50.43
N GLY B 257 -26.05 -18.40 51.35
CA GLY B 257 -25.79 -17.11 52.04
C GLY B 257 -26.48 -15.91 51.36
N LYS B 258 -27.14 -16.13 50.22
CA LYS B 258 -27.63 -15.01 49.35
C LYS B 258 -29.16 -14.94 49.44
N ASP B 259 -29.68 -13.72 49.60
CA ASP B 259 -31.11 -13.44 49.57
C ASP B 259 -31.57 -13.53 48.07
N PRO B 260 -32.84 -13.63 47.83
CA PRO B 260 -33.33 -13.89 46.45
C PRO B 260 -33.10 -12.77 45.42
N THR B 261 -32.71 -11.55 45.86
CA THR B 261 -32.31 -10.53 44.86
C THR B 261 -30.99 -10.84 44.20
N LYS B 262 -30.25 -11.80 44.74
CA LYS B 262 -29.04 -12.29 44.06
C LYS B 262 -29.50 -13.31 43.05
N VAL B 263 -29.52 -12.93 41.78
CA VAL B 263 -30.01 -13.83 40.70
C VAL B 263 -29.22 -15.08 40.50
N ASP B 264 -27.95 -15.11 40.90
CA ASP B 264 -27.22 -16.38 40.95
C ASP B 264 -28.00 -17.47 41.66
N ARG B 265 -28.72 -17.11 42.72
CA ARG B 265 -29.57 -18.07 43.38
C ARG B 265 -30.98 -18.15 42.77
N SER B 266 -31.71 -17.05 42.81
CA SER B 266 -33.10 -17.06 42.42
C SER B 266 -33.33 -17.47 40.97
N ALA B 267 -32.49 -16.99 40.06
CA ALA B 267 -32.67 -17.35 38.65
C ALA B 267 -32.23 -18.75 38.38
N SER B 268 -31.27 -19.28 39.14
CA SER B 268 -30.91 -20.69 39.00
C SER B 268 -32.06 -21.59 39.42
N TYR B 269 -32.75 -21.23 40.47
CA TYR B 269 -33.95 -21.97 40.89
C TYR B 269 -35.07 -21.89 39.86
N PHE B 270 -35.27 -20.68 39.34
CA PHE B 270 -36.21 -20.47 38.28
C PHE B 270 -35.93 -21.28 37.03
N ALA B 271 -34.64 -21.32 36.60
CA ALA B 271 -34.26 -22.08 35.45
C ALA B 271 -34.45 -23.59 35.65
N ARG B 272 -34.13 -24.07 36.86
CA ARG B 272 -34.42 -25.47 37.18
C ARG B 272 -35.94 -25.78 37.04
N TRP B 273 -36.74 -24.87 37.58
CA TRP B 273 -38.22 -25.05 37.61
C TRP B 273 -38.74 -25.17 36.16
N ILE B 274 -38.17 -24.33 35.27
CA ILE B 274 -38.53 -24.39 33.85
C ILE B 274 -38.14 -25.72 33.29
N ALA B 275 -36.83 -26.05 33.41
CA ALA B 275 -36.36 -27.26 32.81
C ALA B 275 -37.09 -28.54 33.30
N LYS B 276 -37.34 -28.61 34.55
CA LYS B 276 -38.01 -29.78 35.14
C LYS B 276 -39.42 -29.92 34.61
N ASN B 277 -40.10 -28.79 34.45
CA ASN B 277 -41.48 -28.81 33.93
C ASN B 277 -41.50 -29.18 32.47
N VAL B 278 -40.48 -28.75 31.70
CA VAL B 278 -40.35 -29.14 30.28
C VAL B 278 -40.24 -30.64 30.16
N VAL B 279 -39.39 -31.23 30.96
CA VAL B 279 -39.17 -32.65 30.89
C VAL B 279 -40.41 -33.44 31.43
N ALA B 280 -40.98 -32.97 32.52
CA ALA B 280 -42.21 -33.59 33.07
C ALA B 280 -43.41 -33.48 32.11
N ALA B 281 -43.47 -32.43 31.32
CA ALA B 281 -44.50 -32.27 30.32
C ALA B 281 -44.24 -33.13 29.08
N LYS B 282 -43.15 -33.90 29.06
CA LYS B 282 -42.78 -34.76 27.99
C LYS B 282 -42.47 -34.01 26.71
N LEU B 283 -42.00 -32.77 26.81
CA LEU B 283 -41.56 -32.07 25.65
C LEU B 283 -40.15 -32.48 25.19
N ALA B 284 -39.35 -32.99 26.13
CA ALA B 284 -38.00 -33.47 25.90
C ALA B 284 -37.59 -34.45 26.97
N LYS B 285 -36.55 -35.24 26.76
CA LYS B 285 -36.01 -36.12 27.78
C LYS B 285 -34.98 -35.39 28.64
N GLN B 286 -34.29 -34.40 28.05
CA GLN B 286 -33.31 -33.55 28.78
C GLN B 286 -33.59 -32.11 28.33
N CYS B 287 -33.43 -31.17 29.26
CA CYS B 287 -33.56 -29.81 28.93
C CYS B 287 -32.62 -28.97 29.77
N GLU B 288 -31.92 -28.05 29.11
CA GLU B 288 -31.03 -27.12 29.79
C GLU B 288 -31.40 -25.72 29.38
N ILE B 289 -31.51 -24.80 30.34
CA ILE B 289 -31.89 -23.44 30.08
C ILE B 289 -30.81 -22.53 30.58
N GLN B 290 -30.28 -21.67 29.72
CA GLN B 290 -29.35 -20.63 30.13
CA GLN B 290 -29.34 -20.63 30.13
C GLN B 290 -30.06 -19.30 30.21
N LEU B 291 -29.84 -18.53 31.28
CA LEU B 291 -30.33 -17.17 31.39
C LEU B 291 -29.21 -16.25 31.76
N ALA B 292 -29.14 -15.08 31.15
CA ALA B 292 -28.16 -14.06 31.48
C ALA B 292 -28.77 -12.81 31.97
N PHE B 293 -28.08 -12.12 32.85
CA PHE B 293 -28.60 -10.94 33.53
C PHE B 293 -27.65 -9.77 33.45
N ALA B 294 -28.20 -8.58 33.66
CA ALA B 294 -27.46 -7.36 33.80
C ALA B 294 -27.86 -6.69 35.12
N ILE B 295 -26.89 -6.21 35.83
CA ILE B 295 -27.17 -5.62 37.13
C ILE B 295 -28.13 -4.41 36.97
N GLY B 296 -29.17 -4.40 37.80
CA GLY B 296 -30.15 -3.34 37.80
C GLY B 296 -31.31 -3.57 36.82
N GLN B 297 -31.20 -4.52 35.93
CA GLN B 297 -32.25 -4.75 34.92
C GLN B 297 -33.21 -5.84 35.40
N PRO B 298 -34.52 -5.62 35.24
CA PRO B 298 -35.49 -6.49 35.91
C PRO B 298 -35.83 -7.74 35.17
N GLN B 299 -35.35 -7.92 33.97
CA GLN B 299 -35.54 -9.15 33.21
C GLN B 299 -34.18 -9.68 32.69
N PRO B 300 -34.14 -10.94 32.32
CA PRO B 300 -32.92 -11.45 31.70
C PRO B 300 -32.60 -10.77 30.42
N VAL B 301 -31.33 -10.65 30.09
CA VAL B 301 -30.92 -10.05 28.80
C VAL B 301 -30.75 -11.10 27.72
N ALA B 302 -30.69 -12.39 28.07
CA ALA B 302 -30.58 -13.45 27.10
C ALA B 302 -31.09 -14.75 27.64
N MET B 303 -31.51 -15.65 26.75
CA MET B 303 -31.98 -16.94 27.12
C MET B 303 -31.65 -17.92 26.00
N TYR B 304 -31.29 -19.16 26.34
CA TYR B 304 -31.08 -20.21 25.38
C TYR B 304 -31.66 -21.51 25.96
N VAL B 305 -32.29 -22.30 25.10
CA VAL B 305 -32.92 -23.54 25.48
C VAL B 305 -32.26 -24.63 24.70
N ASN B 306 -31.74 -25.68 25.37
CA ASN B 306 -31.18 -26.82 24.70
C ASN B 306 -31.91 -28.04 25.08
N THR B 307 -32.43 -28.80 24.10
CA THR B 307 -33.02 -30.11 24.37
C THR B 307 -32.25 -31.31 23.87
N PHE B 308 -31.03 -31.07 23.41
CA PHE B 308 -30.01 -32.13 23.16
C PHE B 308 -30.53 -33.15 22.15
N ASN B 309 -31.30 -32.71 21.20
CA ASN B 309 -31.97 -33.62 20.26
C ASN B 309 -32.86 -34.68 20.85
N THR B 310 -33.44 -34.40 22.03
CA THR B 310 -34.40 -35.31 22.66
C THR B 310 -35.75 -34.69 22.66
N ASN B 311 -35.92 -33.54 21.99
CA ASN B 311 -37.21 -32.92 21.87
C ASN B 311 -38.22 -33.83 21.17
N LEU B 312 -39.44 -33.86 21.71
CA LEU B 312 -40.53 -34.67 21.17
C LEU B 312 -41.42 -33.85 20.26
N ILE B 313 -41.28 -32.54 20.26
CA ILE B 313 -41.89 -31.64 19.29
C ILE B 313 -40.83 -30.66 18.83
N ASP B 314 -41.17 -29.78 17.91
CA ASP B 314 -40.23 -28.83 17.35
C ASP B 314 -39.60 -27.94 18.45
N GLU B 315 -38.29 -27.73 18.38
CA GLU B 315 -37.57 -26.90 19.36
C GLU B 315 -38.11 -25.50 19.45
N THR B 316 -38.53 -24.92 18.32
CA THR B 316 -39.09 -23.57 18.34
C THR B 316 -40.38 -23.52 19.14
N LYS B 317 -41.20 -24.57 19.08
CA LYS B 317 -42.43 -24.58 19.89
C LYS B 317 -42.14 -24.72 21.39
N ILE B 318 -41.06 -25.45 21.75
CA ILE B 318 -40.68 -25.54 23.16
C ILE B 318 -40.28 -24.17 23.64
N PHE B 319 -39.42 -23.52 22.91
CA PHE B 319 -38.92 -22.17 23.23
C PHE B 319 -40.12 -21.22 23.42
N GLU B 320 -41.05 -21.27 22.50
CA GLU B 320 -42.24 -20.39 22.60
C GLU B 320 -43.12 -20.75 23.79
N ALA B 321 -43.32 -22.04 24.05
CA ALA B 321 -44.14 -22.47 25.16
C ALA B 321 -43.51 -21.99 26.51
N ILE B 322 -42.17 -22.07 26.60
CA ILE B 322 -41.50 -21.57 27.78
C ILE B 322 -41.74 -20.08 27.96
N LYS B 323 -41.55 -19.32 26.88
CA LYS B 323 -41.70 -17.86 26.99
C LYS B 323 -43.13 -17.49 27.42
N LYS B 324 -44.11 -18.22 26.92
CA LYS B 324 -45.50 -17.96 27.26
C LYS B 324 -45.92 -18.45 28.60
N SER B 325 -45.23 -19.45 29.17
CA SER B 325 -45.72 -20.09 30.38
C SER B 325 -45.10 -19.56 31.67
N PHE B 326 -44.02 -18.79 31.55
CA PHE B 326 -43.33 -18.27 32.74
C PHE B 326 -43.26 -16.78 32.71
N ASN B 327 -43.17 -16.18 33.90
CA ASN B 327 -42.95 -14.76 34.02
C ASN B 327 -41.45 -14.50 34.28
N PHE B 328 -40.80 -13.72 33.41
CA PHE B 328 -39.37 -13.53 33.46
C PHE B 328 -38.96 -12.31 34.27
N ASP B 329 -39.97 -11.57 34.78
CA ASP B 329 -39.68 -10.43 35.64
C ASP B 329 -39.15 -11.00 36.97
N ILE B 330 -38.02 -10.48 37.42
CA ILE B 330 -37.31 -11.04 38.62
C ILE B 330 -38.21 -10.95 39.85
N LYS B 331 -38.79 -9.81 40.13
CA LYS B 331 -39.67 -9.73 41.32
C LYS B 331 -40.79 -10.75 41.26
N THR B 332 -41.31 -10.96 40.07
CA THR B 332 -42.41 -11.88 39.89
C THR B 332 -41.98 -13.29 40.07
N PHE B 333 -40.87 -13.73 39.47
CA PHE B 333 -40.46 -15.14 39.70
C PHE B 333 -39.99 -15.41 41.11
N ILE B 334 -39.40 -14.40 41.76
CA ILE B 334 -39.06 -14.55 43.21
C ILE B 334 -40.36 -14.86 43.99
N ASN B 335 -41.40 -14.09 43.74
CA ASN B 335 -42.70 -14.32 44.40
C ASN B 335 -43.41 -15.59 43.97
N ASP B 336 -43.33 -15.95 42.68
CA ASP B 336 -43.92 -17.20 42.21
C ASP B 336 -43.30 -18.36 42.93
N LEU B 337 -41.99 -18.30 43.23
CA LEU B 337 -41.32 -19.40 43.95
C LEU B 337 -41.25 -19.21 45.45
N ASN B 338 -41.93 -18.20 45.99
CA ASN B 338 -41.99 -17.99 47.43
C ASN B 338 -40.58 -17.97 48.08
N LEU B 339 -39.66 -17.31 47.42
CA LEU B 339 -38.29 -17.37 47.86
C LEU B 339 -38.04 -16.54 49.09
N TRP B 340 -38.89 -15.53 49.42
CA TRP B 340 -38.67 -14.79 50.68
C TRP B 340 -39.00 -15.58 51.92
N THR B 341 -39.79 -16.64 51.78
CA THR B 341 -40.23 -17.44 52.90
C THR B 341 -39.77 -18.88 52.82
N THR B 342 -38.91 -19.24 51.89
CA THR B 342 -38.34 -20.57 51.84
C THR B 342 -37.15 -20.60 52.84
N LYS B 343 -36.96 -21.71 53.48
CA LYS B 343 -35.83 -21.97 54.35
C LYS B 343 -34.73 -22.61 53.50
N TYR B 344 -33.53 -22.02 53.56
CA TYR B 344 -32.43 -22.48 52.70
C TYR B 344 -31.48 -23.46 53.35
N LEU B 345 -31.36 -23.43 54.67
CA LEU B 345 -30.51 -24.41 55.31
C LEU B 345 -30.67 -25.85 54.79
N PRO B 346 -31.91 -26.35 54.57
CA PRO B 346 -32.02 -27.73 54.13
C PRO B 346 -31.38 -28.05 52.78
N VAL B 347 -31.21 -27.05 51.88
CA VAL B 347 -30.54 -27.29 50.63
C VAL B 347 -29.03 -27.04 50.65
N ALA B 348 -28.48 -26.63 51.82
CA ALA B 348 -27.07 -26.42 51.94
C ALA B 348 -26.26 -27.71 52.03
N THR B 349 -26.92 -28.85 52.22
CA THR B 349 -26.21 -30.13 52.09
C THR B 349 -27.12 -30.99 51.13
N TYR B 350 -26.46 -31.85 50.37
CA TYR B 350 -27.06 -32.87 49.52
C TYR B 350 -27.76 -32.32 48.29
N GLY B 351 -27.42 -31.09 47.90
CA GLY B 351 -27.92 -30.54 46.59
C GLY B 351 -29.14 -29.71 46.69
N HIS B 352 -29.26 -28.72 45.81
CA HIS B 352 -30.38 -27.83 45.82
C HIS B 352 -31.51 -28.34 44.91
N PHE B 353 -31.24 -29.38 44.13
CA PHE B 353 -32.21 -29.83 43.13
C PHE B 353 -32.57 -31.29 43.27
N GLY B 354 -33.77 -31.64 42.81
N GLY B 354 -33.76 -31.64 42.80
CA GLY B 354 -34.23 -33.03 42.93
CA GLY B 354 -34.23 -33.02 42.94
C GLY B 354 -34.26 -33.63 44.29
C GLY B 354 -34.94 -32.98 44.26
N ARG B 355 -34.87 -32.92 45.21
N ARG B 355 -34.29 -33.48 45.28
CA ARG B 355 -34.83 -33.30 46.60
CA ARG B 355 -34.76 -33.38 46.64
C ARG B 355 -36.24 -33.80 46.90
C ARG B 355 -36.23 -33.82 46.90
N ASP B 356 -36.47 -35.08 46.62
CA ASP B 356 -37.77 -35.70 46.93
C ASP B 356 -37.96 -35.88 48.46
N ASP B 357 -36.92 -35.67 49.25
CA ASP B 357 -37.04 -35.50 50.70
C ASP B 357 -37.47 -34.12 51.20
N LEU B 358 -37.64 -33.12 50.36
CA LEU B 358 -38.01 -31.77 50.77
C LEU B 358 -39.20 -31.35 49.92
N ASP B 359 -39.70 -30.16 50.12
CA ASP B 359 -40.79 -29.64 49.33
C ASP B 359 -40.42 -28.29 48.78
N LEU B 360 -39.63 -28.23 47.73
CA LEU B 360 -39.10 -26.94 47.26
C LEU B 360 -39.97 -26.40 46.17
N SER B 361 -40.20 -25.10 46.15
CA SER B 361 -41.11 -24.48 45.11
C SER B 361 -40.61 -24.69 43.70
N TRP B 362 -39.26 -24.72 43.49
CA TRP B 362 -38.70 -24.83 42.20
C TRP B 362 -38.71 -26.24 41.70
N GLU B 363 -39.13 -27.16 42.53
CA GLU B 363 -39.25 -28.58 42.18
C GLU B 363 -40.70 -28.99 41.86
N LYS B 364 -41.64 -28.07 41.97
CA LYS B 364 -43.07 -28.38 41.77
C LYS B 364 -43.34 -28.46 40.27
N LEU B 365 -44.12 -29.46 39.90
CA LEU B 365 -44.56 -29.68 38.55
C LEU B 365 -45.89 -28.92 38.24
N ASN B 366 -45.98 -27.70 38.67
CA ASN B 366 -47.17 -26.90 38.53
C ASN B 366 -47.18 -26.05 37.27
N LYS B 367 -46.26 -26.26 36.32
CA LYS B 367 -46.30 -25.57 35.05
C LYS B 367 -46.49 -26.48 33.86
N VAL B 368 -46.69 -27.76 34.15
CA VAL B 368 -46.87 -28.74 33.05
C VAL B 368 -48.09 -28.37 32.18
N GLU B 369 -49.20 -28.04 32.80
CA GLU B 369 -50.47 -27.72 32.15
C GLU B 369 -50.27 -26.53 31.21
N ASP B 370 -49.61 -25.46 31.77
CA ASP B 370 -49.36 -24.28 30.95
C ASP B 370 -48.45 -24.63 29.73
N LEU B 371 -47.40 -25.42 29.99
CA LEU B 371 -46.48 -25.75 28.93
C LEU B 371 -47.15 -26.55 27.78
N ILE B 372 -47.96 -27.54 28.17
CA ILE B 372 -48.70 -28.35 27.18
C ILE B 372 -49.61 -27.48 26.36
N LYS B 373 -50.46 -26.72 27.04
CA LYS B 373 -51.32 -25.76 26.33
C LYS B 373 -50.53 -24.84 25.38
N ASN B 374 -49.46 -24.23 25.86
CA ASN B 374 -48.74 -23.24 25.06
C ASN B 374 -47.81 -23.83 24.02
N SER B 375 -47.66 -25.15 23.98
CA SER B 375 -46.81 -25.76 23.00
C SER B 375 -47.60 -26.22 21.73
N LYS B 376 -48.91 -26.13 21.71
CA LYS B 376 -49.66 -26.23 20.43
C LYS B 376 -49.42 -25.04 19.48
N GLN C 2 4.66 -14.38 21.47
CA GLN C 2 4.69 -15.83 21.89
C GLN C 2 5.93 -16.56 21.31
N TYR C 3 6.49 -17.52 22.05
CA TYR C 3 7.68 -18.25 21.56
C TYR C 3 7.25 -19.36 20.57
N LYS C 4 7.44 -19.11 19.29
CA LYS C 4 6.92 -19.99 18.22
C LYS C 4 7.73 -19.82 16.97
N LYS C 5 7.75 -20.86 16.07
CA LYS C 5 8.37 -20.72 14.74
C LYS C 5 7.22 -20.31 13.74
N ILE C 6 7.03 -19.01 13.66
CA ILE C 6 5.98 -18.39 12.82
C ILE C 6 6.69 -17.71 11.62
N ILE C 7 6.49 -18.35 10.45
CA ILE C 7 7.12 -17.95 9.21
C ILE C 7 6.00 -17.35 8.31
N THR C 8 6.37 -16.31 7.58
CA THR C 8 5.36 -15.48 6.87
C THR C 8 5.85 -15.16 5.48
N SER C 9 4.94 -15.26 4.52
CA SER C 9 5.21 -14.91 3.11
C SER C 9 4.08 -14.05 2.57
N GLU C 10 4.34 -13.38 1.47
CA GLU C 10 3.38 -12.50 0.86
C GLU C 10 3.03 -12.84 -0.59
N SER C 11 1.97 -12.20 -1.10
CA SER C 11 1.74 -12.13 -2.53
C SER C 11 1.13 -10.78 -2.83
N VAL C 12 1.08 -10.44 -4.11
CA VAL C 12 0.40 -9.21 -4.57
C VAL C 12 -0.38 -9.52 -5.80
N GLY C 13 -1.37 -8.67 -6.09
CA GLY C 13 -2.29 -8.99 -7.17
C GLY C 13 -1.89 -8.39 -8.49
N ALA C 14 -2.69 -8.61 -9.52
CA ALA C 14 -2.39 -8.19 -10.85
C ALA C 14 -2.43 -6.68 -11.02
N GLY C 15 -3.17 -5.99 -10.17
CA GLY C 15 -3.21 -4.54 -10.17
C GLY C 15 -2.31 -3.82 -9.19
N HIS C 16 -1.46 -4.57 -8.54
CA HIS C 16 -0.41 -4.00 -7.72
C HIS C 16 0.57 -3.30 -8.68
N PRO C 17 1.07 -2.11 -8.38
CA PRO C 17 1.82 -1.34 -9.32
C PRO C 17 3.16 -1.98 -9.73
N ASP C 18 3.85 -2.66 -8.78
CA ASP C 18 5.11 -3.35 -9.14
C ASP C 18 4.79 -4.50 -10.11
N LYS C 19 3.70 -5.23 -9.84
CA LYS C 19 3.28 -6.28 -10.74
C LYS C 19 2.79 -5.86 -12.08
N ILE C 20 2.15 -4.71 -12.18
CA ILE C 20 1.84 -4.12 -13.49
C ILE C 20 3.13 -3.98 -14.28
N CYS C 21 4.17 -3.42 -13.67
CA CYS C 21 5.47 -3.30 -14.33
C CYS C 21 6.08 -4.63 -14.75
N ASP C 22 6.07 -5.63 -13.87
CA ASP C 22 6.58 -6.92 -14.25
C ASP C 22 5.78 -7.48 -15.45
N GLN C 23 4.46 -7.32 -15.45
CA GLN C 23 3.67 -7.84 -16.54
C GLN C 23 3.98 -7.11 -17.88
N ILE C 24 4.13 -5.79 -17.84
CA ILE C 24 4.42 -5.05 -19.07
C ILE C 24 5.85 -5.50 -19.57
N SER C 25 6.82 -5.65 -18.64
CA SER C 25 8.15 -6.12 -18.99
C SER C 25 8.09 -7.44 -19.71
N ASP C 26 7.41 -8.40 -19.12
CA ASP C 26 7.34 -9.72 -19.70
C ASP C 26 6.49 -9.82 -20.95
N ALA C 27 5.44 -9.00 -21.03
CA ALA C 27 4.64 -8.99 -22.27
C ALA C 27 5.48 -8.43 -23.44
N ILE C 28 6.31 -7.45 -23.16
CA ILE C 28 7.19 -6.91 -24.16
C ILE C 28 8.23 -7.95 -24.57
N LEU C 29 8.81 -8.62 -23.57
CA LEU C 29 9.74 -9.70 -23.87
C LEU C 29 9.09 -10.76 -24.76
N ASP C 30 7.88 -11.20 -24.39
CA ASP C 30 7.20 -12.30 -25.12
C ASP C 30 6.98 -11.89 -26.60
N GLU C 31 6.57 -10.66 -26.83
CA GLU C 31 6.41 -10.20 -28.19
C GLU C 31 7.77 -10.18 -28.98
N CYS C 32 8.85 -9.73 -28.36
CA CYS C 32 10.13 -9.82 -29.00
C CYS C 32 10.54 -11.26 -29.36
N LEU C 33 10.41 -12.18 -28.37
CA LEU C 33 10.87 -13.51 -28.63
C LEU C 33 9.96 -14.22 -29.65
N SER C 34 8.68 -13.88 -29.74
CA SER C 34 7.83 -14.52 -30.72
C SER C 34 8.30 -14.16 -32.17
N GLN C 35 8.90 -13.01 -32.36
CA GLN C 35 9.36 -12.57 -33.66
C GLN C 35 10.82 -12.94 -33.90
N ASP C 36 11.64 -12.91 -32.86
CA ASP C 36 13.08 -13.05 -33.04
C ASP C 36 13.65 -13.79 -31.80
N GLN C 37 13.86 -15.06 -31.98
CA GLN C 37 14.41 -15.91 -30.94
C GLN C 37 15.87 -15.66 -30.63
N ASN C 38 16.54 -14.76 -31.30
CA ASN C 38 17.86 -14.32 -30.92
C ASN C 38 17.84 -12.92 -30.25
N SER C 39 16.65 -12.41 -29.86
CA SER C 39 16.56 -11.08 -29.31
C SER C 39 17.42 -11.02 -28.01
N ARG C 40 17.96 -9.85 -27.72
CA ARG C 40 18.48 -9.56 -26.40
C ARG C 40 17.62 -8.52 -25.78
N VAL C 41 17.02 -8.83 -24.64
CA VAL C 41 16.01 -7.98 -24.02
C VAL C 41 16.25 -7.83 -22.55
N ALA C 42 16.26 -6.62 -22.09
CA ALA C 42 16.32 -6.27 -20.61
C ALA C 42 15.36 -5.09 -20.43
N CYS C 43 14.08 -5.35 -20.34
CA CYS C 43 13.05 -4.29 -20.38
C CYS C 43 12.59 -3.99 -19.00
N GLU C 44 12.73 -2.73 -18.58
CA GLU C 44 12.40 -2.29 -17.23
C GLU C 44 11.30 -1.25 -17.32
N VAL C 45 10.34 -1.29 -16.43
CA VAL C 45 9.15 -0.41 -16.49
C VAL C 45 9.00 0.25 -15.14
N LEU C 46 8.60 1.50 -15.19
CA LEU C 46 8.23 2.27 -14.01
C LEU C 46 6.78 2.78 -14.24
N ALA C 47 5.96 2.69 -13.24
CA ALA C 47 4.57 3.21 -13.25
C ALA C 47 4.32 4.06 -12.03
N CYS C 48 4.14 5.37 -12.23
CA CYS C 48 3.86 6.30 -11.12
C CYS C 48 2.86 7.36 -11.51
N ASN C 49 1.80 7.48 -10.75
CA ASN C 49 0.73 8.41 -10.80
C ASN C 49 0.09 8.27 -12.18
N ARG C 50 0.48 9.13 -13.11
CA ARG C 50 -0.04 9.02 -14.49
C ARG C 50 1.08 8.87 -15.57
N LEU C 51 2.18 8.22 -15.21
CA LEU C 51 3.25 8.04 -16.12
C LEU C 51 3.64 6.56 -16.10
N ILE C 52 3.80 5.94 -17.27
CA ILE C 52 4.46 4.65 -17.42
C ILE C 52 5.68 4.87 -18.26
N VAL C 53 6.84 4.45 -17.81
CA VAL C 53 8.09 4.55 -18.54
C VAL C 53 8.55 3.17 -18.89
N ILE C 54 8.75 2.94 -20.19
CA ILE C 54 9.22 1.69 -20.70
C ILE C 54 10.67 1.92 -21.16
N ALA C 55 11.59 1.28 -20.47
CA ALA C 55 12.99 1.49 -20.72
C ALA C 55 13.74 0.18 -20.77
N GLY C 56 15.04 0.29 -20.82
CA GLY C 56 15.94 -0.87 -20.87
C GLY C 56 16.66 -1.00 -22.19
N GLU C 57 17.26 -2.18 -22.40
CA GLU C 57 18.18 -2.37 -23.50
C GLU C 57 17.62 -3.55 -24.27
N ILE C 58 17.39 -3.30 -25.54
CA ILE C 58 16.82 -4.31 -26.46
C ILE C 58 17.59 -4.25 -27.73
N THR C 59 18.11 -5.41 -28.20
CA THR C 59 18.59 -5.49 -29.58
C THR C 59 17.82 -6.59 -30.22
N THR C 60 17.11 -6.29 -31.28
CA THR C 60 16.17 -7.29 -31.85
C THR C 60 15.81 -6.93 -33.24
N HIS C 61 15.43 -7.95 -34.02
CA HIS C 61 14.77 -7.70 -35.33
C HIS C 61 13.25 -7.54 -35.18
N ALA C 62 12.70 -7.81 -34.03
CA ALA C 62 11.30 -7.61 -33.78
C ALA C 62 10.91 -6.17 -33.68
N TYR C 63 9.62 -5.89 -33.78
CA TYR C 63 9.05 -4.62 -33.40
C TYR C 63 7.93 -4.88 -32.44
N VAL C 64 7.96 -4.25 -31.26
CA VAL C 64 6.87 -4.37 -30.31
C VAL C 64 6.23 -3.01 -30.12
N ASP C 65 4.92 -2.94 -30.25
CA ASP C 65 4.18 -1.75 -29.93
C ASP C 65 4.02 -1.68 -28.44
N VAL C 66 4.82 -0.85 -27.80
CA VAL C 66 4.90 -0.88 -26.33
C VAL C 66 3.62 -0.26 -25.75
N VAL C 67 2.98 0.68 -26.45
CA VAL C 67 1.79 1.27 -25.99
C VAL C 67 0.64 0.26 -26.02
N LYS C 68 0.45 -0.41 -27.15
CA LYS C 68 -0.54 -1.43 -27.25
C LYS C 68 -0.31 -2.54 -26.21
N THR C 69 0.91 -2.91 -26.02
CA THR C 69 1.26 -3.95 -24.98
C THR C 69 0.91 -3.50 -23.59
N ALA C 70 1.21 -2.24 -23.25
CA ALA C 70 0.88 -1.74 -21.99
C ALA C 70 -0.63 -1.74 -21.75
N TRP C 71 -1.40 -1.32 -22.78
CA TRP C 71 -2.84 -1.34 -22.68
C TRP C 71 -3.38 -2.74 -22.47
N GLU C 72 -2.75 -3.76 -23.03
CA GLU C 72 -3.17 -5.15 -22.79
C GLU C 72 -3.07 -5.57 -21.34
N ILE C 73 -2.15 -4.99 -20.60
CA ILE C 73 -2.01 -5.27 -19.19
C ILE C 73 -2.97 -4.42 -18.39
N ILE C 74 -3.09 -3.12 -18.70
CA ILE C 74 -3.82 -2.21 -17.82
C ILE C 74 -5.36 -2.20 -18.05
N LYS C 75 -5.81 -2.47 -19.28
CA LYS C 75 -7.28 -2.49 -19.56
C LYS C 75 -8.08 -3.52 -18.76
N PRO C 76 -7.60 -4.74 -18.58
CA PRO C 76 -8.38 -5.65 -17.73
C PRO C 76 -8.37 -5.27 -16.24
N LEU C 77 -7.54 -4.31 -15.83
CA LEU C 77 -7.55 -3.79 -14.48
C LEU C 77 -8.45 -2.59 -14.35
N GLY C 78 -9.02 -2.10 -15.44
CA GLY C 78 -9.98 -1.02 -15.38
C GLY C 78 -9.43 0.31 -15.83
N TYR C 79 -8.19 0.38 -16.28
CA TYR C 79 -7.66 1.64 -16.79
C TYR C 79 -8.03 1.80 -18.26
N ASP C 80 -7.96 3.02 -18.75
CA ASP C 80 -8.20 3.22 -20.16
C ASP C 80 -7.03 3.93 -20.87
N GLU C 81 -7.25 4.25 -22.14
CA GLU C 81 -6.21 4.78 -23.00
C GLU C 81 -5.77 6.18 -22.68
N ASN C 82 -6.51 6.89 -21.85
CA ASN C 82 -6.15 8.24 -21.48
C ASN C 82 -5.61 8.34 -20.07
N ASP C 83 -5.46 7.23 -19.34
CA ASP C 83 -5.00 7.32 -17.97
C ASP C 83 -3.49 7.59 -17.84
N PHE C 84 -2.66 7.11 -18.78
CA PHE C 84 -1.22 7.30 -18.61
C PHE C 84 -0.55 7.93 -19.83
N THR C 85 0.41 8.80 -19.54
CA THR C 85 1.47 9.13 -20.47
C THR C 85 2.40 7.92 -20.55
N ILE C 86 2.79 7.54 -21.75
CA ILE C 86 3.70 6.42 -21.93
C ILE C 86 4.98 6.97 -22.54
N ILE C 87 6.11 6.65 -21.92
CA ILE C 87 7.40 7.03 -22.39
C ILE C 87 8.12 5.80 -22.85
N SER C 88 8.59 5.79 -24.11
CA SER C 88 9.35 4.70 -24.64
C SER C 88 10.79 5.14 -24.81
N ASN C 89 11.68 4.53 -24.02
CA ASN C 89 13.11 4.88 -23.99
C ASN C 89 13.92 3.61 -24.14
N VAL C 90 13.86 3.03 -25.31
CA VAL C 90 14.43 1.70 -25.54
C VAL C 90 15.81 1.94 -26.12
N ASN C 91 16.83 1.59 -25.35
CA ASN C 91 18.21 1.70 -25.85
C ASN C 91 18.62 0.34 -26.44
N LYS C 92 19.73 0.28 -27.16
CA LYS C 92 20.26 -1.03 -27.62
C LYS C 92 21.13 -1.70 -26.50
N GLN C 93 21.31 -2.98 -26.61
CA GLN C 93 22.29 -3.70 -25.74
C GLN C 93 23.68 -3.23 -26.05
N SER C 94 24.45 -2.93 -24.99
CA SER C 94 25.82 -2.62 -25.08
C SER C 94 26.57 -3.65 -25.92
N VAL C 95 27.29 -3.18 -26.92
CA VAL C 95 28.05 -4.11 -27.75
C VAL C 95 29.19 -4.77 -26.95
N ASP C 96 29.63 -4.10 -25.86
CA ASP C 96 30.68 -4.69 -25.01
C ASP C 96 30.12 -5.90 -24.22
N ILE C 97 28.84 -5.86 -23.83
CA ILE C 97 28.24 -7.02 -23.17
C ILE C 97 28.04 -8.10 -24.25
N ALA C 98 27.48 -7.66 -25.38
CA ALA C 98 27.08 -8.64 -26.41
C ALA C 98 28.21 -9.54 -26.88
N GLN C 99 29.39 -9.00 -27.08
CA GLN C 99 30.51 -9.78 -27.61
C GLN C 99 30.95 -10.83 -26.58
N SER C 100 30.73 -10.57 -25.28
CA SER C 100 31.06 -11.53 -24.24
CA SER C 100 31.05 -11.53 -24.23
C SER C 100 30.05 -12.69 -24.17
N VAL C 101 28.78 -12.39 -24.40
CA VAL C 101 27.71 -13.36 -24.34
C VAL C 101 27.71 -14.22 -25.61
N ASP C 102 27.86 -13.58 -26.76
CA ASP C 102 27.78 -14.29 -28.07
C ASP C 102 29.13 -14.84 -28.48
N LYS C 103 29.48 -15.98 -27.99
CA LYS C 103 30.83 -16.43 -28.15
C LYS C 103 30.75 -17.13 -29.51
N THR C 104 30.61 -16.51 -30.66
CA THR C 104 30.25 -17.26 -31.91
C THR C 104 31.34 -18.30 -32.27
N ASN C 105 32.59 -17.86 -32.15
CA ASN C 105 33.75 -18.79 -32.09
C ASN C 105 33.48 -20.22 -31.54
N LYS C 106 32.92 -20.38 -30.31
CA LYS C 106 32.91 -21.65 -29.68
C LYS C 106 31.57 -22.39 -29.65
N ASN C 107 30.46 -21.83 -30.15
CA ASN C 107 29.19 -22.51 -29.98
C ASN C 107 28.60 -22.50 -28.51
N LEU C 108 28.99 -21.46 -27.84
CA LEU C 108 28.66 -21.30 -26.42
C LEU C 108 27.83 -20.00 -26.21
N ILE C 109 27.20 -19.87 -25.08
CA ILE C 109 26.64 -18.68 -24.57
C ILE C 109 27.39 -18.36 -23.27
N GLY C 110 27.94 -17.19 -23.20
CA GLY C 110 28.56 -16.70 -21.98
C GLY C 110 27.44 -16.08 -21.11
N ALA C 111 27.61 -16.17 -19.78
CA ALA C 111 26.66 -15.59 -18.87
C ALA C 111 26.47 -14.12 -19.17
N GLY C 112 25.24 -13.63 -19.08
CA GLY C 112 24.99 -12.22 -19.40
C GLY C 112 25.41 -11.27 -18.32
N ASP C 113 25.80 -11.78 -17.18
CA ASP C 113 26.30 -10.92 -16.07
C ASP C 113 27.00 -11.87 -15.06
N GLN C 114 27.69 -11.26 -14.10
CA GLN C 114 28.02 -12.01 -12.90
C GLN C 114 26.70 -12.21 -12.10
N GLY C 115 26.76 -12.95 -11.02
CA GLY C 115 25.68 -12.97 -10.03
C GLY C 115 25.48 -14.27 -9.35
N ILE C 116 24.61 -14.24 -8.39
CA ILE C 116 24.26 -15.45 -7.60
C ILE C 116 22.78 -15.67 -7.71
N VAL C 117 22.39 -16.92 -7.89
CA VAL C 117 20.99 -17.30 -7.91
C VAL C 117 20.77 -18.47 -6.99
N PHE C 118 19.56 -18.59 -6.45
CA PHE C 118 19.20 -19.72 -5.63
C PHE C 118 17.94 -20.38 -6.21
N GLY C 119 17.96 -21.69 -6.27
CA GLY C 119 16.81 -22.51 -6.51
C GLY C 119 16.42 -23.23 -5.22
N TYR C 120 15.13 -23.44 -5.02
CA TYR C 120 14.62 -24.00 -3.75
C TYR C 120 13.48 -24.93 -4.04
N ALA C 121 13.33 -25.99 -3.23
CA ALA C 121 12.13 -26.77 -3.24
C ALA C 121 11.98 -27.46 -1.87
N CYS C 122 10.75 -27.80 -1.53
CA CYS C 122 10.43 -28.47 -0.28
C CYS C 122 9.22 -29.37 -0.52
N ASP C 123 8.93 -30.27 0.44
CA ASP C 123 7.87 -31.25 0.22
C ASP C 123 6.58 -30.86 0.94
N GLU C 124 6.38 -29.58 1.27
CA GLU C 124 5.18 -29.20 2.04
C GLU C 124 3.94 -29.18 1.21
N THR C 125 4.02 -29.01 -0.14
CA THR C 125 2.84 -28.83 -0.93
C THR C 125 3.00 -29.69 -2.18
N PRO C 126 1.93 -29.94 -2.90
CA PRO C 126 2.05 -30.67 -4.17
C PRO C 126 2.89 -29.88 -5.20
N GLN C 127 2.96 -28.57 -5.03
CA GLN C 127 3.80 -27.73 -5.86
C GLN C 127 5.28 -27.76 -5.53
N TYR C 128 5.65 -28.47 -4.47
CA TYR C 128 6.98 -28.48 -3.93
C TYR C 128 7.49 -27.08 -3.51
N MET C 129 6.59 -26.31 -2.92
CA MET C 129 6.84 -24.95 -2.48
C MET C 129 6.47 -24.76 -1.05
N PRO C 130 7.02 -23.71 -0.42
CA PRO C 130 6.60 -23.31 0.93
C PRO C 130 5.13 -23.05 0.99
N LEU C 131 4.49 -23.60 2.01
CA LEU C 131 3.07 -23.42 2.15
C LEU C 131 2.66 -21.98 2.33
N THR C 132 3.44 -21.19 3.04
CA THR C 132 3.13 -19.79 3.21
C THR C 132 2.92 -19.07 1.85
N SER C 133 3.84 -19.29 0.90
CA SER C 133 3.78 -18.68 -0.41
CA SER C 133 3.78 -18.69 -0.40
C SER C 133 2.60 -19.21 -1.19
N VAL C 134 2.41 -20.52 -1.16
CA VAL C 134 1.29 -21.14 -1.90
C VAL C 134 -0.03 -20.53 -1.48
N LEU C 135 -0.25 -20.45 -0.16
CA LEU C 135 -1.53 -19.94 0.33
C LEU C 135 -1.67 -18.44 -0.04
N ALA C 136 -0.59 -17.69 0.08
CA ALA C 136 -0.67 -16.22 -0.14
C ALA C 136 -1.11 -15.97 -1.63
N HIS C 137 -0.52 -16.67 -2.54
CA HIS C 137 -0.86 -16.55 -3.96
C HIS C 137 -2.31 -17.04 -4.22
N GLU C 138 -2.68 -18.17 -3.62
CA GLU C 138 -4.01 -18.72 -3.86
C GLU C 138 -5.11 -17.80 -3.42
N LEU C 139 -4.90 -17.07 -2.35
CA LEU C 139 -5.87 -16.10 -1.89
C LEU C 139 -6.10 -15.06 -2.94
N LEU C 140 -5.04 -14.51 -3.51
CA LEU C 140 -5.19 -13.41 -4.43
C LEU C 140 -5.68 -13.89 -5.79
N LYS C 141 -5.31 -15.08 -6.18
CA LYS C 141 -5.81 -15.65 -7.46
C LYS C 141 -7.31 -15.83 -7.38
N GLU C 142 -7.79 -16.32 -6.24
CA GLU C 142 -9.24 -16.48 -6.07
C GLU C 142 -9.98 -15.16 -5.99
N ILE C 143 -9.46 -14.16 -5.29
CA ILE C 143 -10.13 -12.89 -5.22
C ILE C 143 -10.19 -12.25 -6.65
N GLU C 144 -9.09 -12.35 -7.43
CA GLU C 144 -9.05 -11.73 -8.70
C GLU C 144 -9.98 -12.53 -9.66
N ARG C 145 -10.03 -13.84 -9.50
CA ARG C 145 -10.96 -14.65 -10.28
C ARG C 145 -12.42 -14.18 -10.04
N GLN C 146 -12.77 -13.97 -8.78
CA GLN C 146 -14.07 -13.50 -8.43
C GLN C 146 -14.35 -12.06 -8.84
N ARG C 147 -13.34 -11.20 -8.81
CA ARG C 147 -13.50 -9.83 -9.31
C ARG C 147 -13.94 -9.86 -10.78
N ARG C 148 -13.29 -10.69 -11.55
CA ARG C 148 -13.55 -10.75 -13.01
C ARG C 148 -14.87 -11.44 -13.31
N SER C 149 -15.25 -12.45 -12.60
CA SER C 149 -16.52 -13.16 -12.84
C SER C 149 -17.71 -12.39 -12.20
N LYS C 150 -17.45 -11.34 -11.41
CA LYS C 150 -18.44 -10.59 -10.66
C LYS C 150 -19.08 -11.33 -9.51
N GLU C 151 -18.44 -12.39 -9.02
CA GLU C 151 -18.84 -13.05 -7.82
C GLU C 151 -18.49 -12.22 -6.58
N PHE C 152 -17.51 -11.32 -6.70
CA PHE C 152 -17.08 -10.46 -5.58
C PHE C 152 -17.14 -9.07 -6.15
N ILE C 153 -18.12 -8.29 -5.74
CA ILE C 153 -18.34 -6.98 -6.34
C ILE C 153 -17.74 -5.89 -5.49
N LYS C 154 -17.65 -4.72 -6.11
CA LYS C 154 -17.19 -3.46 -5.50
C LYS C 154 -15.75 -3.53 -4.96
N ILE C 155 -14.93 -4.27 -5.67
CA ILE C 155 -13.49 -4.29 -5.48
C ILE C 155 -12.73 -3.96 -6.74
N GLN C 156 -11.44 -3.63 -6.57
CA GLN C 156 -10.58 -3.26 -7.65
C GLN C 156 -9.38 -4.22 -7.67
N ALA C 157 -8.46 -4.04 -8.58
CA ALA C 157 -7.40 -5.04 -8.83
C ALA C 157 -6.15 -4.95 -8.01
N ASP C 158 -5.90 -3.85 -7.34
CA ASP C 158 -4.73 -3.68 -6.45
C ASP C 158 -5.04 -4.41 -5.15
N MET C 159 -4.19 -5.33 -4.75
CA MET C 159 -4.39 -6.14 -3.55
C MET C 159 -3.09 -6.81 -3.11
N LYS C 160 -3.04 -7.21 -1.87
CA LYS C 160 -1.86 -7.85 -1.25
C LYS C 160 -2.35 -8.87 -0.25
N SER C 161 -1.56 -9.88 -0.02
CA SER C 161 -1.84 -10.88 0.99
C SER C 161 -0.60 -11.24 1.74
N GLN C 162 -0.75 -11.81 2.94
CA GLN C 162 0.35 -12.21 3.73
C GLN C 162 -0.13 -13.38 4.59
N VAL C 163 0.58 -14.48 4.58
CA VAL C 163 0.16 -15.67 5.31
C VAL C 163 1.25 -16.12 6.25
N SER C 164 0.89 -16.25 7.54
CA SER C 164 1.80 -16.72 8.57
C SER C 164 1.42 -18.13 9.01
N ILE C 165 2.38 -19.04 9.02
CA ILE C 165 2.20 -20.41 9.41
C ILE C 165 3.08 -20.71 10.62
N ASP C 166 2.47 -21.46 11.57
CA ASP C 166 3.21 -21.92 12.73
C ASP C 166 3.76 -23.32 12.46
N TYR C 167 5.08 -23.38 12.39
CA TYR C 167 5.82 -24.62 12.13
C TYR C 167 6.49 -25.09 13.42
N SER C 168 6.00 -24.69 14.59
CA SER C 168 6.64 -25.07 15.89
C SER C 168 6.67 -26.58 16.11
N ASN C 169 5.66 -27.30 15.63
CA ASN C 169 5.54 -28.76 15.68
C ASN C 169 5.46 -29.34 14.31
N SER C 170 5.35 -30.66 14.15
CA SER C 170 5.60 -31.23 12.78
C SER C 170 4.49 -30.95 11.78
N THR C 171 3.26 -30.82 12.22
CA THR C 171 2.15 -30.43 11.37
C THR C 171 2.11 -28.85 11.38
N PRO C 172 2.13 -28.26 10.18
CA PRO C 172 1.90 -26.82 10.08
C PRO C 172 0.50 -26.43 10.48
N LEU C 173 0.33 -25.30 11.13
CA LEU C 173 -0.99 -24.71 11.36
C LEU C 173 -0.98 -23.29 10.84
N ILE C 174 -2.09 -22.84 10.26
CA ILE C 174 -2.11 -21.44 9.86
C ILE C 174 -2.23 -20.58 11.14
N GLU C 175 -1.42 -19.57 11.27
CA GLU C 175 -1.49 -18.63 12.35
C GLU C 175 -2.28 -17.40 12.01
N THR C 176 -2.02 -16.78 10.86
CA THR C 176 -2.70 -15.58 10.38
C THR C 176 -2.87 -15.59 8.84
N MET C 177 -4.02 -15.19 8.34
CA MET C 177 -4.16 -14.79 6.94
C MET C 177 -4.54 -13.32 6.93
N LEU C 178 -3.83 -12.53 6.10
CA LEU C 178 -4.03 -11.12 5.98
C LEU C 178 -4.24 -10.81 4.52
N VAL C 179 -5.25 -9.99 4.22
CA VAL C 179 -5.46 -9.50 2.88
C VAL C 179 -5.79 -8.03 2.98
N SER C 180 -5.32 -7.26 1.99
CA SER C 180 -5.79 -5.90 1.74
C SER C 180 -6.23 -5.81 0.29
N ILE C 181 -7.46 -5.34 0.05
CA ILE C 181 -8.03 -5.27 -1.29
C ILE C 181 -8.54 -3.88 -1.51
N GLN C 182 -8.14 -3.26 -2.63
CA GLN C 182 -8.67 -1.97 -3.01
C GLN C 182 -10.19 -2.13 -3.25
N HIS C 183 -10.95 -1.22 -2.71
CA HIS C 183 -12.43 -1.31 -2.76
C HIS C 183 -13.06 -0.01 -3.23
N ASP C 184 -14.26 -0.12 -3.75
CA ASP C 184 -15.02 1.07 -4.16
C ASP C 184 -15.48 1.87 -2.93
N GLU C 185 -15.63 3.16 -3.17
CA GLU C 185 -16.10 4.10 -2.15
C GLU C 185 -17.40 3.66 -1.49
N ASP C 186 -18.32 3.16 -2.28
CA ASP C 186 -19.65 2.78 -1.83
C ASP C 186 -19.76 1.32 -1.43
N TYR C 187 -18.64 0.68 -1.10
CA TYR C 187 -18.69 -0.73 -0.73
C TYR C 187 -19.45 -0.94 0.62
N ASP C 188 -19.78 -2.19 0.84
CA ASP C 188 -20.39 -2.64 2.04
C ASP C 188 -19.39 -3.49 2.79
N VAL C 189 -18.86 -2.93 3.88
CA VAL C 189 -17.77 -3.53 4.62
C VAL C 189 -18.18 -4.89 5.19
N GLU C 190 -19.44 -5.04 5.55
CA GLU C 190 -19.91 -6.33 6.08
C GLU C 190 -19.91 -7.43 5.02
N TYR C 191 -20.37 -7.11 3.85
CA TYR C 191 -20.32 -8.03 2.69
C TYR C 191 -18.85 -8.37 2.36
N PHE C 192 -18.03 -7.34 2.33
CA PHE C 192 -16.58 -7.48 1.99
C PHE C 192 -15.88 -8.40 2.98
N ASN C 193 -16.06 -8.16 4.29
CA ASN C 193 -15.47 -9.01 5.32
C ASN C 193 -15.90 -10.44 5.22
N LYS C 194 -17.19 -10.66 4.95
CA LYS C 194 -17.73 -12.02 4.80
C LYS C 194 -17.15 -12.72 3.53
N LYS C 195 -17.08 -12.02 2.41
CA LYS C 195 -16.48 -12.59 1.21
C LYS C 195 -15.00 -13.00 1.43
N VAL C 196 -14.23 -12.14 2.05
CA VAL C 196 -12.81 -12.39 2.26
C VAL C 196 -12.67 -13.55 3.24
N SER C 197 -13.46 -13.56 4.30
N SER C 197 -13.46 -13.56 4.30
CA SER C 197 -13.42 -14.65 5.30
CA SER C 197 -13.41 -14.64 5.30
C SER C 197 -13.70 -15.97 4.69
C SER C 197 -13.71 -15.97 4.70
N ALA C 198 -14.70 -16.04 3.83
CA ALA C 198 -15.04 -17.30 3.15
C ALA C 198 -13.92 -17.75 2.20
N ILE C 199 -13.31 -16.79 1.46
CA ILE C 199 -12.20 -17.15 0.57
C ILE C 199 -11.03 -17.71 1.38
N MET C 200 -10.70 -17.04 2.50
CA MET C 200 -9.66 -17.51 3.36
C MET C 200 -9.91 -18.93 3.85
N GLU C 201 -11.12 -19.19 4.27
CA GLU C 201 -11.49 -20.56 4.75
C GLU C 201 -11.48 -21.56 3.67
N GLN C 202 -11.94 -21.18 2.50
CA GLN C 202 -11.97 -22.12 1.34
C GLN C 202 -10.50 -22.49 0.98
N ILE C 203 -9.60 -21.53 0.98
CA ILE C 203 -8.17 -21.88 0.67
C ILE C 203 -7.58 -22.79 1.75
N ALA C 204 -7.82 -22.47 3.02
CA ALA C 204 -7.36 -23.37 4.09
C ALA C 204 -7.87 -24.80 3.94
N LYS C 205 -9.14 -24.94 3.66
CA LYS C 205 -9.79 -26.27 3.45
C LYS C 205 -9.27 -26.95 2.25
N LYS C 206 -9.00 -26.22 1.19
CA LYS C 206 -8.31 -26.85 0.02
C LYS C 206 -7.02 -27.52 0.37
N TYR C 207 -6.28 -27.00 1.33
CA TYR C 207 -5.00 -27.61 1.70
C TYR C 207 -5.10 -28.45 3.00
N ASN C 208 -6.34 -28.77 3.42
CA ASN C 208 -6.60 -29.58 4.64
CA ASN C 208 -6.59 -29.58 4.63
C ASN C 208 -6.02 -28.98 5.88
N LEU C 209 -6.13 -27.66 6.02
CA LEU C 209 -5.55 -27.01 7.21
C LEU C 209 -6.65 -26.55 8.14
N ASN C 210 -6.27 -26.03 9.29
CA ASN C 210 -7.22 -25.44 10.23
C ASN C 210 -7.90 -24.24 9.66
N THR C 211 -9.11 -23.95 10.15
CA THR C 211 -9.85 -22.72 9.75
C THR C 211 -10.05 -21.71 10.84
N ASN C 212 -9.41 -21.93 12.00
CA ASN C 212 -9.55 -21.02 13.14
C ASN C 212 -8.27 -20.17 13.34
N PHE C 213 -7.82 -19.53 12.34
CA PHE C 213 -6.64 -18.65 12.40
C PHE C 213 -7.09 -17.20 12.51
N LYS C 214 -6.19 -16.33 12.90
CA LYS C 214 -6.47 -14.88 12.92
C LYS C 214 -6.62 -14.38 11.48
N LYS C 215 -7.58 -13.50 11.29
CA LYS C 215 -7.84 -12.90 9.97
C LYS C 215 -7.65 -11.41 10.08
N ILE C 216 -6.77 -10.85 9.23
CA ILE C 216 -6.60 -9.45 9.24
C ILE C 216 -7.09 -8.97 7.85
N ILE C 217 -8.16 -8.19 7.84
CA ILE C 217 -8.84 -7.84 6.62
C ILE C 217 -8.85 -6.33 6.50
N ASN C 218 -8.17 -5.79 5.48
CA ASN C 218 -8.09 -4.36 5.23
C ASN C 218 -7.75 -3.55 6.51
N SER C 219 -6.60 -3.85 7.07
CA SER C 219 -6.15 -3.22 8.30
C SER C 219 -6.00 -1.73 8.21
N SER C 220 -5.76 -1.16 7.02
CA SER C 220 -5.65 0.32 6.93
C SER C 220 -6.94 1.00 7.22
N GLY C 221 -8.04 0.28 6.99
CA GLY C 221 -9.38 0.81 7.23
C GLY C 221 -9.93 1.55 6.04
N ARG C 222 -9.15 1.86 5.01
CA ARG C 222 -9.67 2.47 3.81
C ARG C 222 -8.61 2.35 2.70
N PHE C 223 -9.04 1.86 1.54
CA PHE C 223 -8.15 1.57 0.42
C PHE C 223 -8.95 1.80 -0.83
N VAL C 224 -9.18 3.08 -1.10
CA VAL C 224 -9.92 3.47 -2.30
C VAL C 224 -8.92 3.94 -3.37
N ILE C 225 -7.99 4.77 -3.01
CA ILE C 225 -6.85 5.16 -3.85
C ILE C 225 -5.93 3.92 -3.97
N GLY C 226 -5.57 3.56 -5.19
CA GLY C 226 -4.67 2.44 -5.40
C GLY C 226 -4.05 2.47 -6.79
N GLY C 227 -3.43 1.35 -7.10
CA GLY C 227 -2.59 1.25 -8.27
C GLY C 227 -1.45 2.23 -8.27
N PRO C 228 -0.99 2.61 -9.47
CA PRO C 228 0.13 3.57 -9.52
C PRO C 228 -0.17 4.95 -8.96
N ILE C 229 -1.43 5.29 -8.80
CA ILE C 229 -1.81 6.54 -8.14
C ILE C 229 -1.45 6.57 -6.68
N GLY C 230 -1.63 5.44 -5.98
CA GLY C 230 -1.31 5.31 -4.62
C GLY C 230 0.14 4.96 -4.30
N ASP C 231 0.84 4.37 -5.25
CA ASP C 231 2.17 3.87 -5.00
C ASP C 231 2.89 3.60 -6.32
N THR C 232 4.14 3.95 -6.40
CA THR C 232 4.97 3.74 -7.58
C THR C 232 5.36 2.30 -7.76
N GLY C 233 5.14 1.77 -8.96
CA GLY C 233 5.67 0.49 -9.25
C GLY C 233 6.92 0.52 -10.13
N LEU C 234 7.74 -0.51 -10.01
CA LEU C 234 8.92 -0.69 -10.85
C LEU C 234 9.10 -2.19 -11.10
N THR C 235 9.65 -2.53 -12.26
CA THR C 235 9.96 -3.89 -12.53
C THR C 235 11.01 -4.42 -11.52
N GLY C 236 10.84 -5.65 -11.06
CA GLY C 236 11.83 -6.34 -10.24
C GLY C 236 11.92 -5.86 -8.80
N ARG C 237 10.77 -5.43 -8.28
CA ARG C 237 10.63 -4.98 -6.89
C ARG C 237 9.75 -5.94 -6.09
N LYS C 238 9.43 -7.10 -6.70
CA LYS C 238 8.74 -8.14 -5.95
C LYS C 238 9.44 -9.47 -6.06
N ILE C 239 10.76 -9.45 -5.92
CA ILE C 239 11.56 -10.66 -6.21
C ILE C 239 11.34 -11.80 -5.22
N ILE C 240 10.88 -11.49 -4.04
CA ILE C 240 10.62 -12.53 -3.01
C ILE C 240 9.24 -13.12 -3.24
N VAL C 241 8.27 -12.28 -3.58
CA VAL C 241 6.96 -12.79 -4.07
C VAL C 241 7.09 -13.63 -5.33
N ASP C 242 8.05 -13.28 -6.19
CA ASP C 242 8.29 -14.04 -7.43
C ASP C 242 8.96 -15.37 -7.19
N THR C 243 9.52 -15.56 -6.01
CA THR C 243 10.34 -16.73 -5.77
C THR C 243 9.77 -17.55 -4.61
N TYR C 244 10.38 -17.52 -3.42
CA TYR C 244 10.02 -18.53 -2.40
C TYR C 244 9.59 -17.87 -1.05
N GLY C 245 9.13 -16.62 -1.09
CA GLY C 245 8.50 -16.03 0.04
C GLY C 245 9.38 -15.84 1.25
N GLY C 246 10.67 -15.76 1.07
CA GLY C 246 11.52 -15.48 2.19
C GLY C 246 11.99 -16.81 2.89
N VAL C 247 11.43 -17.98 2.52
CA VAL C 247 11.93 -19.26 2.99
C VAL C 247 13.22 -19.58 2.24
N GLY C 248 13.20 -19.31 0.91
CA GLY C 248 14.42 -19.54 0.10
C GLY C 248 15.29 -18.22 0.20
N HIS C 249 16.59 -18.40 0.04
CA HIS C 249 17.49 -17.25 -0.10
C HIS C 249 17.32 -16.68 -1.49
N HIS C 250 17.85 -15.49 -1.68
CA HIS C 250 17.76 -14.81 -2.95
C HIS C 250 19.06 -14.10 -3.24
N GLY C 251 19.48 -14.12 -4.48
CA GLY C 251 20.73 -13.45 -4.87
C GLY C 251 20.59 -11.99 -5.37
N GLY C 252 19.36 -11.54 -5.48
CA GLY C 252 19.03 -10.14 -5.83
C GLY C 252 18.59 -9.83 -7.23
N GLY C 253 18.69 -10.80 -8.11
CA GLY C 253 18.36 -10.58 -9.53
C GLY C 253 16.85 -10.64 -9.81
N ALA C 254 16.33 -9.74 -10.63
CA ALA C 254 14.94 -9.78 -10.98
C ALA C 254 14.73 -10.61 -12.25
N PHE C 255 13.55 -11.14 -12.47
CA PHE C 255 13.30 -12.02 -13.68
C PHE C 255 12.67 -11.26 -14.88
N SER C 256 11.64 -10.47 -14.62
CA SER C 256 10.78 -10.01 -15.68
C SER C 256 11.49 -9.08 -16.64
N GLY C 257 11.19 -9.29 -17.94
CA GLY C 257 11.72 -8.42 -19.00
C GLY C 257 13.02 -8.94 -19.61
N LYS C 258 13.58 -10.04 -19.10
CA LYS C 258 14.93 -10.50 -19.45
C LYS C 258 14.84 -11.76 -20.34
N ASP C 259 15.66 -11.77 -21.40
CA ASP C 259 15.78 -12.94 -22.27
C ASP C 259 16.64 -13.99 -21.50
N PRO C 260 16.66 -15.21 -21.96
CA PRO C 260 17.33 -16.31 -21.23
C PRO C 260 18.86 -16.22 -21.13
N THR C 261 19.53 -15.31 -21.87
CA THR C 261 20.96 -15.13 -21.69
C THR C 261 21.26 -14.38 -20.41
N LYS C 262 20.24 -13.80 -19.81
CA LYS C 262 20.42 -13.13 -18.47
C LYS C 262 20.27 -14.30 -17.49
N VAL C 263 21.38 -14.74 -16.92
CA VAL C 263 21.36 -15.89 -16.01
C VAL C 263 20.61 -15.67 -14.74
N ASP C 264 20.43 -14.43 -14.31
CA ASP C 264 19.49 -14.13 -13.22
C ASP C 264 18.16 -14.85 -13.39
N ARG C 265 17.67 -14.90 -14.63
CA ARG C 265 16.45 -15.62 -14.89
C ARG C 265 16.69 -17.08 -15.21
N SER C 266 17.43 -17.37 -16.28
CA SER C 266 17.54 -18.72 -16.77
C SER C 266 18.22 -19.66 -15.71
N ALA C 267 19.21 -19.19 -15.01
CA ALA C 267 19.85 -20.05 -14.02
C ALA C 267 19.02 -20.21 -12.76
N SER C 268 18.18 -19.23 -12.45
CA SER C 268 17.22 -19.37 -11.38
C SER C 268 16.22 -20.49 -11.67
N TYR C 269 15.76 -20.53 -12.92
CA TYR C 269 14.85 -21.58 -13.33
C TYR C 269 15.52 -22.93 -13.32
N PHE C 270 16.74 -22.97 -13.85
CA PHE C 270 17.54 -24.18 -13.83
C PHE C 270 17.77 -24.71 -12.41
N ALA C 271 18.13 -23.83 -11.47
CA ALA C 271 18.34 -24.23 -10.12
C ALA C 271 17.06 -24.74 -9.44
N ARG C 272 15.92 -24.11 -9.74
CA ARG C 272 14.63 -24.61 -9.26
C ARG C 272 14.40 -26.04 -9.78
N TRP C 273 14.67 -26.24 -11.06
CA TRP C 273 14.42 -27.54 -11.71
C TRP C 273 15.26 -28.64 -10.99
N ILE C 274 16.50 -28.29 -10.67
CA ILE C 274 17.35 -29.25 -9.95
C ILE C 274 16.78 -29.50 -8.55
N ALA C 275 16.54 -28.43 -7.80
CA ALA C 275 16.08 -28.58 -6.44
C ALA C 275 14.74 -29.38 -6.33
N LYS C 276 13.83 -29.09 -7.26
CA LYS C 276 12.54 -29.75 -7.25
C LYS C 276 12.68 -31.23 -7.51
N ASN C 277 13.56 -31.57 -8.44
CA ASN C 277 13.76 -32.97 -8.79
C ASN C 277 14.47 -33.73 -7.66
N VAL C 278 15.37 -33.05 -6.95
CA VAL C 278 16.06 -33.66 -5.76
C VAL C 278 15.02 -34.02 -4.72
N VAL C 279 14.10 -33.08 -4.44
CA VAL C 279 13.09 -33.32 -3.44
C VAL C 279 12.07 -34.37 -3.90
N ALA C 280 11.64 -34.28 -5.15
CA ALA C 280 10.71 -35.30 -5.70
C ALA C 280 11.32 -36.68 -5.75
N ALA C 281 12.63 -36.80 -5.95
CA ALA C 281 13.32 -38.06 -5.91
C ALA C 281 13.50 -38.61 -4.48
N LYS C 282 13.03 -37.87 -3.47
CA LYS C 282 13.11 -38.25 -2.09
C LYS C 282 14.56 -38.31 -1.60
N LEU C 283 15.44 -37.49 -2.18
CA LEU C 283 16.77 -37.41 -1.67
C LEU C 283 16.88 -36.49 -0.43
N ALA C 284 15.92 -35.57 -0.31
CA ALA C 284 15.85 -34.61 0.76
C ALA C 284 14.41 -34.10 0.88
N LYS C 285 14.06 -33.49 2.00
CA LYS C 285 12.76 -32.89 2.16
C LYS C 285 12.79 -31.43 1.68
N GLN C 286 13.94 -30.78 1.79
CA GLN C 286 14.18 -29.40 1.35
C GLN C 286 15.50 -29.38 0.65
N CYS C 287 15.63 -28.60 -0.43
CA CYS C 287 16.86 -28.48 -1.13
C CYS C 287 17.00 -27.04 -1.65
N GLU C 288 18.13 -26.43 -1.44
CA GLU C 288 18.46 -25.13 -1.96
C GLU C 288 19.77 -25.23 -2.75
N ILE C 289 19.81 -24.70 -3.96
CA ILE C 289 20.96 -24.77 -4.84
C ILE C 289 21.39 -23.34 -5.10
N GLN C 290 22.62 -22.99 -4.75
CA GLN C 290 23.17 -21.71 -5.09
CA GLN C 290 23.18 -21.71 -5.09
C GLN C 290 24.12 -21.88 -6.27
N LEU C 291 24.02 -20.99 -7.29
CA LEU C 291 24.92 -20.99 -8.43
C LEU C 291 25.44 -19.59 -8.59
N ALA C 292 26.71 -19.42 -8.89
CA ALA C 292 27.33 -18.14 -9.14
C ALA C 292 27.96 -18.12 -10.50
N PHE C 293 27.94 -16.96 -11.13
CA PHE C 293 28.35 -16.76 -12.49
C PHE C 293 29.33 -15.65 -12.68
N ALA C 294 30.02 -15.70 -13.81
CA ALA C 294 30.91 -14.58 -14.24
C ALA C 294 30.51 -14.19 -15.64
N ILE C 295 30.48 -12.91 -15.89
CA ILE C 295 30.03 -12.43 -17.21
C ILE C 295 30.97 -13.00 -18.31
N GLY C 296 30.36 -13.55 -19.35
CA GLY C 296 31.09 -14.11 -20.47
C GLY C 296 31.49 -15.55 -20.31
N GLN C 297 31.37 -16.12 -19.13
CA GLN C 297 31.80 -17.55 -18.92
C GLN C 297 30.61 -18.48 -19.04
N PRO C 298 30.76 -19.58 -19.75
CA PRO C 298 29.61 -20.41 -20.13
C PRO C 298 29.15 -21.36 -19.06
N GLN C 299 29.89 -21.49 -17.96
CA GLN C 299 29.48 -22.32 -16.85
C GLN C 299 29.54 -21.53 -15.55
N PRO C 300 28.83 -22.02 -14.53
CA PRO C 300 28.92 -21.36 -13.23
C PRO C 300 30.32 -21.40 -12.70
N VAL C 301 30.67 -20.43 -11.91
CA VAL C 301 31.96 -20.35 -11.22
C VAL C 301 31.89 -20.97 -9.83
N ALA C 302 30.69 -21.22 -9.28
CA ALA C 302 30.56 -21.90 -8.02
C ALA C 302 29.16 -22.47 -7.92
N MET C 303 29.02 -23.47 -7.06
CA MET C 303 27.80 -24.11 -6.75
C MET C 303 27.85 -24.60 -5.28
N TYR C 304 26.72 -24.51 -4.59
CA TYR C 304 26.54 -25.11 -3.30
C TYR C 304 25.17 -25.72 -3.22
N VAL C 305 25.08 -26.90 -2.59
CA VAL C 305 23.82 -27.61 -2.44
C VAL C 305 23.57 -27.74 -0.97
N ASN C 306 22.43 -27.26 -0.49
CA ASN C 306 22.09 -27.29 0.92
C ASN C 306 20.81 -28.08 1.06
N THR C 307 20.83 -29.15 1.87
CA THR C 307 19.67 -29.91 2.18
C THR C 307 19.14 -29.77 3.60
N PHE C 308 19.67 -28.82 4.35
CA PHE C 308 19.13 -28.35 5.64
C PHE C 308 19.00 -29.51 6.64
N ASN C 309 19.95 -30.44 6.56
CA ASN C 309 19.85 -31.62 7.41
C ASN C 309 18.65 -32.51 7.17
N THR C 310 18.04 -32.46 5.98
CA THR C 310 16.91 -33.30 5.66
C THR C 310 17.27 -34.28 4.62
N ASN C 311 18.55 -34.38 4.27
CA ASN C 311 19.02 -35.35 3.30
C ASN C 311 18.74 -36.78 3.83
N LEU C 312 18.26 -37.65 2.92
CA LEU C 312 17.92 -39.01 3.24
C LEU C 312 19.10 -39.96 2.94
N ILE C 313 20.08 -39.48 2.19
CA ILE C 313 21.31 -40.16 1.90
C ILE C 313 22.43 -39.13 2.11
N ASP C 314 23.67 -39.58 2.04
CA ASP C 314 24.86 -38.78 2.18
C ASP C 314 24.82 -37.58 1.19
N GLU C 315 25.15 -36.38 1.72
CA GLU C 315 25.14 -35.16 0.88
C GLU C 315 26.07 -35.25 -0.29
N THR C 316 27.20 -35.88 -0.14
CA THR C 316 28.12 -36.07 -1.29
C THR C 316 27.49 -36.86 -2.40
N LYS C 317 26.66 -37.86 -2.10
CA LYS C 317 25.99 -38.62 -3.16
C LYS C 317 24.90 -37.78 -3.87
N ILE C 318 24.25 -36.88 -3.15
CA ILE C 318 23.28 -35.95 -3.77
C ILE C 318 24.02 -35.05 -4.77
N PHE C 319 25.11 -34.45 -4.31
CA PHE C 319 25.94 -33.57 -5.08
C PHE C 319 26.42 -34.27 -6.34
N GLU C 320 26.90 -35.49 -6.19
CA GLU C 320 27.35 -36.30 -7.34
C GLU C 320 26.23 -36.62 -8.30
N ALA C 321 25.07 -37.00 -7.77
CA ALA C 321 23.94 -37.33 -8.61
C ALA C 321 23.50 -36.09 -9.45
N ILE C 322 23.53 -34.93 -8.83
CA ILE C 322 23.18 -33.69 -9.52
C ILE C 322 24.19 -33.46 -10.68
N LYS C 323 25.46 -33.59 -10.39
CA LYS C 323 26.52 -33.35 -11.43
C LYS C 323 26.38 -34.33 -12.57
N LYS C 324 26.04 -35.57 -12.28
CA LYS C 324 25.82 -36.56 -13.33
C LYS C 324 24.51 -36.43 -14.08
N SER C 325 23.49 -35.79 -13.50
CA SER C 325 22.18 -35.80 -14.09
C SER C 325 21.90 -34.50 -14.91
N PHE C 326 22.63 -33.45 -14.66
CA PHE C 326 22.30 -32.11 -15.28
C PHE C 326 23.51 -31.58 -16.03
N ASN C 327 23.26 -30.82 -17.07
CA ASN C 327 24.26 -30.15 -17.80
C ASN C 327 24.31 -28.67 -17.45
N PHE C 328 25.46 -28.19 -16.97
CA PHE C 328 25.56 -26.85 -16.42
C PHE C 328 26.04 -25.82 -17.43
N ASP C 329 26.21 -26.24 -18.68
CA ASP C 329 26.58 -25.28 -19.74
C ASP C 329 25.31 -24.42 -20.00
N ILE C 330 25.48 -23.10 -20.01
CA ILE C 330 24.35 -22.15 -20.09
C ILE C 330 23.53 -22.39 -21.38
N LYS C 331 24.18 -22.44 -22.53
CA LYS C 331 23.47 -22.65 -23.76
C LYS C 331 22.63 -23.96 -23.69
N THR C 332 23.22 -24.97 -23.09
CA THR C 332 22.59 -26.25 -23.04
C THR C 332 21.39 -26.25 -22.12
N PHE C 333 21.52 -25.65 -20.92
CA PHE C 333 20.34 -25.67 -20.04
C PHE C 333 19.23 -24.74 -20.52
N ILE C 334 19.60 -23.65 -21.21
CA ILE C 334 18.59 -22.79 -21.82
C ILE C 334 17.76 -23.64 -22.83
N ASN C 335 18.45 -24.42 -23.64
CA ASN C 335 17.76 -25.29 -24.62
C ASN C 335 17.02 -26.46 -23.99
N ASP C 336 17.59 -27.06 -22.93
CA ASP C 336 16.94 -28.15 -22.25
C ASP C 336 15.60 -27.66 -21.67
N LEU C 337 15.53 -26.42 -21.19
CA LEU C 337 14.29 -25.86 -20.63
C LEU C 337 13.43 -25.09 -21.64
N ASN C 338 13.80 -25.13 -22.92
CA ASN C 338 13.04 -24.45 -23.98
C ASN C 338 12.74 -22.97 -23.63
N LEU C 339 13.74 -22.30 -23.10
CA LEU C 339 13.51 -20.96 -22.61
C LEU C 339 13.29 -19.93 -23.72
N TRP C 340 13.76 -20.20 -24.95
CA TRP C 340 13.49 -19.27 -26.05
C TRP C 340 12.05 -19.30 -26.53
N THR C 341 11.32 -20.34 -26.24
CA THR C 341 9.94 -20.53 -26.69
C THR C 341 8.94 -20.60 -25.52
N THR C 342 9.36 -20.32 -24.29
CA THR C 342 8.47 -20.22 -23.19
C THR C 342 7.84 -18.84 -23.16
N LYS C 343 6.57 -18.74 -22.82
CA LYS C 343 5.88 -17.50 -22.60
C LYS C 343 6.05 -17.08 -21.13
N TYR C 344 6.51 -15.89 -20.90
CA TYR C 344 6.82 -15.39 -19.56
C TYR C 344 5.73 -14.57 -18.92
N LEU C 345 4.88 -13.91 -19.71
CA LEU C 345 3.78 -13.18 -19.10
C LEU C 345 3.02 -13.98 -17.99
N PRO C 346 2.71 -15.27 -18.21
CA PRO C 346 1.97 -16.01 -17.17
C PRO C 346 2.66 -16.08 -15.81
N VAL C 347 3.99 -16.00 -15.74
CA VAL C 347 4.70 -16.05 -14.48
C VAL C 347 4.98 -14.68 -13.90
N ALA C 348 4.55 -13.61 -14.58
CA ALA C 348 4.75 -12.29 -14.06
C ALA C 348 3.75 -11.93 -12.95
N THR C 349 2.76 -12.73 -12.69
CA THR C 349 1.91 -12.64 -11.53
C THR C 349 1.82 -14.03 -10.84
N TYR C 350 1.76 -14.01 -9.52
CA TYR C 350 1.49 -15.22 -8.68
C TYR C 350 2.67 -16.17 -8.60
N GLY C 351 3.87 -15.68 -8.93
CA GLY C 351 5.12 -16.45 -8.76
C GLY C 351 5.59 -17.26 -9.90
N HIS C 352 6.89 -17.45 -9.99
CA HIS C 352 7.47 -18.14 -11.10
C HIS C 352 7.60 -19.64 -10.87
N PHE C 353 7.36 -20.06 -9.61
CA PHE C 353 7.61 -21.46 -9.25
C PHE C 353 6.39 -22.14 -8.66
N GLY C 354 6.34 -23.45 -8.78
N GLY C 354 6.34 -23.44 -8.76
CA GLY C 354 5.20 -24.22 -8.26
CA GLY C 354 5.19 -24.21 -8.27
C GLY C 354 3.84 -23.85 -8.75
C GLY C 354 4.29 -24.22 -9.49
N ARG C 355 3.72 -23.77 -10.07
N ARG C 355 3.32 -23.37 -9.49
CA ARG C 355 2.54 -23.25 -10.68
CA ARG C 355 2.46 -23.19 -10.63
C ARG C 355 1.85 -24.43 -11.26
C ARG C 355 1.85 -24.43 -11.25
N ASP C 356 1.03 -25.11 -10.44
CA ASP C 356 0.27 -26.27 -10.91
C ASP C 356 -0.84 -25.87 -11.90
N ASP C 357 -1.15 -24.56 -11.97
CA ASP C 357 -1.97 -24.01 -13.03
C ASP C 357 -1.29 -23.76 -14.38
N LEU C 358 0.02 -23.99 -14.53
CA LEU C 358 0.73 -23.72 -15.78
C LEU C 358 1.53 -24.96 -16.12
N ASP C 359 2.27 -24.98 -17.20
CA ASP C 359 3.07 -26.09 -17.61
C ASP C 359 4.51 -25.63 -17.88
N LEU C 360 5.29 -25.37 -16.85
CA LEU C 360 6.58 -24.76 -17.01
C LEU C 360 7.65 -25.84 -17.12
N SER C 361 8.65 -25.66 -17.99
CA SER C 361 9.70 -26.63 -18.16
C SER C 361 10.51 -26.93 -16.89
N TRP C 362 10.70 -25.89 -16.07
CA TRP C 362 11.56 -25.98 -14.91
C TRP C 362 10.81 -26.62 -13.76
N GLU C 363 9.52 -26.90 -13.94
CA GLU C 363 8.69 -27.56 -12.96
C GLU C 363 8.48 -29.05 -13.24
N LYS C 364 9.04 -29.54 -14.33
CA LYS C 364 8.86 -30.94 -14.73
C LYS C 364 9.72 -31.84 -13.87
N LEU C 365 9.13 -32.94 -13.43
CA LEU C 365 9.84 -33.97 -12.68
C LEU C 365 10.46 -35.02 -13.59
N ASN C 366 11.10 -34.60 -14.64
CA ASN C 366 11.70 -35.47 -15.63
C ASN C 366 13.14 -35.82 -15.33
N LYS C 367 13.68 -35.48 -14.16
CA LYS C 367 15.03 -35.86 -13.79
C LYS C 367 15.09 -36.76 -12.56
N VAL C 368 13.92 -37.13 -12.04
CA VAL C 368 13.84 -37.96 -10.83
C VAL C 368 14.55 -39.31 -11.03
N GLU C 369 14.24 -39.96 -12.18
CA GLU C 369 14.80 -41.29 -12.47
C GLU C 369 16.30 -41.19 -12.59
N ASP C 370 16.80 -40.18 -13.28
CA ASP C 370 18.25 -39.98 -13.41
C ASP C 370 18.91 -39.72 -12.05
N LEU C 371 18.29 -38.90 -11.22
CA LEU C 371 18.86 -38.59 -9.92
C LEU C 371 18.94 -39.88 -9.01
N ILE C 372 17.86 -40.67 -9.01
CA ILE C 372 17.82 -41.91 -8.22
C ILE C 372 18.93 -42.87 -8.73
N LYS C 373 18.95 -43.13 -10.03
CA LYS C 373 19.99 -43.95 -10.60
C LYS C 373 21.40 -43.42 -10.29
N ASN C 374 21.65 -42.12 -10.44
CA ASN C 374 22.98 -41.57 -10.24
C ASN C 374 23.36 -41.36 -8.81
N SER C 375 22.46 -41.58 -7.86
CA SER C 375 22.79 -41.39 -6.46
C SER C 375 23.23 -42.74 -5.82
N LYS C 376 23.40 -43.80 -6.60
CA LYS C 376 23.68 -45.21 -6.06
C LYS C 376 25.10 -45.83 -6.31
N TYR D 3 33.81 -32.56 -0.45
CA TYR D 3 33.00 -31.70 -1.35
C TYR D 3 32.89 -30.30 -0.70
N LYS D 4 33.46 -29.31 -1.33
CA LYS D 4 33.56 -27.97 -0.73
C LYS D 4 32.23 -27.21 -0.57
N LYS D 5 32.10 -26.45 0.52
CA LYS D 5 30.94 -25.62 0.80
C LYS D 5 31.30 -24.15 0.40
N ILE D 6 30.93 -23.74 -0.81
CA ILE D 6 31.33 -22.44 -1.36
C ILE D 6 30.12 -21.49 -1.44
N ILE D 7 30.19 -20.42 -0.66
CA ILE D 7 29.16 -19.39 -0.53
C ILE D 7 29.67 -18.12 -1.20
N THR D 8 28.76 -17.39 -1.89
CA THR D 8 29.22 -16.25 -2.70
C THR D 8 28.29 -15.08 -2.47
N SER D 9 28.86 -13.87 -2.39
CA SER D 9 28.09 -12.65 -2.35
C SER D 9 28.73 -11.58 -3.23
N GLU D 10 28.01 -10.50 -3.45
CA GLU D 10 28.39 -9.46 -4.36
C GLU D 10 28.37 -8.07 -3.80
N SER D 11 28.98 -7.11 -4.52
CA SER D 11 28.77 -5.72 -4.28
C SER D 11 28.82 -4.98 -5.60
N VAL D 12 28.43 -3.70 -5.57
CA VAL D 12 28.50 -2.84 -6.77
C VAL D 12 28.95 -1.48 -6.37
N GLY D 13 29.48 -0.74 -7.35
CA GLY D 13 30.10 0.52 -7.02
C GLY D 13 29.15 1.73 -7.11
N ALA D 14 29.66 2.91 -6.85
CA ALA D 14 28.87 4.12 -6.78
C ALA D 14 28.37 4.56 -8.14
N GLY D 15 29.03 4.12 -9.22
CA GLY D 15 28.62 4.41 -10.58
C GLY D 15 27.82 3.32 -11.24
N HIS D 16 27.48 2.28 -10.49
CA HIS D 16 26.56 1.28 -10.99
C HIS D 16 25.19 1.96 -11.12
N PRO D 17 24.46 1.69 -12.17
CA PRO D 17 23.22 2.49 -12.41
C PRO D 17 22.14 2.27 -11.37
N ASP D 18 22.02 1.04 -10.81
CA ASP D 18 21.00 0.84 -9.75
C ASP D 18 21.41 1.66 -8.50
N LYS D 19 22.70 1.67 -8.20
CA LYS D 19 23.19 2.46 -7.07
C LYS D 19 23.11 3.97 -7.30
N ILE D 20 23.27 4.44 -8.50
CA ILE D 20 22.99 5.85 -8.79
C ILE D 20 21.57 6.19 -8.36
N CYS D 21 20.63 5.34 -8.76
CA CYS D 21 19.23 5.56 -8.35
C CYS D 21 19.02 5.52 -6.84
N ASP D 22 19.60 4.52 -6.14
CA ASP D 22 19.51 4.49 -4.71
C ASP D 22 20.08 5.79 -4.09
N GLN D 23 21.19 6.27 -4.61
CA GLN D 23 21.79 7.47 -4.05
C GLN D 23 20.90 8.72 -4.28
N ILE D 24 20.33 8.85 -5.49
CA ILE D 24 19.48 10.04 -5.75
C ILE D 24 18.23 9.93 -4.84
N SER D 25 17.66 8.71 -4.69
CA SER D 25 16.49 8.53 -3.83
C SER D 25 16.81 9.01 -2.40
N ASP D 26 17.90 8.55 -1.85
CA ASP D 26 18.28 8.89 -0.48
C ASP D 26 18.76 10.32 -0.34
N ALA D 27 19.37 10.88 -1.35
CA ALA D 27 19.75 12.32 -1.31
C ALA D 27 18.50 13.20 -1.28
N ILE D 28 17.49 12.80 -2.01
CA ILE D 28 16.22 13.55 -2.01
C ILE D 28 15.54 13.38 -0.63
N LEU D 29 15.53 12.17 -0.10
CA LEU D 29 14.96 11.94 1.20
C LEU D 29 15.71 12.81 2.25
N ASP D 30 17.03 12.80 2.21
CA ASP D 30 17.84 13.55 3.24
C ASP D 30 17.48 15.03 3.15
N GLU D 31 17.35 15.56 1.95
CA GLU D 31 16.95 16.96 1.82
C GLU D 31 15.55 17.25 2.38
N CYS D 32 14.58 16.37 2.14
CA CYS D 32 13.28 16.53 2.73
C CYS D 32 13.35 16.52 4.26
N LEU D 33 14.02 15.54 4.85
CA LEU D 33 14.04 15.43 6.29
C LEU D 33 14.83 16.58 6.93
N SER D 34 15.85 17.14 6.26
CA SER D 34 16.55 18.27 6.83
C SER D 34 15.62 19.49 6.97
N GLN D 35 14.62 19.63 6.10
CA GLN D 35 13.71 20.76 6.13
C GLN D 35 12.47 20.46 6.93
N ASP D 36 12.01 19.21 6.96
CA ASP D 36 10.73 18.86 7.59
C ASP D 36 10.82 17.42 8.09
N GLN D 37 11.03 17.31 9.39
CA GLN D 37 11.12 16.01 10.04
C GLN D 37 9.86 15.16 10.07
N ASN D 38 8.72 15.72 9.67
CA ASN D 38 7.53 14.93 9.53
C ASN D 38 7.22 14.60 8.04
N SER D 39 8.18 14.76 7.14
CA SER D 39 7.95 14.43 5.75
C SER D 39 7.53 12.99 5.61
N ARG D 40 6.69 12.71 4.61
CA ARG D 40 6.45 11.36 4.17
C ARG D 40 7.03 11.27 2.78
N VAL D 41 7.97 10.33 2.58
CA VAL D 41 8.74 10.26 1.36
C VAL D 41 8.87 8.84 0.92
N ALA D 42 8.58 8.58 -0.33
CA ALA D 42 8.82 7.30 -0.99
C ALA D 42 9.32 7.59 -2.41
N CYS D 43 10.58 7.90 -2.55
CA CYS D 43 11.13 8.47 -3.79
C CYS D 43 11.79 7.36 -4.59
N GLU D 44 11.34 7.14 -5.80
CA GLU D 44 11.85 6.09 -6.66
C GLU D 44 12.48 6.72 -7.90
N VAL D 45 13.58 6.21 -8.36
CA VAL D 45 14.35 6.78 -9.45
C VAL D 45 14.65 5.70 -10.46
N LEU D 46 14.56 6.10 -11.74
CA LEU D 46 14.96 5.24 -12.86
C LEU D 46 16.03 6.04 -13.65
N ALA D 47 17.06 5.34 -14.05
CA ALA D 47 18.17 5.93 -14.87
C ALA D 47 18.45 5.03 -16.05
N CYS D 48 18.15 5.48 -17.27
CA CYS D 48 18.36 4.67 -18.50
C CYS D 48 18.81 5.57 -19.63
N ASN D 49 19.95 5.25 -20.24
CA ASN D 49 20.57 5.82 -21.38
C ASN D 49 20.77 7.31 -21.08
N ARG D 50 19.87 8.15 -21.52
CA ARG D 50 19.95 9.58 -21.23
C ARG D 50 18.70 10.16 -20.50
N LEU D 51 18.03 9.35 -19.72
CA LEU D 51 16.85 9.79 -19.02
C LEU D 51 17.03 9.43 -17.54
N ILE D 52 16.78 10.38 -16.64
CA ILE D 52 16.59 10.06 -15.24
C ILE D 52 15.17 10.48 -14.88
N VAL D 53 14.41 9.57 -14.29
CA VAL D 53 13.04 9.84 -13.85
C VAL D 53 13.01 9.82 -12.36
N ILE D 54 12.54 10.90 -11.76
CA ILE D 54 12.42 11.01 -10.33
C ILE D 54 10.95 10.98 -10.01
N ALA D 55 10.53 9.93 -9.34
CA ALA D 55 9.13 9.74 -9.06
C ALA D 55 8.88 9.32 -7.64
N GLY D 56 7.65 8.94 -7.38
CA GLY D 56 7.20 8.45 -6.10
C GLY D 56 6.26 9.45 -5.39
N GLU D 57 6.09 9.27 -4.09
CA GLU D 57 5.05 9.95 -3.36
C GLU D 57 5.70 10.64 -2.19
N ILE D 58 5.52 11.95 -2.15
CA ILE D 58 6.11 12.82 -1.16
C ILE D 58 5.07 13.77 -0.66
N THR D 59 4.88 13.86 0.66
CA THR D 59 4.08 14.94 1.24
C THR D 59 4.98 15.61 2.24
N THR D 60 5.25 16.90 2.02
CA THR D 60 6.23 17.60 2.84
C THR D 60 6.03 19.08 2.79
N HIS D 61 6.56 19.78 3.80
CA HIS D 61 6.76 21.24 3.71
C HIS D 61 8.06 21.62 3.03
N ALA D 62 8.96 20.67 2.83
CA ALA D 62 10.20 20.97 2.14
C ALA D 62 10.03 21.28 0.67
N TYR D 63 11.04 21.89 0.09
CA TYR D 63 11.17 21.96 -1.34
C TYR D 63 12.53 21.40 -1.68
N VAL D 64 12.59 20.40 -2.56
CA VAL D 64 13.85 19.85 -3.01
C VAL D 64 14.04 20.10 -4.46
N ASP D 65 15.17 20.68 -4.84
CA ASP D 65 15.51 20.84 -6.24
C ASP D 65 16.06 19.49 -6.71
N VAL D 66 15.21 18.74 -7.41
CA VAL D 66 15.57 17.35 -7.72
C VAL D 66 16.66 17.31 -8.77
N VAL D 67 16.71 18.32 -9.66
CA VAL D 67 17.74 18.38 -10.65
C VAL D 67 19.10 18.63 -10.02
N LYS D 68 19.18 19.64 -9.20
CA LYS D 68 20.41 19.92 -8.46
CA LYS D 68 20.42 19.91 -8.45
C LYS D 68 20.85 18.70 -7.65
N THR D 69 19.90 18.05 -7.02
CA THR D 69 20.23 16.83 -6.20
C THR D 69 20.79 15.72 -7.07
N ALA D 70 20.17 15.49 -8.24
CA ALA D 70 20.67 14.49 -9.08
C ALA D 70 22.08 14.80 -9.58
N TRP D 71 22.32 16.06 -9.95
CA TRP D 71 23.66 16.49 -10.32
C TRP D 71 24.70 16.26 -9.23
N GLU D 72 24.32 16.40 -7.97
CA GLU D 72 25.25 16.14 -6.86
C GLU D 72 25.70 14.66 -6.79
N ILE D 73 24.85 13.75 -7.25
CA ILE D 73 25.22 12.37 -7.29
C ILE D 73 26.03 12.06 -8.55
N ILE D 74 25.61 12.58 -9.72
CA ILE D 74 26.23 12.18 -10.95
C ILE D 74 27.53 12.91 -11.34
N LYS D 75 27.70 14.14 -10.89
CA LYS D 75 28.96 14.91 -11.19
C LYS D 75 30.24 14.25 -10.68
N PRO D 76 30.29 13.72 -9.47
CA PRO D 76 31.53 13.03 -9.06
C PRO D 76 31.80 11.73 -9.79
N LEU D 77 30.81 11.21 -10.53
CA LEU D 77 31.00 10.06 -11.38
C LEU D 77 31.41 10.40 -12.78
N GLY D 78 31.48 11.68 -13.11
CA GLY D 78 32.02 12.13 -14.38
C GLY D 78 30.93 12.63 -15.31
N TYR D 79 29.67 12.64 -14.92
CA TYR D 79 28.62 13.12 -15.81
C TYR D 79 28.48 14.64 -15.66
N ASP D 80 27.86 15.26 -16.64
CA ASP D 80 27.63 16.70 -16.58
C ASP D 80 26.15 17.04 -16.76
N GLU D 81 25.89 18.35 -16.86
CA GLU D 81 24.55 18.89 -16.85
C GLU D 81 23.80 18.66 -18.15
N ASN D 82 24.48 18.23 -19.21
CA ASN D 82 23.81 17.94 -20.45
C ASN D 82 23.68 16.47 -20.73
N ASP D 83 24.09 15.58 -19.83
CA ASP D 83 24.02 14.18 -20.11
C ASP D 83 22.61 13.58 -19.98
N PHE D 84 21.78 14.10 -19.08
CA PHE D 84 20.46 13.50 -18.89
C PHE D 84 19.31 14.51 -18.98
N THR D 85 18.26 14.08 -19.64
CA THR D 85 16.93 14.62 -19.41
C THR D 85 16.44 14.19 -18.02
N ILE D 86 15.89 15.09 -17.27
CA ILE D 86 15.37 14.82 -15.96
C ILE D 86 13.92 15.04 -15.90
N ILE D 87 13.18 14.02 -15.48
CA ILE D 87 11.72 14.07 -15.36
C ILE D 87 11.38 14.05 -13.88
N SER D 88 10.64 15.05 -13.43
CA SER D 88 10.14 15.10 -12.10
C SER D 88 8.66 14.79 -12.03
N ASN D 89 8.33 13.66 -11.43
CA ASN D 89 6.92 13.17 -11.32
C ASN D 89 6.61 12.88 -9.87
N VAL D 90 6.59 13.89 -9.04
CA VAL D 90 6.44 13.77 -7.61
C VAL D 90 4.95 13.89 -7.29
N ASN D 91 4.36 12.76 -6.91
CA ASN D 91 2.93 12.75 -6.51
C ASN D 91 2.91 12.96 -4.95
N LYS D 92 1.74 13.23 -4.39
CA LYS D 92 1.58 13.25 -2.92
C LYS D 92 1.31 11.85 -2.37
N GLN D 93 1.58 11.65 -1.11
CA GLN D 93 1.19 10.42 -0.40
C GLN D 93 -0.33 10.25 -0.41
N SER D 94 -0.79 9.06 -0.72
CA SER D 94 -2.18 8.72 -0.60
C SER D 94 -2.75 9.09 0.75
N VAL D 95 -3.82 9.85 0.79
CA VAL D 95 -4.44 10.20 2.06
C VAL D 95 -5.02 8.93 2.75
N ASP D 96 -5.33 7.90 1.97
CA ASP D 96 -5.83 6.65 2.56
C ASP D 96 -4.74 5.91 3.32
N ILE D 97 -3.48 6.01 2.82
CA ILE D 97 -2.37 5.40 3.57
C ILE D 97 -2.12 6.28 4.78
N ALA D 98 -2.08 7.59 4.57
CA ALA D 98 -1.68 8.52 5.62
C ALA D 98 -2.55 8.42 6.87
N GLN D 99 -3.87 8.28 6.72
CA GLN D 99 -4.77 8.19 7.86
C GLN D 99 -4.49 6.93 8.68
N SER D 100 -4.01 5.87 8.03
CA SER D 100 -3.68 4.62 8.72
CA SER D 100 -3.68 4.61 8.72
C SER D 100 -2.38 4.72 9.51
N VAL D 101 -1.39 5.45 8.96
CA VAL D 101 -0.09 5.60 9.57
C VAL D 101 -0.16 6.59 10.72
N ASP D 102 -0.81 7.75 10.46
CA ASP D 102 -0.78 8.89 11.41
C ASP D 102 -2.00 8.77 12.29
N LYS D 103 -1.89 7.99 13.34
CA LYS D 103 -3.01 7.65 14.10
C LYS D 103 -3.62 8.90 14.80
N THR D 104 -4.94 8.88 15.07
CA THR D 104 -5.63 9.92 15.88
C THR D 104 -4.96 10.08 17.27
N ASN D 105 -4.71 8.91 17.90
CA ASN D 105 -3.83 8.80 19.06
C ASN D 105 -2.44 9.14 18.53
N LYS D 106 -2.05 10.39 18.82
CA LYS D 106 -0.77 10.86 18.22
C LYS D 106 0.48 10.27 18.92
N ASN D 107 0.31 9.37 19.89
CA ASN D 107 1.47 8.63 20.34
C ASN D 107 1.72 7.40 19.59
N LEU D 108 0.99 7.09 18.52
CA LEU D 108 1.29 5.87 17.76
C LEU D 108 1.55 6.16 16.29
N ILE D 109 2.40 5.31 15.69
CA ILE D 109 2.56 5.30 14.28
C ILE D 109 2.14 3.89 13.84
N GLY D 110 1.24 3.82 12.90
CA GLY D 110 0.90 2.56 12.26
C GLY D 110 1.92 2.23 11.18
N ALA D 111 2.19 0.94 10.96
CA ALA D 111 3.13 0.51 9.96
C ALA D 111 2.69 1.10 8.60
N GLY D 112 3.65 1.54 7.82
CA GLY D 112 3.39 2.15 6.53
C GLY D 112 2.92 1.17 5.45
N ASP D 113 3.04 -0.13 5.75
CA ASP D 113 2.63 -1.16 4.80
C ASP D 113 2.61 -2.49 5.57
N GLN D 114 2.04 -3.52 4.95
CA GLN D 114 2.31 -4.87 5.40
C GLN D 114 3.77 -5.20 5.00
N GLY D 115 4.26 -6.35 5.43
CA GLY D 115 5.54 -6.85 4.91
C GLY D 115 6.29 -7.67 5.89
N ILE D 116 7.34 -8.26 5.41
CA ILE D 116 8.23 -9.12 6.19
C ILE D 116 9.64 -8.52 6.02
N VAL D 117 10.36 -8.42 7.13
CA VAL D 117 11.75 -8.00 7.14
C VAL D 117 12.58 -9.02 7.89
N PHE D 118 13.89 -9.13 7.56
CA PHE D 118 14.79 -9.97 8.26
C PHE D 118 15.99 -9.12 8.70
N GLY D 119 16.41 -9.31 9.94
CA GLY D 119 17.65 -8.81 10.47
C GLY D 119 18.60 -10.00 10.65
N TYR D 120 19.88 -9.76 10.44
CA TYR D 120 20.89 -10.86 10.51
C TYR D 120 22.16 -10.36 11.13
N ALA D 121 22.85 -11.24 11.86
CA ALA D 121 24.21 -10.96 12.27
C ALA D 121 24.91 -12.30 12.53
N CYS D 122 26.22 -12.29 12.34
CA CYS D 122 27.05 -13.48 12.62
C CYS D 122 28.40 -12.98 13.19
N ASP D 123 29.21 -13.93 13.68
CA ASP D 123 30.44 -13.52 14.35
C ASP D 123 31.66 -13.71 13.43
N GLU D 124 31.47 -13.78 12.09
CA GLU D 124 32.60 -14.01 11.22
C GLU D 124 33.56 -12.80 11.09
N THR D 125 33.07 -11.58 11.30
CA THR D 125 33.88 -10.42 11.05
C THR D 125 33.68 -9.45 12.21
N PRO D 126 34.52 -8.45 12.35
CA PRO D 126 34.31 -7.44 13.38
C PRO D 126 33.04 -6.62 13.15
N GLN D 127 32.59 -6.58 11.88
CA GLN D 127 31.32 -5.94 11.56
C GLN D 127 30.08 -6.75 11.92
N TYR D 128 30.26 -7.96 12.38
CA TYR D 128 29.21 -8.93 12.62
C TYR D 128 28.39 -9.24 11.34
N MET D 129 29.10 -9.36 10.23
CA MET D 129 28.54 -9.61 8.91
C MET D 129 29.20 -10.81 8.27
N PRO D 130 28.51 -11.44 7.30
CA PRO D 130 29.12 -12.44 6.45
C PRO D 130 30.36 -11.97 5.82
N LEU D 131 31.40 -12.83 5.88
CA LEU D 131 32.67 -12.41 5.30
C LEU D 131 32.61 -12.15 3.80
N THR D 132 31.83 -12.94 3.07
CA THR D 132 31.69 -12.75 1.64
C THR D 132 31.25 -11.31 1.29
N SER D 133 30.25 -10.80 2.02
CA SER D 133 29.74 -9.45 1.80
C SER D 133 30.75 -8.43 2.16
N VAL D 134 31.39 -8.61 3.32
CA VAL D 134 32.39 -7.62 3.79
C VAL D 134 33.51 -7.49 2.75
N LEU D 135 34.05 -8.62 2.26
CA LEU D 135 35.14 -8.56 1.31
C LEU D 135 34.68 -7.92 -0.01
N ALA D 136 33.46 -8.24 -0.46
CA ALA D 136 32.99 -7.74 -1.73
C ALA D 136 32.91 -6.21 -1.70
N HIS D 137 32.37 -5.66 -0.64
CA HIS D 137 32.26 -4.22 -0.48
C HIS D 137 33.68 -3.59 -0.37
N GLU D 138 34.55 -4.22 0.43
CA GLU D 138 35.89 -3.64 0.65
C GLU D 138 36.68 -3.52 -0.62
N LEU D 139 36.53 -4.48 -1.52
CA LEU D 139 37.18 -4.41 -2.83
C LEU D 139 36.79 -3.16 -3.57
N LEU D 140 35.50 -2.90 -3.62
CA LEU D 140 35.01 -1.78 -4.43
C LEU D 140 35.24 -0.45 -3.74
N LYS D 141 35.21 -0.42 -2.43
CA LYS D 141 35.52 0.82 -1.71
C LYS D 141 36.95 1.23 -1.95
N GLU D 142 37.86 0.24 -1.95
CA GLU D 142 39.26 0.55 -2.19
C GLU D 142 39.50 0.98 -3.64
N ILE D 143 38.86 0.32 -4.64
CA ILE D 143 39.04 0.74 -5.98
C ILE D 143 38.51 2.18 -6.16
N GLU D 144 37.38 2.51 -5.58
CA GLU D 144 36.77 3.80 -5.75
C GLU D 144 37.62 4.84 -5.05
N ARG D 145 38.18 4.48 -3.90
CA ARG D 145 39.11 5.40 -3.21
C ARG D 145 40.30 5.74 -4.12
N GLN D 146 40.87 4.73 -4.74
CA GLN D 146 41.98 4.90 -5.63
C GLN D 146 41.63 5.64 -6.93
N ARG D 147 40.41 5.43 -7.46
CA ARG D 147 39.96 6.15 -8.62
C ARG D 147 39.97 7.67 -8.33
N ARG D 148 39.47 8.04 -7.17
CA ARG D 148 39.34 9.45 -6.81
C ARG D 148 40.70 10.06 -6.44
N SER D 149 41.60 9.33 -5.80
CA SER D 149 42.89 9.86 -5.43
C SER D 149 43.88 9.80 -6.61
N LYS D 150 43.51 9.16 -7.75
CA LYS D 150 44.35 8.96 -8.89
C LYS D 150 45.48 7.97 -8.69
N GLU D 151 45.38 7.10 -7.68
CA GLU D 151 46.28 6.01 -7.54
C GLU D 151 45.99 4.90 -8.56
N PHE D 152 44.76 4.84 -9.07
CA PHE D 152 44.36 3.83 -10.09
C PHE D 152 43.78 4.64 -11.23
N ILE D 153 44.50 4.76 -12.31
CA ILE D 153 44.09 5.64 -13.40
C ILE D 153 43.40 4.82 -14.50
N LYS D 154 42.76 5.57 -15.36
CA LYS D 154 42.02 5.11 -16.57
C LYS D 154 40.93 4.13 -16.28
N ILE D 155 40.26 4.36 -15.17
CA ILE D 155 39.02 3.62 -14.84
C ILE D 155 37.89 4.60 -14.53
N GLN D 156 36.69 4.05 -14.53
CA GLN D 156 35.48 4.84 -14.34
C GLN D 156 34.72 4.22 -13.15
N ALA D 157 33.58 4.79 -12.81
CA ALA D 157 32.92 4.50 -11.52
C ALA D 157 31.97 3.28 -11.49
N ASP D 158 31.57 2.77 -12.65
CA ASP D 158 30.69 1.61 -12.71
C ASP D 158 31.59 0.37 -12.49
N MET D 159 31.24 -0.46 -11.52
CA MET D 159 32.01 -1.65 -11.18
C MET D 159 31.20 -2.61 -10.34
N LYS D 160 31.63 -3.85 -10.29
CA LYS D 160 30.97 -4.89 -9.51
C LYS D 160 32.03 -5.83 -8.96
N SER D 161 31.70 -6.50 -7.88
CA SER D 161 32.56 -7.52 -7.32
C SER D 161 31.75 -8.71 -6.88
N GLN D 162 32.42 -9.85 -6.66
CA GLN D 162 31.76 -11.03 -6.21
C GLN D 162 32.84 -11.88 -5.52
N VAL D 163 32.56 -12.32 -4.32
CA VAL D 163 33.55 -13.04 -3.54
C VAL D 163 32.96 -14.37 -3.09
N SER D 164 33.68 -15.47 -3.41
CA SER D 164 33.30 -16.81 -3.03
C SER D 164 34.24 -17.34 -1.96
N ILE D 165 33.68 -17.80 -0.83
CA ILE D 165 34.44 -18.32 0.27
C ILE D 165 34.10 -19.78 0.51
N ASP D 166 35.12 -20.59 0.75
CA ASP D 166 35.01 -21.98 1.10
C ASP D 166 34.97 -22.11 2.63
N TYR D 167 33.81 -22.55 3.09
CA TYR D 167 33.55 -22.72 4.52
C TYR D 167 33.61 -24.22 4.90
N SER D 168 34.22 -25.06 4.09
CA SER D 168 34.34 -26.51 4.39
C SER D 168 35.06 -26.83 5.70
N ASN D 169 35.97 -25.99 6.14
CA ASN D 169 36.84 -26.23 7.31
C ASN D 169 36.57 -25.15 8.32
N SER D 170 37.19 -25.23 9.49
CA SER D 170 36.84 -24.21 10.53
C SER D 170 37.42 -22.83 10.23
N THR D 171 38.55 -22.73 9.55
CA THR D 171 39.03 -21.45 9.04
C THR D 171 38.43 -21.30 7.61
N PRO D 172 37.71 -20.19 7.37
CA PRO D 172 37.28 -19.88 5.97
C PRO D 172 38.47 -19.63 5.05
N LEU D 173 38.35 -20.06 3.80
CA LEU D 173 39.35 -19.78 2.77
C LEU D 173 38.65 -19.06 1.63
N ILE D 174 39.24 -18.01 1.10
CA ILE D 174 38.74 -17.40 -0.13
C ILE D 174 38.90 -18.40 -1.28
N GLU D 175 37.87 -18.67 -2.03
CA GLU D 175 37.93 -19.52 -3.21
C GLU D 175 38.15 -18.75 -4.46
N THR D 176 37.37 -17.68 -4.68
CA THR D 176 37.47 -16.76 -5.80
C THR D 176 37.19 -15.34 -5.43
N MET D 177 37.94 -14.40 -5.97
CA MET D 177 37.56 -12.98 -6.00
C MET D 177 37.39 -12.58 -7.43
N LEU D 178 36.27 -11.86 -7.73
CA LEU D 178 35.94 -11.45 -9.05
C LEU D 178 35.65 -9.96 -8.97
N VAL D 179 36.22 -9.18 -9.90
CA VAL D 179 35.90 -7.79 -10.00
C VAL D 179 35.74 -7.47 -11.49
N SER D 180 34.79 -6.60 -11.83
CA SER D 180 34.65 -5.99 -13.13
C SER D 180 34.64 -4.48 -12.98
N ILE D 181 35.48 -3.73 -13.72
CA ILE D 181 35.57 -2.30 -13.57
C ILE D 181 35.51 -1.68 -14.94
N GLN D 182 34.66 -0.70 -15.11
CA GLN D 182 34.60 0.05 -16.33
C GLN D 182 35.93 0.81 -16.54
N HIS D 183 36.45 0.70 -17.73
CA HIS D 183 37.79 1.28 -18.06
C HIS D 183 37.78 2.15 -19.27
N ASP D 184 38.73 3.05 -19.36
CA ASP D 184 38.90 3.88 -20.56
C ASP D 184 39.34 3.07 -21.76
N GLU D 185 38.97 3.55 -22.92
CA GLU D 185 39.36 2.94 -24.20
C GLU D 185 40.87 2.77 -24.32
N ASP D 186 41.61 3.75 -23.86
CA ASP D 186 43.09 3.75 -24.00
C ASP D 186 43.78 3.19 -22.77
N TYR D 187 43.11 2.36 -21.99
CA TYR D 187 43.77 1.77 -20.81
C TYR D 187 44.88 0.80 -21.20
N ASP D 188 45.68 0.48 -20.22
CA ASP D 188 46.72 -0.52 -20.34
C ASP D 188 46.28 -1.73 -19.51
N VAL D 189 45.89 -2.79 -20.21
CA VAL D 189 45.33 -3.97 -19.60
C VAL D 189 46.25 -4.63 -18.60
N GLU D 190 47.55 -4.54 -18.89
CA GLU D 190 48.55 -5.14 -18.01
C GLU D 190 48.63 -4.42 -16.68
N TYR D 191 48.66 -3.09 -16.73
CA TYR D 191 48.60 -2.26 -15.55
C TYR D 191 47.31 -2.51 -14.74
N PHE D 192 46.21 -2.55 -15.47
CA PHE D 192 44.86 -2.72 -14.84
C PHE D 192 44.80 -4.07 -14.12
N ASN D 193 45.20 -5.18 -14.77
CA ASN D 193 45.18 -6.48 -14.18
C ASN D 193 46.02 -6.54 -12.91
N LYS D 194 47.21 -5.94 -12.96
CA LYS D 194 48.11 -5.91 -11.82
CA LYS D 194 48.11 -5.92 -11.81
C LYS D 194 47.55 -5.07 -10.66
N LYS D 195 46.99 -3.91 -10.94
CA LYS D 195 46.34 -3.09 -9.92
C LYS D 195 45.19 -3.87 -9.21
N VAL D 196 44.34 -4.52 -9.97
CA VAL D 196 43.20 -5.20 -9.40
C VAL D 196 43.70 -6.39 -8.57
N SER D 197 44.68 -7.14 -9.12
CA SER D 197 45.24 -8.30 -8.40
CA SER D 197 45.24 -8.32 -8.40
C SER D 197 45.81 -7.90 -7.05
N ALA D 198 46.52 -6.78 -7.02
CA ALA D 198 47.08 -6.28 -5.80
C ALA D 198 46.04 -5.84 -4.78
N ILE D 199 44.99 -5.17 -5.28
CA ILE D 199 43.89 -4.76 -4.40
C ILE D 199 43.21 -6.00 -3.79
N MET D 200 42.97 -7.02 -4.60
CA MET D 200 42.40 -8.22 -4.09
C MET D 200 43.24 -8.86 -2.98
N GLU D 201 44.54 -8.90 -3.20
CA GLU D 201 45.46 -9.46 -2.18
C GLU D 201 45.51 -8.59 -0.93
N GLN D 202 45.47 -7.29 -1.12
CA GLN D 202 45.52 -6.34 0.01
C GLN D 202 44.26 -6.55 0.90
N ILE D 203 43.10 -6.72 0.27
CA ILE D 203 41.87 -6.96 1.06
C ILE D 203 41.93 -8.30 1.79
N ALA D 204 42.39 -9.36 1.11
CA ALA D 204 42.54 -10.65 1.77
C ALA D 204 43.45 -10.55 3.02
N LYS D 205 44.58 -9.87 2.86
CA LYS D 205 45.58 -9.68 3.95
C LYS D 205 45.02 -8.84 5.05
N LYS D 206 44.24 -7.82 4.73
CA LYS D 206 43.54 -7.07 5.80
C LYS D 206 42.70 -7.94 6.70
N TYR D 207 42.11 -9.00 6.19
CA TYR D 207 41.27 -9.90 7.00
C TYR D 207 42.01 -11.19 7.38
N ASN D 208 43.35 -11.20 7.22
CA ASN D 208 44.20 -12.37 7.58
C ASN D 208 43.81 -13.63 6.86
N LEU D 209 43.49 -13.52 5.59
CA LEU D 209 43.07 -14.71 4.83
C LEU D 209 44.13 -15.14 3.85
N ASN D 210 43.90 -16.30 3.25
CA ASN D 210 44.74 -16.78 2.20
C ASN D 210 44.80 -15.89 0.98
N THR D 211 45.88 -16.00 0.23
CA THR D 211 46.09 -15.23 -1.00
C THR D 211 46.19 -16.11 -2.22
N ASN D 212 45.90 -17.40 -2.11
CA ASN D 212 46.05 -18.32 -3.26
C ASN D 212 44.71 -18.56 -4.09
N PHE D 213 43.75 -17.68 -4.02
CA PHE D 213 42.50 -17.87 -4.57
C PHE D 213 42.50 -17.54 -6.07
N LYS D 214 41.49 -18.04 -6.78
CA LYS D 214 41.28 -17.69 -8.15
C LYS D 214 40.88 -16.24 -8.28
N LYS D 215 41.43 -15.54 -9.27
CA LYS D 215 41.08 -14.17 -9.54
C LYS D 215 40.43 -14.03 -10.89
N ILE D 216 39.26 -13.43 -10.95
CA ILE D 216 38.56 -13.30 -12.17
C ILE D 216 38.45 -11.77 -12.38
N ILE D 217 39.16 -11.25 -13.37
CA ILE D 217 39.31 -9.83 -13.52
C ILE D 217 38.79 -9.42 -14.90
N ASN D 218 37.73 -8.60 -14.93
CA ASN D 218 37.11 -8.16 -16.18
C ASN D 218 36.88 -9.31 -17.19
N SER D 219 36.10 -10.29 -16.73
CA SER D 219 35.85 -11.48 -17.51
C SER D 219 35.18 -11.21 -18.85
N SER D 220 34.45 -10.10 -18.99
CA SER D 220 33.81 -9.82 -20.25
C SER D 220 34.86 -9.52 -21.36
N GLY D 221 36.01 -9.05 -20.95
CA GLY D 221 37.07 -8.68 -21.82
C GLY D 221 36.99 -7.28 -22.39
N ARG D 222 35.88 -6.56 -22.19
CA ARG D 222 35.82 -5.17 -22.55
C ARG D 222 34.63 -4.53 -21.84
N PHE D 223 34.85 -3.37 -21.22
CA PHE D 223 33.86 -2.70 -20.43
C PHE D 223 34.15 -1.23 -20.51
N VAL D 224 33.88 -0.68 -21.68
CA VAL D 224 34.07 0.74 -21.92
C VAL D 224 32.71 1.48 -21.80
N ILE D 225 31.69 0.94 -22.45
CA ILE D 225 30.29 1.40 -22.23
C ILE D 225 29.86 0.99 -20.81
N GLY D 226 29.34 1.90 -20.02
CA GLY D 226 28.83 1.61 -18.73
C GLY D 226 27.91 2.68 -18.19
N GLY D 227 27.68 2.63 -16.87
CA GLY D 227 26.64 3.42 -16.25
C GLY D 227 25.27 3.19 -16.85
N PRO D 228 24.39 4.21 -16.79
CA PRO D 228 23.07 4.03 -17.36
C PRO D 228 23.03 3.82 -18.88
N ILE D 229 24.09 4.18 -19.57
CA ILE D 229 24.18 3.84 -21.01
C ILE D 229 24.23 2.36 -21.31
N GLY D 230 24.98 1.62 -20.49
CA GLY D 230 25.13 0.20 -20.61
C GLY D 230 24.04 -0.64 -19.95
N ASP D 231 23.31 -0.07 -18.99
CA ASP D 231 22.33 -0.86 -18.24
C ASP D 231 21.41 0.11 -17.50
N THR D 232 20.14 -0.19 -17.46
CA THR D 232 19.17 0.62 -16.74
C THR D 232 19.21 0.44 -15.27
N GLY D 233 19.28 1.52 -14.53
CA GLY D 233 19.16 1.42 -13.09
C GLY D 233 17.79 1.79 -12.56
N LEU D 234 17.42 1.20 -11.45
CA LEU D 234 16.19 1.58 -10.72
CA LEU D 234 16.18 1.58 -10.73
C LEU D 234 16.48 1.52 -9.23
N THR D 235 15.80 2.34 -8.48
CA THR D 235 15.87 2.27 -7.04
C THR D 235 15.42 0.88 -6.54
N GLY D 236 16.14 0.32 -5.56
CA GLY D 236 15.65 -0.88 -4.90
C GLY D 236 15.86 -2.17 -5.65
N ARG D 237 16.88 -2.21 -6.47
CA ARG D 237 17.20 -3.37 -7.34
C ARG D 237 18.53 -4.01 -6.91
N LYS D 238 19.07 -3.54 -5.77
CA LYS D 238 20.27 -4.16 -5.21
C LYS D 238 20.02 -4.55 -3.74
N ILE D 239 18.87 -5.13 -3.46
CA ILE D 239 18.46 -5.26 -2.07
C ILE D 239 19.31 -6.34 -1.29
N ILE D 240 19.89 -7.24 -2.02
CA ILE D 240 20.75 -8.26 -1.46
C ILE D 240 22.16 -7.69 -1.19
N VAL D 241 22.68 -6.91 -2.10
CA VAL D 241 23.88 -6.15 -1.89
C VAL D 241 23.72 -5.14 -0.71
N ASP D 242 22.51 -4.58 -0.55
CA ASP D 242 22.23 -3.64 0.52
C ASP D 242 22.17 -4.32 1.89
N THR D 243 22.03 -5.62 1.92
CA THR D 243 21.72 -6.31 3.13
C THR D 243 22.87 -7.36 3.44
N TYR D 244 22.61 -8.63 3.28
CA TYR D 244 23.49 -9.66 3.81
C TYR D 244 24.00 -10.65 2.72
N GLY D 245 24.00 -10.25 1.44
CA GLY D 245 24.69 -11.02 0.45
C GLY D 245 24.16 -12.38 0.17
N GLY D 246 22.92 -12.62 0.49
CA GLY D 246 22.35 -13.94 0.17
C GLY D 246 22.54 -14.95 1.36
N VAL D 247 23.35 -14.61 2.37
CA VAL D 247 23.48 -15.45 3.55
C VAL D 247 22.26 -15.23 4.44
N GLY D 248 21.82 -13.99 4.56
CA GLY D 248 20.54 -13.71 5.31
C GLY D 248 19.35 -13.85 4.34
N HIS D 249 18.19 -14.17 4.89
CA HIS D 249 16.94 -14.14 4.12
C HIS D 249 16.57 -12.67 3.89
N HIS D 250 15.67 -12.46 2.96
CA HIS D 250 15.18 -11.12 2.66
C HIS D 250 13.68 -11.18 2.43
N GLY D 251 12.98 -10.21 2.84
CA GLY D 251 11.52 -10.13 2.67
C GLY D 251 11.05 -9.36 1.44
N GLY D 252 11.97 -8.75 0.73
CA GLY D 252 11.70 -8.14 -0.60
C GLY D 252 11.58 -6.64 -0.62
N GLY D 253 11.58 -5.97 0.53
CA GLY D 253 11.40 -4.53 0.55
C GLY D 253 12.73 -3.78 0.31
N ALA D 254 12.66 -2.69 -0.39
CA ALA D 254 13.84 -1.87 -0.64
C ALA D 254 13.95 -0.79 0.42
N PHE D 255 15.13 -0.23 0.62
CA PHE D 255 15.36 0.81 1.61
C PHE D 255 15.31 2.27 1.09
N SER D 256 16.02 2.51 0.02
CA SER D 256 16.40 3.87 -0.34
C SER D 256 15.16 4.70 -0.75
N GLY D 257 15.16 5.94 -0.34
CA GLY D 257 14.13 6.90 -0.70
C GLY D 257 12.92 6.91 0.28
N LYS D 258 12.94 6.08 1.32
CA LYS D 258 11.77 5.90 2.21
C LYS D 258 12.05 6.55 3.59
N ASP D 259 11.06 7.26 4.10
CA ASP D 259 11.13 7.83 5.46
C ASP D 259 10.89 6.68 6.45
N PRO D 260 11.21 6.86 7.73
CA PRO D 260 11.16 5.79 8.71
C PRO D 260 9.78 5.19 9.00
N THR D 261 8.67 5.82 8.58
CA THR D 261 7.36 5.17 8.75
C THR D 261 7.17 4.04 7.80
N LYS D 262 8.07 3.91 6.79
CA LYS D 262 8.02 2.75 5.92
C LYS D 262 8.83 1.67 6.68
N VAL D 263 8.13 0.69 7.22
CA VAL D 263 8.78 -0.37 8.01
C VAL D 263 9.73 -1.25 7.27
N ASP D 264 9.60 -1.37 5.96
CA ASP D 264 10.64 -2.02 5.17
C ASP D 264 12.02 -1.50 5.49
N ARG D 265 12.15 -0.22 5.72
CA ARG D 265 13.41 0.33 6.16
C ARG D 265 13.61 0.28 7.68
N SER D 266 12.75 0.94 8.41
CA SER D 266 12.97 1.12 9.85
C SER D 266 12.96 -0.20 10.61
N ALA D 267 12.08 -1.13 10.25
CA ALA D 267 12.05 -2.40 10.98
C ALA D 267 13.19 -3.31 10.56
N SER D 268 13.69 -3.16 9.34
CA SER D 268 14.91 -3.89 8.94
C SER D 268 16.10 -3.43 9.77
N TYR D 269 16.21 -2.16 10.00
CA TYR D 269 17.27 -1.62 10.82
C TYR D 269 17.13 -2.06 12.28
N PHE D 270 15.89 -2.02 12.78
CA PHE D 270 15.62 -2.50 14.10
C PHE D 270 15.97 -3.99 14.28
N ALA D 271 15.61 -4.83 13.30
CA ALA D 271 15.91 -6.21 13.38
C ALA D 271 17.38 -6.52 13.32
N ARG D 272 18.13 -5.75 12.52
CA ARG D 272 19.59 -5.87 12.50
C ARG D 272 20.14 -5.54 13.92
N TRP D 273 19.61 -4.47 14.49
CA TRP D 273 20.13 -3.98 15.81
C TRP D 273 19.92 -5.11 16.88
N ILE D 274 18.76 -5.78 16.81
CA ILE D 274 18.52 -6.91 17.70
C ILE D 274 19.50 -8.02 17.44
N ALA D 275 19.56 -8.47 16.18
CA ALA D 275 20.41 -9.60 15.84
C ALA D 275 21.88 -9.38 16.21
N LYS D 276 22.38 -8.18 15.93
CA LYS D 276 23.76 -7.88 16.17
C LYS D 276 24.06 -7.91 17.68
N ASN D 277 23.13 -7.41 18.46
CA ASN D 277 23.34 -7.36 19.92
C ASN D 277 23.23 -8.76 20.51
N VAL D 278 22.37 -9.63 19.93
CA VAL D 278 22.26 -11.02 20.37
C VAL D 278 23.61 -11.72 20.16
N VAL D 279 24.19 -11.54 19.00
CA VAL D 279 25.45 -12.18 18.68
C VAL D 279 26.60 -11.57 19.52
N ALA D 280 26.64 -10.25 19.64
CA ALA D 280 27.67 -9.59 20.43
C ALA D 280 27.60 -9.97 21.92
N ALA D 281 26.40 -10.25 22.43
CA ALA D 281 26.22 -10.72 23.76
C ALA D 281 26.61 -12.18 23.97
N LYS D 282 27.03 -12.85 22.91
CA LYS D 282 27.40 -14.24 22.90
C LYS D 282 26.28 -15.15 23.24
N LEU D 283 25.06 -14.77 22.88
CA LEU D 283 23.94 -15.69 23.02
C LEU D 283 23.87 -16.70 21.89
N ALA D 284 24.46 -16.36 20.75
CA ALA D 284 24.50 -17.19 19.57
C ALA D 284 25.67 -16.75 18.69
N LYS D 285 26.09 -17.58 17.73
CA LYS D 285 27.10 -17.21 16.78
C LYS D 285 26.45 -16.55 15.54
N GLN D 286 25.25 -16.96 15.22
CA GLN D 286 24.44 -16.37 14.12
C GLN D 286 23.03 -16.17 14.63
N CYS D 287 22.40 -15.07 14.23
CA CYS D 287 21.05 -14.80 14.62
C CYS D 287 20.31 -14.12 13.46
N GLU D 288 19.14 -14.63 13.14
CA GLU D 288 18.27 -13.99 12.15
C GLU D 288 16.92 -13.73 12.79
N ILE D 289 16.37 -12.54 12.63
CA ILE D 289 15.12 -12.13 13.21
C ILE D 289 14.17 -11.77 12.10
N GLN D 290 13.06 -12.45 12.00
CA GLN D 290 12.00 -12.11 11.06
C GLN D 290 10.88 -11.36 11.76
N LEU D 291 10.45 -10.23 11.19
CA LEU D 291 9.29 -9.50 11.75
C LEU D 291 8.29 -9.28 10.61
N ALA D 292 7.01 -9.43 10.89
CA ALA D 292 5.97 -9.17 9.93
C ALA D 292 5.04 -8.07 10.45
N PHE D 293 4.51 -7.30 9.55
CA PHE D 293 3.69 -6.13 9.83
C PHE D 293 2.42 -6.11 9.07
N ALA D 294 1.48 -5.33 9.60
CA ALA D 294 0.20 -5.05 8.92
C ALA D 294 0.03 -3.56 8.83
N ILE D 295 -0.41 -3.11 7.71
CA ILE D 295 -0.54 -1.67 7.50
C ILE D 295 -1.49 -1.09 8.54
N GLY D 296 -1.05 0.00 9.17
CA GLY D 296 -1.85 0.69 10.16
C GLY D 296 -1.67 0.17 11.59
N GLN D 297 -1.03 -0.99 11.76
CA GLN D 297 -0.88 -1.54 13.14
C GLN D 297 0.48 -1.14 13.70
N PRO D 298 0.54 -0.69 14.94
CA PRO D 298 1.75 -0.12 15.49
C PRO D 298 2.80 -1.09 15.99
N GLN D 299 2.49 -2.37 16.01
CA GLN D 299 3.47 -3.40 16.39
C GLN D 299 3.46 -4.51 15.34
N PRO D 300 4.53 -5.32 15.34
CA PRO D 300 4.57 -6.45 14.42
C PRO D 300 3.44 -7.42 14.70
N VAL D 301 2.99 -8.12 13.70
CA VAL D 301 1.99 -9.16 13.83
C VAL D 301 2.64 -10.54 13.96
N ALA D 302 3.93 -10.67 13.70
CA ALA D 302 4.63 -11.94 13.92
C ALA D 302 6.11 -11.69 14.08
N MET D 303 6.76 -12.60 14.79
CA MET D 303 8.19 -12.60 14.94
C MET D 303 8.71 -14.04 14.97
N TYR D 304 9.89 -14.26 14.40
CA TYR D 304 10.59 -15.52 14.55
C TYR D 304 12.08 -15.24 14.71
N VAL D 305 12.72 -15.95 15.64
CA VAL D 305 14.11 -15.75 15.98
C VAL D 305 14.79 -17.08 15.66
N ASN D 306 15.82 -17.05 14.85
CA ASN D 306 16.48 -18.27 14.39
C ASN D 306 17.94 -18.10 14.75
N THR D 307 18.49 -19.03 15.54
CA THR D 307 19.88 -19.05 15.85
C THR D 307 20.68 -20.19 15.24
N PHE D 308 20.07 -20.91 14.33
CA PHE D 308 20.76 -21.85 13.40
C PHE D 308 21.53 -22.92 14.20
N ASN D 309 20.97 -23.31 15.31
CA ASN D 309 21.60 -24.22 16.28
C ASN D 309 22.96 -23.79 16.77
N THR D 310 23.19 -22.47 16.87
CA THR D 310 24.43 -21.94 17.42
C THR D 310 24.15 -21.24 18.71
N ASN D 311 22.93 -21.39 19.22
CA ASN D 311 22.58 -20.77 20.49
C ASN D 311 23.45 -21.34 21.65
N LEU D 312 23.91 -20.48 22.53
CA LEU D 312 24.73 -20.82 23.67
C LEU D 312 23.89 -20.92 24.93
N ILE D 313 22.63 -20.45 24.88
CA ILE D 313 21.63 -20.76 25.91
C ILE D 313 20.36 -21.21 25.18
N ASP D 314 19.34 -21.60 25.91
CA ASP D 314 18.09 -22.06 25.34
C ASP D 314 17.47 -20.96 24.45
N GLU D 315 16.94 -21.34 23.30
CA GLU D 315 16.23 -20.46 22.37
C GLU D 315 15.08 -19.75 23.03
N THR D 316 14.34 -20.39 23.93
CA THR D 316 13.26 -19.68 24.62
C THR D 316 13.80 -18.53 25.49
N LYS D 317 14.96 -18.69 26.10
CA LYS D 317 15.54 -17.62 26.91
C LYS D 317 16.07 -16.47 26.04
N ILE D 318 16.55 -16.78 24.82
CA ILE D 318 16.97 -15.73 23.90
C ILE D 318 15.74 -14.90 23.53
N PHE D 319 14.67 -15.59 23.12
CA PHE D 319 13.44 -14.96 22.73
C PHE D 319 12.93 -14.07 23.87
N GLU D 320 12.93 -14.57 25.09
CA GLU D 320 12.48 -13.80 26.25
C GLU D 320 13.36 -12.59 26.50
N ALA D 321 14.69 -12.76 26.41
CA ALA D 321 15.60 -11.67 26.64
C ALA D 321 15.37 -10.54 25.58
N ILE D 322 15.14 -10.94 24.32
CA ILE D 322 14.83 -9.97 23.30
C ILE D 322 13.55 -9.21 23.64
N LYS D 323 12.48 -9.94 24.02
CA LYS D 323 11.20 -9.26 24.33
C LYS D 323 11.35 -8.31 25.48
N LYS D 324 12.14 -8.66 26.48
CA LYS D 324 12.34 -7.76 27.63
C LYS D 324 13.29 -6.62 27.35
N SER D 325 14.17 -6.73 26.35
CA SER D 325 15.21 -5.73 26.16
C SER D 325 14.81 -4.68 25.09
N PHE D 326 13.86 -4.98 24.24
CA PHE D 326 13.51 -4.07 23.10
C PHE D 326 12.06 -3.71 23.15
N ASN D 327 11.74 -2.49 22.74
CA ASN D 327 10.38 -2.05 22.59
C ASN D 327 9.99 -2.18 21.05
N PHE D 328 8.94 -2.93 20.79
CA PHE D 328 8.52 -3.26 19.43
C PHE D 328 7.51 -2.30 18.84
N ASP D 329 7.15 -1.27 19.59
CA ASP D 329 6.26 -0.24 19.09
C ASP D 329 7.06 0.55 18.04
N ILE D 330 6.44 0.75 16.83
CA ILE D 330 7.14 1.36 15.73
C ILE D 330 7.65 2.76 16.03
N LYS D 331 6.80 3.59 16.54
CA LYS D 331 7.20 4.96 16.87
C LYS D 331 8.35 4.97 17.85
N THR D 332 8.31 4.03 18.78
CA THR D 332 9.33 3.98 19.80
C THR D 332 10.65 3.53 19.22
N PHE D 333 10.65 2.46 18.40
CA PHE D 333 11.96 2.05 17.84
C PHE D 333 12.51 3.04 16.80
N ILE D 334 11.65 3.73 16.09
CA ILE D 334 12.09 4.80 15.19
C ILE D 334 12.87 5.87 16.03
N ASN D 335 12.29 6.27 17.15
CA ASN D 335 12.92 7.26 18.04
C ASN D 335 14.16 6.71 18.75
N ASP D 336 14.13 5.45 19.17
CA ASP D 336 15.29 4.87 19.82
C ASP D 336 16.46 4.86 18.84
N LEU D 337 16.23 4.65 17.53
CA LEU D 337 17.31 4.65 16.56
C LEU D 337 17.55 6.02 15.89
N ASN D 338 16.87 7.07 16.36
CA ASN D 338 17.06 8.41 15.83
C ASN D 338 16.92 8.47 14.29
N LEU D 339 15.90 7.74 13.79
CA LEU D 339 15.78 7.59 12.35
C LEU D 339 15.34 8.88 11.66
N TRP D 340 14.70 9.81 12.35
CA TRP D 340 14.31 11.07 11.73
C TRP D 340 15.47 12.00 11.43
N THR D 341 16.59 11.80 12.12
CA THR D 341 17.76 12.67 12.00
C THR D 341 18.97 11.93 11.50
N THR D 342 18.86 10.70 11.06
CA THR D 342 19.94 9.98 10.44
C THR D 342 20.02 10.39 8.97
N LYS D 343 21.23 10.51 8.45
CA LYS D 343 21.44 10.76 7.03
C LYS D 343 21.54 9.40 6.32
N TYR D 344 20.77 9.23 5.27
CA TYR D 344 20.69 7.94 4.58
C TYR D 344 21.57 7.84 3.36
N LEU D 345 21.92 8.95 2.72
CA LEU D 345 22.82 8.86 1.61
C LEU D 345 24.05 7.96 1.84
N PRO D 346 24.72 8.04 3.01
CA PRO D 346 25.93 7.23 3.17
C PRO D 346 25.70 5.72 3.13
N VAL D 347 24.48 5.24 3.42
CA VAL D 347 24.21 3.82 3.32
C VAL D 347 23.67 3.39 1.95
N ALA D 348 23.48 4.33 1.04
CA ALA D 348 23.07 4.00 -0.31
C ALA D 348 24.11 3.39 -1.17
N THR D 349 25.35 3.34 -0.76
CA THR D 349 26.40 2.53 -1.43
C THR D 349 27.11 1.68 -0.35
N TYR D 350 27.52 0.51 -0.70
CA TYR D 350 28.40 -0.37 0.12
C TYR D 350 27.67 -1.02 1.32
N GLY D 351 26.33 -1.03 1.29
CA GLY D 351 25.52 -1.74 2.26
C GLY D 351 25.07 -0.96 3.45
N HIS D 352 23.90 -1.34 4.00
CA HIS D 352 23.32 -0.62 5.09
C HIS D 352 23.78 -1.15 6.44
N PHE D 353 24.49 -2.29 6.45
CA PHE D 353 24.85 -2.96 7.69
C PHE D 353 26.33 -3.23 7.82
N GLY D 354 26.80 -3.34 9.08
CA GLY D 354 28.22 -3.58 9.33
C GLY D 354 29.18 -2.58 8.77
N ARG D 355 28.92 -1.35 8.97
CA ARG D 355 29.66 -0.29 8.32
C ARG D 355 30.51 0.31 9.45
N ASP D 356 31.67 -0.28 9.66
CA ASP D 356 32.62 0.24 10.70
C ASP D 356 33.25 1.56 10.22
N ASP D 357 33.08 1.93 8.94
CA ASP D 357 33.37 3.30 8.47
C ASP D 357 32.31 4.37 8.74
N LEU D 358 31.16 4.04 9.32
CA LEU D 358 30.10 5.03 9.61
C LEU D 358 29.72 4.87 11.07
N ASP D 359 28.79 5.63 11.57
CA ASP D 359 28.34 5.55 12.94
C ASP D 359 26.80 5.39 12.98
N LEU D 360 26.28 4.22 12.68
CA LEU D 360 24.87 4.04 12.51
C LEU D 360 24.23 3.59 13.81
N SER D 361 23.03 4.12 14.13
CA SER D 361 22.35 3.77 15.37
C SER D 361 22.05 2.26 15.52
N TRP D 362 21.73 1.60 14.40
CA TRP D 362 21.31 0.22 14.43
C TRP D 362 22.51 -0.71 14.51
N GLU D 363 23.71 -0.17 14.46
CA GLU D 363 24.95 -0.90 14.61
C GLU D 363 25.57 -0.81 16.01
N LYS D 364 24.94 -0.05 16.89
CA LYS D 364 25.49 0.17 18.25
C LYS D 364 25.24 -1.08 19.10
N LEU D 365 26.24 -1.47 19.86
CA LEU D 365 26.16 -2.59 20.76
C LEU D 365 25.68 -2.14 22.18
N ASN D 366 24.68 -1.29 22.22
CA ASN D 366 24.19 -0.71 23.43
C ASN D 366 23.04 -1.53 24.04
N LYS D 367 22.76 -2.74 23.57
CA LYS D 367 21.78 -3.59 24.19
C LYS D 367 22.33 -4.88 24.71
N VAL D 368 23.63 -5.07 24.60
CA VAL D 368 24.29 -6.30 25.07
C VAL D 368 24.06 -6.48 26.59
N GLU D 369 24.25 -5.38 27.38
CA GLU D 369 24.08 -5.53 28.83
C GLU D 369 22.65 -5.88 29.18
N ASP D 370 21.69 -5.24 28.52
CA ASP D 370 20.29 -5.61 28.75
C ASP D 370 19.98 -7.05 28.38
N LEU D 371 20.50 -7.50 27.23
CA LEU D 371 20.25 -8.86 26.79
C LEU D 371 20.83 -9.91 27.82
N ILE D 372 22.06 -9.67 28.25
CA ILE D 372 22.73 -10.58 29.22
C ILE D 372 21.92 -10.61 30.53
N LYS D 373 21.61 -9.45 31.08
CA LYS D 373 20.77 -9.39 32.26
C LYS D 373 19.43 -10.10 32.07
N ASN D 374 18.73 -9.85 30.96
CA ASN D 374 17.42 -10.40 30.76
C ASN D 374 17.41 -11.85 30.29
N SER D 375 18.55 -12.45 30.05
CA SER D 375 18.59 -13.83 29.60
C SER D 375 18.83 -14.83 30.76
N LYS D 376 19.08 -14.39 31.97
CA LYS D 376 19.26 -15.33 33.11
C LYS D 376 17.99 -16.06 33.51
N TYR E 3 -20.35 44.71 -48.39
CA TYR E 3 -19.90 46.16 -48.31
C TYR E 3 -19.41 46.90 -47.01
N LYS E 4 -19.75 46.59 -45.74
CA LYS E 4 -18.90 47.07 -44.60
C LYS E 4 -17.47 46.48 -44.61
N LYS E 5 -16.48 47.29 -44.18
CA LYS E 5 -15.10 46.87 -44.04
C LYS E 5 -14.83 46.42 -42.57
N ILE E 6 -14.88 45.12 -42.32
CA ILE E 6 -14.77 44.59 -40.93
C ILE E 6 -13.47 43.84 -40.76
N ILE E 7 -12.60 44.37 -39.89
CA ILE E 7 -11.29 43.81 -39.59
C ILE E 7 -11.31 43.24 -38.16
N THR E 8 -10.60 42.12 -37.91
CA THR E 8 -10.75 41.43 -36.64
C THR E 8 -9.39 41.00 -36.11
N SER E 9 -9.17 41.14 -34.80
CA SER E 9 -7.95 40.65 -34.13
C SER E 9 -8.32 39.99 -32.81
N GLU E 10 -7.37 39.23 -32.26
CA GLU E 10 -7.63 38.45 -31.04
C GLU E 10 -6.64 38.75 -29.91
N SER E 11 -6.96 38.24 -28.70
CA SER E 11 -6.02 38.10 -27.66
C SER E 11 -6.32 36.87 -26.86
N VAL E 12 -5.36 36.49 -25.99
CA VAL E 12 -5.58 35.37 -25.07
C VAL E 12 -5.05 35.72 -23.72
N GLY E 13 -5.55 35.04 -22.72
CA GLY E 13 -5.23 35.37 -21.32
C GLY E 13 -4.03 34.69 -20.76
N ALA E 14 -3.66 35.02 -19.54
CA ALA E 14 -2.51 34.43 -18.88
C ALA E 14 -2.60 33.00 -18.59
N GLY E 15 -3.80 32.46 -18.50
CA GLY E 15 -4.02 30.98 -18.31
C GLY E 15 -4.32 30.21 -19.58
N HIS E 16 -4.22 30.88 -20.73
CA HIS E 16 -4.31 30.18 -22.00
C HIS E 16 -3.03 29.32 -22.12
N PRO E 17 -3.15 28.08 -22.58
CA PRO E 17 -2.01 27.14 -22.46
C PRO E 17 -0.80 27.54 -23.31
N ASP E 18 -1.03 28.15 -24.51
CA ASP E 18 0.12 28.64 -25.30
C ASP E 18 0.85 29.76 -24.55
N LYS E 19 0.09 30.64 -23.96
CA LYS E 19 0.65 31.72 -23.15
C LYS E 19 1.34 31.29 -21.86
N ILE E 20 0.87 30.24 -21.22
CA ILE E 20 1.60 29.66 -20.13
C ILE E 20 3.01 29.29 -20.61
N CYS E 21 3.10 28.63 -21.75
CA CYS E 21 4.38 28.24 -22.32
C CYS E 21 5.27 29.46 -22.64
N ASP E 22 4.71 30.49 -23.28
CA ASP E 22 5.49 31.68 -23.50
C ASP E 22 6.00 32.30 -22.19
N GLN E 23 5.16 32.31 -21.18
CA GLN E 23 5.59 32.88 -19.88
C GLN E 23 6.74 32.06 -19.23
N ILE E 24 6.62 30.73 -19.26
CA ILE E 24 7.68 29.89 -18.66
C ILE E 24 9.00 30.10 -19.48
N SER E 25 8.90 30.16 -20.82
CA SER E 25 10.05 30.38 -21.66
C SER E 25 10.76 31.69 -21.27
N ASP E 26 10.00 32.75 -21.19
CA ASP E 26 10.59 34.03 -20.89
C ASP E 26 11.02 34.19 -19.41
N ALA E 27 10.35 33.52 -18.49
CA ALA E 27 10.79 33.52 -17.11
C ALA E 27 12.13 32.82 -16.97
N ILE E 28 12.31 31.74 -17.73
CA ILE E 28 13.59 31.04 -17.72
C ILE E 28 14.68 31.93 -18.34
N LEU E 29 14.35 32.57 -19.47
CA LEU E 29 15.28 33.48 -20.09
C LEU E 29 15.70 34.56 -19.10
N ASP E 30 14.71 35.20 -18.44
CA ASP E 30 15.02 36.34 -17.54
C ASP E 30 15.95 35.87 -16.42
N GLU E 31 15.73 34.69 -15.86
CA GLU E 31 16.63 34.19 -14.86
C GLU E 31 18.04 33.92 -15.38
N CYS E 32 18.19 33.37 -16.59
CA CYS E 32 19.52 33.23 -17.16
C CYS E 32 20.22 34.59 -17.32
N LEU E 33 19.54 35.56 -17.93
CA LEU E 33 20.19 36.84 -18.17
C LEU E 33 20.50 37.59 -16.87
N SER E 34 19.71 37.42 -15.82
CA SER E 34 20.03 38.07 -14.55
C SER E 34 21.37 37.56 -13.97
N GLN E 35 21.71 36.32 -14.23
CA GLN E 35 22.94 35.71 -13.71
C GLN E 35 24.09 35.82 -14.69
N ASP E 36 23.81 35.80 -16.00
CA ASP E 36 24.87 35.77 -17.01
C ASP E 36 24.35 36.50 -18.27
N GLN E 37 24.78 37.76 -18.42
CA GLN E 37 24.39 38.56 -19.56
C GLN E 37 24.92 38.12 -20.92
N ASN E 38 25.84 37.15 -20.95
CA ASN E 38 26.25 36.56 -22.21
C ASN E 38 25.58 35.18 -22.48
N SER E 39 24.49 34.86 -21.76
CA SER E 39 23.79 33.60 -21.98
C SER E 39 23.33 33.52 -23.43
N ARG E 40 23.31 32.30 -23.96
CA ARG E 40 22.62 32.01 -25.18
C ARG E 40 21.46 31.11 -24.82
N VAL E 41 20.26 31.53 -25.15
CA VAL E 41 19.04 30.89 -24.66
C VAL E 41 18.04 30.80 -25.78
N ALA E 42 17.52 29.59 -25.98
CA ALA E 42 16.40 29.35 -26.88
C ALA E 42 15.50 28.31 -26.19
N CYS E 43 14.69 28.75 -25.25
CA CYS E 43 13.91 27.88 -24.41
C CYS E 43 12.53 27.70 -24.91
N GLU E 44 12.14 26.46 -25.17
CA GLU E 44 10.83 26.12 -25.73
C GLU E 44 10.08 25.23 -24.73
N VAL E 45 8.80 25.46 -24.57
CA VAL E 45 7.99 24.77 -23.58
C VAL E 45 6.75 24.20 -24.23
N LEU E 46 6.38 23.02 -23.77
CA LEU E 46 5.13 22.34 -24.15
C LEU E 46 4.36 22.07 -22.87
N ALA E 47 3.07 22.34 -22.88
CA ALA E 47 2.15 22.04 -21.74
C ALA E 47 0.95 21.31 -22.23
N CYS E 48 0.77 20.07 -21.81
CA CYS E 48 -0.39 19.23 -22.19
CA CYS E 48 -0.40 19.27 -22.14
C CYS E 48 -1.01 18.78 -20.81
N ASN E 49 -2.14 18.29 -20.84
CA ASN E 49 -2.89 17.58 -19.87
C ASN E 49 -2.15 17.68 -18.50
N ARG E 50 -1.31 16.75 -18.21
CA ARG E 50 -0.51 16.83 -16.97
C ARG E 50 1.05 16.77 -17.16
N LEU E 51 1.52 17.30 -18.26
CA LEU E 51 2.91 17.33 -18.53
C LEU E 51 3.36 18.70 -18.91
N ILE E 52 4.46 19.21 -18.34
CA ILE E 52 5.13 20.39 -18.88
C ILE E 52 6.53 19.96 -19.28
N VAL E 53 6.93 20.26 -20.51
CA VAL E 53 8.27 19.93 -21.01
C VAL E 53 9.00 21.22 -21.25
N ILE E 54 10.14 21.35 -20.62
CA ILE E 54 10.99 22.51 -20.75
C ILE E 54 12.23 22.05 -21.52
N ALA E 55 12.37 22.57 -22.72
CA ALA E 55 13.40 22.13 -23.59
C ALA E 55 14.10 23.34 -24.26
N GLY E 56 14.94 23.02 -25.23
CA GLY E 56 15.65 24.02 -25.98
C GLY E 56 17.16 23.99 -25.71
N GLU E 57 17.84 25.06 -26.12
CA GLU E 57 19.27 25.09 -26.17
C GLU E 57 19.72 26.29 -25.37
N ILE E 58 20.50 26.02 -24.36
CA ILE E 58 20.97 27.03 -23.43
C ILE E 58 22.44 26.82 -23.18
N THR E 59 23.27 27.84 -23.39
CA THR E 59 24.65 27.78 -22.95
C THR E 59 24.82 28.99 -22.03
N THR E 60 25.15 28.72 -20.78
CA THR E 60 25.15 29.79 -19.78
C THR E 60 25.99 29.39 -18.59
N HIS E 61 26.46 30.39 -17.85
CA HIS E 61 26.98 30.18 -16.49
C HIS E 61 25.89 30.17 -15.42
N ALA E 62 24.71 30.56 -15.76
CA ALA E 62 23.60 30.56 -14.81
C ALA E 62 23.14 29.17 -14.46
N TYR E 63 22.44 29.06 -13.32
CA TYR E 63 21.68 27.87 -13.02
C TYR E 63 20.25 28.32 -12.82
N VAL E 64 19.31 27.75 -13.60
CA VAL E 64 17.91 28.07 -13.40
C VAL E 64 17.17 26.85 -12.88
N ASP E 65 16.47 27.01 -11.76
CA ASP E 65 15.59 25.97 -11.28
C ASP E 65 14.31 26.01 -12.11
N VAL E 66 14.21 25.09 -13.10
CA VAL E 66 13.13 25.21 -14.08
C VAL E 66 11.79 24.82 -13.42
N VAL E 67 11.82 23.93 -12.42
CA VAL E 67 10.65 23.56 -11.73
C VAL E 67 10.09 24.70 -10.94
N LYS E 68 10.95 25.31 -10.10
CA LYS E 68 10.52 26.47 -9.36
C LYS E 68 10.00 27.58 -10.28
N THR E 69 10.66 27.79 -11.39
CA THR E 69 10.24 28.86 -12.34
C THR E 69 8.85 28.53 -12.94
N ALA E 70 8.64 27.26 -13.32
CA ALA E 70 7.36 26.90 -13.82
C ALA E 70 6.25 27.10 -12.79
N TRP E 71 6.51 26.72 -11.54
CA TRP E 71 5.54 26.95 -10.47
C TRP E 71 5.23 28.42 -10.28
N GLU E 72 6.20 29.31 -10.49
CA GLU E 72 5.94 30.76 -10.38
C GLU E 72 4.95 31.26 -11.43
N ILE E 73 4.89 30.60 -12.59
CA ILE E 73 3.92 30.98 -13.60
C ILE E 73 2.57 30.32 -13.30
N ILE E 74 2.55 29.03 -12.91
CA ILE E 74 1.30 28.30 -12.81
C ILE E 74 0.52 28.48 -11.50
N LYS E 75 1.22 28.76 -10.40
CA LYS E 75 0.53 28.98 -9.09
C LYS E 75 -0.45 30.15 -9.05
N PRO E 76 -0.13 31.29 -9.63
CA PRO E 76 -1.15 32.37 -9.63
C PRO E 76 -2.36 32.07 -10.55
N LEU E 77 -2.27 31.05 -11.39
CA LEU E 77 -3.40 30.61 -12.19
C LEU E 77 -4.21 29.51 -11.51
N GLY E 78 -3.80 29.04 -10.36
CA GLY E 78 -4.58 28.15 -9.57
C GLY E 78 -4.03 26.76 -9.55
N TYR E 79 -2.91 26.47 -10.22
CA TYR E 79 -2.36 25.10 -10.21
C TYR E 79 -1.46 24.93 -9.01
N ASP E 80 -1.17 23.69 -8.67
CA ASP E 80 -0.26 23.42 -7.57
C ASP E 80 0.88 22.49 -7.98
N GLU E 81 1.66 22.09 -6.99
CA GLU E 81 2.89 21.35 -7.22
C GLU E 81 2.69 19.93 -7.64
N ASN E 82 1.46 19.40 -7.52
CA ASN E 82 1.18 18.06 -7.93
C ASN E 82 0.41 17.99 -9.24
N ASP E 83 0.12 19.10 -9.89
CA ASP E 83 -0.65 19.07 -11.11
C ASP E 83 0.13 18.60 -12.34
N PHE E 84 1.42 18.91 -12.42
CA PHE E 84 2.19 18.53 -13.63
C PHE E 84 3.46 17.74 -13.31
N THR E 85 3.72 16.73 -14.13
CA THR E 85 5.04 16.22 -14.33
C THR E 85 5.87 17.23 -15.09
N ILE E 86 7.09 17.48 -14.66
CA ILE E 86 7.94 18.47 -15.34
C ILE E 86 9.14 17.77 -15.90
N ILE E 87 9.39 17.95 -17.19
CA ILE E 87 10.49 17.33 -17.90
C ILE E 87 11.47 18.41 -18.28
N SER E 88 12.72 18.27 -17.82
CA SER E 88 13.75 19.22 -18.16
C SER E 88 14.71 18.59 -19.13
N ASN E 89 14.75 19.15 -20.33
CA ASN E 89 15.58 18.63 -21.41
C ASN E 89 16.39 19.79 -21.99
N VAL E 90 17.39 20.25 -21.22
CA VAL E 90 18.11 21.42 -21.62
C VAL E 90 19.35 20.99 -22.37
N ASN E 91 19.39 21.26 -23.65
CA ASN E 91 20.61 20.94 -24.46
C ASN E 91 21.49 22.20 -24.49
N LYS E 92 22.74 22.05 -24.91
CA LYS E 92 23.58 23.26 -25.15
C LYS E 92 23.36 23.84 -26.55
N GLN E 93 23.72 25.11 -26.71
CA GLN E 93 23.73 25.73 -28.08
C GLN E 93 24.73 25.00 -28.98
N SER E 94 24.32 24.69 -30.20
CA SER E 94 25.23 24.16 -31.19
C SER E 94 26.49 25.02 -31.31
N VAL E 95 27.64 24.37 -31.20
CA VAL E 95 28.91 25.15 -31.34
C VAL E 95 29.05 25.64 -32.81
N ASP E 96 28.39 24.96 -33.76
CA ASP E 96 28.43 25.43 -35.16
C ASP E 96 27.67 26.73 -35.33
N ILE E 97 26.58 26.91 -34.59
CA ILE E 97 25.87 28.19 -34.66
C ILE E 97 26.70 29.21 -33.91
N ALA E 98 27.19 28.84 -32.74
CA ALA E 98 27.86 29.81 -31.85
C ALA E 98 29.07 30.50 -32.53
N GLN E 99 29.86 29.75 -33.28
CA GLN E 99 31.06 30.32 -33.92
C GLN E 99 30.64 31.34 -35.00
N SER E 100 29.46 31.17 -35.61
CA SER E 100 28.95 32.10 -36.59
C SER E 100 28.44 33.44 -35.95
N VAL E 101 27.82 33.32 -34.79
CA VAL E 101 27.26 34.44 -34.08
C VAL E 101 28.35 35.24 -33.37
N ASP E 102 29.24 34.54 -32.69
CA ASP E 102 30.27 35.18 -31.81
C ASP E 102 31.51 35.38 -32.63
N LYS E 103 31.56 36.51 -33.28
CA LYS E 103 32.63 36.72 -34.22
C LYS E 103 33.97 36.84 -33.47
N THR E 104 35.09 36.44 -34.11
CA THR E 104 36.47 36.67 -33.54
C THR E 104 36.71 38.18 -33.29
N ASN E 105 36.28 39.00 -34.27
CA ASN E 105 36.08 40.44 -34.09
C ASN E 105 34.98 40.60 -33.02
N LYS E 106 35.44 40.88 -31.83
CA LYS E 106 34.54 40.93 -30.67
C LYS E 106 33.64 42.18 -30.67
N ASN E 107 33.76 43.11 -31.66
CA ASN E 107 32.69 44.08 -31.69
C ASN E 107 31.59 43.72 -32.60
N LEU E 108 31.50 42.50 -33.10
CA LEU E 108 30.36 42.15 -33.98
C LEU E 108 29.60 40.95 -33.46
N ILE E 109 28.30 40.95 -33.70
CA ILE E 109 27.44 39.80 -33.50
C ILE E 109 26.89 39.49 -34.89
N GLY E 110 27.08 38.25 -35.31
CA GLY E 110 26.41 37.74 -36.52
C GLY E 110 24.97 37.35 -36.18
N ALA E 111 24.06 37.49 -37.12
CA ALA E 111 22.66 37.11 -36.92
C ALA E 111 22.59 35.68 -36.46
N GLY E 112 21.70 35.38 -35.51
CA GLY E 112 21.58 34.03 -35.00
C GLY E 112 20.92 33.05 -35.94
N ASP E 113 20.35 33.55 -37.03
CA ASP E 113 19.68 32.69 -38.03
C ASP E 113 19.44 33.55 -39.28
N GLN E 114 19.05 32.89 -40.36
CA GLN E 114 18.40 33.65 -41.45
C GLN E 114 17.03 34.08 -40.98
N GLY E 115 16.31 34.85 -41.77
CA GLY E 115 14.85 35.02 -41.56
C GLY E 115 14.40 36.41 -41.97
N ILE E 116 13.13 36.59 -41.87
CA ILE E 116 12.47 37.83 -42.16
C ILE E 116 11.66 38.26 -40.93
N VAL E 117 11.73 39.54 -40.62
CA VAL E 117 10.92 40.14 -39.59
C VAL E 117 10.20 41.35 -40.12
N PHE E 118 9.07 41.69 -39.52
CA PHE E 118 8.34 42.90 -39.85
C PHE E 118 8.08 43.71 -38.60
N GLY E 119 8.27 45.00 -38.70
CA GLY E 119 7.86 45.97 -37.72
C GLY E 119 6.68 46.77 -38.30
N TYR E 120 5.76 47.19 -37.46
CA TYR E 120 4.54 47.85 -37.92
C TYR E 120 4.16 48.93 -36.93
N ALA E 121 3.59 50.04 -37.42
CA ALA E 121 2.95 51.00 -36.56
C ALA E 121 1.90 51.78 -37.38
N CYS E 122 0.89 52.30 -36.68
CA CYS E 122 -0.15 53.08 -37.31
C CYS E 122 -0.63 54.11 -36.30
N ASP E 123 -1.44 55.09 -36.76
CA ASP E 123 -1.81 56.19 -35.88
C ASP E 123 -3.21 56.02 -35.30
N GLU E 124 -3.76 54.81 -35.27
CA GLU E 124 -5.14 54.64 -34.77
C GLU E 124 -5.30 54.79 -33.28
N THR E 125 -4.25 54.58 -32.48
CA THR E 125 -4.39 54.57 -31.03
C THR E 125 -3.20 55.29 -30.46
N PRO E 126 -3.25 55.65 -29.20
CA PRO E 126 -2.06 56.25 -28.55
C PRO E 126 -0.89 55.31 -28.49
N GLN E 127 -1.16 54.00 -28.53
CA GLN E 127 -0.12 53.00 -28.58
C GLN E 127 0.55 52.84 -29.94
N TYR E 128 0.05 53.55 -30.96
CA TYR E 128 0.47 53.38 -32.32
C TYR E 128 0.28 51.94 -32.86
N MET E 129 -0.85 51.35 -32.47
CA MET E 129 -1.23 49.99 -32.80
C MET E 129 -2.61 49.95 -33.40
N PRO E 130 -2.92 48.87 -34.12
CA PRO E 130 -4.29 48.61 -34.59
C PRO E 130 -5.26 48.59 -33.45
N LEU E 131 -6.38 49.28 -33.66
CA LEU E 131 -7.38 49.35 -32.62
C LEU E 131 -7.94 47.97 -32.22
N THR E 132 -8.11 47.08 -33.21
CA THR E 132 -8.62 45.79 -32.94
C THR E 132 -7.77 45.02 -31.87
N SER E 133 -6.47 45.07 -32.02
CA SER E 133 -5.54 44.42 -31.12
C SER E 133 -5.57 45.06 -29.75
N VAL E 134 -5.56 46.39 -29.72
CA VAL E 134 -5.58 47.11 -28.44
C VAL E 134 -6.80 46.74 -27.63
N LEU E 135 -7.98 46.76 -28.27
CA LEU E 135 -9.21 46.46 -27.56
C LEU E 135 -9.20 44.99 -27.08
N ALA E 136 -8.73 44.09 -27.91
CA ALA E 136 -8.78 42.66 -27.57
C ALA E 136 -7.93 42.41 -26.29
N HIS E 137 -6.76 42.96 -26.25
CA HIS E 137 -5.89 42.82 -25.07
C HIS E 137 -6.52 43.51 -23.84
N GLU E 138 -7.06 44.71 -24.03
CA GLU E 138 -7.60 45.45 -22.88
C GLU E 138 -8.73 44.73 -22.22
N LEU E 139 -9.56 44.02 -22.99
CA LEU E 139 -10.65 43.25 -22.43
C LEU E 139 -10.10 42.19 -21.49
N LEU E 140 -9.08 41.49 -21.93
CA LEU E 140 -8.58 40.36 -21.11
C LEU E 140 -7.73 40.84 -19.93
N LYS E 141 -7.07 41.95 -20.10
CA LYS E 141 -6.32 42.54 -18.95
C LYS E 141 -7.26 42.94 -17.84
N GLU E 142 -8.39 43.55 -18.24
CA GLU E 142 -9.37 43.94 -17.23
C GLU E 142 -10.06 42.73 -16.57
N ILE E 143 -10.41 41.70 -17.34
CA ILE E 143 -11.01 40.54 -16.74
C ILE E 143 -10.02 39.86 -15.76
N GLU E 144 -8.73 39.76 -16.14
CA GLU E 144 -7.76 39.10 -15.31
C GLU E 144 -7.51 39.95 -14.05
N ARG E 145 -7.51 41.27 -14.23
CA ARG E 145 -7.39 42.16 -13.06
C ARG E 145 -8.54 41.90 -12.05
N GLN E 146 -9.75 41.80 -12.55
CA GLN E 146 -10.90 41.55 -11.72
C GLN E 146 -10.91 40.13 -11.13
N ARG E 147 -10.41 39.14 -11.87
CA ARG E 147 -10.31 37.79 -11.33
C ARG E 147 -9.40 37.82 -10.06
N ARG E 148 -8.31 38.51 -10.15
CA ARG E 148 -7.31 38.53 -9.04
C ARG E 148 -7.79 39.41 -7.88
N SER E 149 -8.49 40.50 -8.13
CA SER E 149 -9.00 41.33 -7.05
C SER E 149 -10.32 40.79 -6.48
N LYS E 150 -10.90 39.76 -7.07
CA LYS E 150 -12.18 39.19 -6.69
C LYS E 150 -13.40 40.07 -6.97
N GLU E 151 -13.26 41.03 -7.87
CA GLU E 151 -14.36 41.80 -8.36
C GLU E 151 -15.23 40.98 -9.34
N PHE E 152 -14.62 39.94 -9.96
CA PHE E 152 -15.33 39.06 -10.91
C PHE E 152 -15.10 37.67 -10.36
N ILE E 153 -16.11 37.06 -9.78
CA ILE E 153 -15.95 35.79 -9.08
C ILE E 153 -16.36 34.64 -10.05
N LYS E 154 -15.98 33.44 -9.61
CA LYS E 154 -16.31 32.17 -10.24
C LYS E 154 -15.84 32.04 -11.71
N ILE E 155 -14.68 32.64 -11.98
CA ILE E 155 -13.97 32.43 -13.22
C ILE E 155 -12.54 31.97 -13.00
N GLN E 156 -11.94 31.48 -14.08
CA GLN E 156 -10.59 30.94 -14.05
C GLN E 156 -9.77 31.72 -15.07
N ALA E 157 -8.51 31.37 -15.22
CA ALA E 157 -7.54 32.21 -15.96
C ALA E 157 -7.45 31.97 -17.47
N ASP E 158 -7.98 30.86 -17.96
CA ASP E 158 -7.96 30.57 -19.41
C ASP E 158 -9.09 31.40 -20.06
N MET E 159 -8.75 32.22 -21.05
CA MET E 159 -9.70 33.08 -21.70
C MET E 159 -9.17 33.58 -23.06
N LYS E 160 -10.09 34.01 -23.90
CA LYS E 160 -9.74 34.52 -25.22
C LYS E 160 -10.70 35.68 -25.53
N SER E 161 -10.25 36.56 -26.38
CA SER E 161 -11.10 37.64 -26.89
C SER E 161 -10.91 37.80 -28.37
N GLN E 162 -11.87 38.48 -29.01
CA GLN E 162 -11.76 38.76 -30.43
C GLN E 162 -12.58 40.00 -30.70
N VAL E 163 -11.99 40.99 -31.36
CA VAL E 163 -12.68 42.25 -31.55
C VAL E 163 -12.72 42.57 -33.05
N SER E 164 -13.94 42.82 -33.56
CA SER E 164 -14.14 43.19 -34.95
C SER E 164 -14.54 44.68 -35.02
N ILE E 165 -13.78 45.45 -35.80
CA ILE E 165 -14.05 46.85 -36.01
C ILE E 165 -14.47 47.13 -37.45
N ASP E 166 -15.47 48.00 -37.58
CA ASP E 166 -16.00 48.43 -38.85
C ASP E 166 -15.29 49.73 -39.22
N TYR E 167 -14.47 49.65 -40.27
CA TYR E 167 -13.67 50.76 -40.74
C TYR E 167 -14.31 51.37 -42.02
N SER E 168 -15.59 51.14 -42.25
CA SER E 168 -16.28 51.66 -43.47
C SER E 168 -16.28 53.19 -43.54
N ASN E 169 -16.26 53.88 -42.43
CA ASN E 169 -16.44 55.34 -42.34
C ASN E 169 -15.19 55.90 -41.70
N SER E 170 -15.04 57.22 -41.63
CA SER E 170 -13.82 57.77 -41.05
C SER E 170 -13.71 57.59 -39.53
N THR E 171 -14.82 57.53 -38.80
CA THR E 171 -14.77 57.11 -37.39
C THR E 171 -14.93 55.58 -37.36
N PRO E 172 -13.97 54.87 -36.75
CA PRO E 172 -14.19 53.40 -36.56
C PRO E 172 -15.36 53.13 -35.62
N LEU E 173 -16.07 52.06 -35.89
CA LEU E 173 -17.14 51.60 -34.99
C LEU E 173 -16.80 50.18 -34.54
N ILE E 174 -17.04 49.86 -33.29
CA ILE E 174 -16.95 48.44 -32.89
C ILE E 174 -18.11 47.70 -33.56
N GLU E 175 -17.84 46.60 -34.25
CA GLU E 175 -18.89 45.78 -34.80
C GLU E 175 -19.27 44.66 -33.84
N THR E 176 -18.26 43.93 -33.35
CA THR E 176 -18.46 42.81 -32.42
C THR E 176 -17.34 42.77 -31.38
N MET E 177 -17.68 42.53 -30.12
CA MET E 177 -16.72 42.06 -29.11
C MET E 177 -17.12 40.67 -28.69
N LEU E 178 -16.11 39.80 -28.63
CA LEU E 178 -16.31 38.40 -28.31
C LEU E 178 -15.34 38.08 -27.18
N VAL E 179 -15.84 37.42 -26.13
CA VAL E 179 -14.98 36.92 -25.08
C VAL E 179 -15.43 35.53 -24.73
N SER E 180 -14.47 34.65 -24.44
CA SER E 180 -14.75 33.35 -23.84
C SER E 180 -13.87 33.26 -22.55
N ILE E 181 -14.49 32.92 -21.41
CA ILE E 181 -13.79 32.85 -20.14
C ILE E 181 -14.11 31.52 -19.51
N GLN E 182 -13.08 30.80 -19.09
CA GLN E 182 -13.27 29.58 -18.33
C GLN E 182 -13.97 29.94 -17.00
N HIS E 183 -14.99 29.19 -16.67
CA HIS E 183 -15.84 29.49 -15.51
C HIS E 183 -16.02 28.26 -14.62
N ASP E 184 -16.35 28.51 -13.36
CA ASP E 184 -16.61 27.42 -12.44
C ASP E 184 -17.91 26.71 -12.78
N GLU E 185 -17.99 25.45 -12.41
CA GLU E 185 -19.21 24.65 -12.55
C GLU E 185 -20.43 25.32 -11.94
N ASP E 186 -20.26 25.92 -10.77
CA ASP E 186 -21.41 26.48 -10.03
C ASP E 186 -21.60 27.97 -10.33
N TYR E 187 -21.10 28.46 -11.48
CA TYR E 187 -21.28 29.86 -11.80
C TYR E 187 -22.74 30.23 -12.03
N ASP E 188 -22.98 31.53 -12.01
CA ASP E 188 -24.31 32.05 -12.29
C ASP E 188 -24.19 32.78 -13.63
N VAL E 189 -24.77 32.20 -14.68
CA VAL E 189 -24.61 32.69 -16.01
C VAL E 189 -25.14 34.12 -16.19
N GLU E 190 -26.18 34.45 -15.43
CA GLU E 190 -26.73 35.82 -15.48
C GLU E 190 -25.75 36.86 -14.96
N TYR E 191 -25.13 36.56 -13.82
CA TYR E 191 -24.11 37.42 -13.26
C TYR E 191 -22.90 37.54 -14.23
N PHE E 192 -22.49 36.38 -14.73
CA PHE E 192 -21.31 36.28 -15.64
C PHE E 192 -21.56 37.16 -16.91
N ASN E 193 -22.71 36.98 -17.55
CA ASN E 193 -23.02 37.75 -18.76
C ASN E 193 -23.07 39.25 -18.50
N LYS E 194 -23.62 39.65 -17.37
CA LYS E 194 -23.64 41.07 -16.95
C LYS E 194 -22.24 41.62 -16.70
N LYS E 195 -21.38 40.86 -15.99
CA LYS E 195 -20.01 41.31 -15.78
C LYS E 195 -19.25 41.51 -17.10
N VAL E 196 -19.37 40.54 -18.03
CA VAL E 196 -18.64 40.59 -19.29
C VAL E 196 -19.16 41.77 -20.09
N SER E 197 -20.49 41.93 -20.14
CA SER E 197 -21.11 43.03 -20.91
C SER E 197 -20.63 44.38 -20.41
N ALA E 198 -20.54 44.54 -19.10
CA ALA E 198 -20.07 45.80 -18.51
C ALA E 198 -18.60 46.06 -18.82
N ILE E 199 -17.77 45.00 -18.78
CA ILE E 199 -16.37 45.16 -19.11
C ILE E 199 -16.23 45.58 -20.58
N MET E 200 -16.96 44.94 -21.47
CA MET E 200 -16.92 45.29 -22.85
C MET E 200 -17.31 46.79 -23.07
N GLU E 201 -18.35 47.24 -22.39
CA GLU E 201 -18.78 48.65 -22.47
C GLU E 201 -17.74 49.60 -21.88
N GLN E 202 -17.13 49.19 -20.78
CA GLN E 202 -16.13 50.03 -20.10
CA GLN E 202 -16.20 50.10 -20.13
C GLN E 202 -14.92 50.22 -21.05
N ILE E 203 -14.50 49.13 -21.74
CA ILE E 203 -13.36 49.26 -22.65
C ILE E 203 -13.73 50.16 -23.85
N ALA E 204 -14.91 49.98 -24.41
CA ALA E 204 -15.36 50.85 -25.50
C ALA E 204 -15.36 52.31 -25.12
N LYS E 205 -15.89 52.62 -23.94
CA LYS E 205 -15.96 54.00 -23.41
C LYS E 205 -14.58 54.56 -23.16
N LYS E 206 -13.68 53.73 -22.64
CA LYS E 206 -12.29 54.21 -22.51
C LYS E 206 -11.67 54.70 -23.83
N TYR E 207 -12.05 54.11 -24.96
CA TYR E 207 -11.53 54.52 -26.25
C TYR E 207 -12.49 55.45 -27.02
N ASN E 208 -13.53 55.96 -26.34
CA ASN E 208 -14.53 56.86 -26.93
CA ASN E 208 -14.51 56.87 -26.94
C ASN E 208 -15.26 56.25 -28.11
N LEU E 209 -15.59 54.96 -28.01
CA LEU E 209 -16.24 54.29 -29.10
C LEU E 209 -17.70 54.05 -28.79
N ASN E 210 -18.46 53.59 -29.78
CA ASN E 210 -19.84 53.21 -29.58
C ASN E 210 -19.98 52.04 -28.59
N THR E 211 -21.14 51.98 -27.93
CA THR E 211 -21.44 50.91 -26.97
C THR E 211 -22.58 50.01 -27.40
N ASN E 212 -23.04 50.11 -28.63
CA ASN E 212 -24.14 49.30 -29.14
C ASN E 212 -23.77 48.11 -30.02
N PHE E 213 -22.67 47.50 -29.80
CA PHE E 213 -22.12 46.50 -30.77
C PHE E 213 -22.64 45.10 -30.40
N LYS E 214 -22.50 44.16 -31.29
CA LYS E 214 -22.81 42.76 -31.02
C LYS E 214 -21.82 42.19 -29.98
N LYS E 215 -22.35 41.40 -29.06
CA LYS E 215 -21.59 40.79 -28.01
C LYS E 215 -21.69 39.31 -28.08
N ILE E 216 -20.56 38.61 -28.14
CA ILE E 216 -20.62 37.17 -28.25
C ILE E 216 -19.87 36.70 -26.96
N ILE E 217 -20.59 36.13 -26.03
CA ILE E 217 -20.12 35.89 -24.70
C ILE E 217 -20.25 34.38 -24.45
N ASN E 218 -19.09 33.71 -24.30
CA ASN E 218 -19.06 32.26 -24.11
C ASN E 218 -19.93 31.49 -25.09
N SER E 219 -19.64 31.71 -26.38
CA SER E 219 -20.47 31.07 -27.42
C SER E 219 -20.48 29.58 -27.38
N SER E 220 -19.47 28.92 -26.79
CA SER E 220 -19.53 27.42 -26.73
C SER E 220 -20.62 26.95 -25.84
N GLY E 221 -21.04 27.79 -24.89
CA GLY E 221 -22.11 27.45 -24.00
C GLY E 221 -21.60 26.77 -22.72
N ARG E 222 -20.36 26.28 -22.68
CA ARG E 222 -19.82 25.70 -21.47
C ARG E 222 -18.30 25.62 -21.60
N PHE E 223 -17.59 26.13 -20.60
CA PHE E 223 -16.13 26.23 -20.62
C PHE E 223 -15.65 26.03 -19.18
N VAL E 224 -15.76 24.77 -18.72
CA VAL E 224 -15.34 24.43 -17.38
C VAL E 224 -13.93 23.78 -17.44
N ILE E 225 -13.75 22.83 -18.34
CA ILE E 225 -12.43 22.29 -18.67
C ILE E 225 -11.63 23.35 -19.40
N GLY E 226 -10.40 23.60 -18.97
CA GLY E 226 -9.55 24.58 -19.60
C GLY E 226 -8.10 24.40 -19.25
N GLY E 227 -7.31 25.41 -19.57
CA GLY E 227 -5.87 25.31 -19.49
C GLY E 227 -5.29 24.18 -20.31
N PRO E 228 -4.12 23.67 -19.90
CA PRO E 228 -3.53 22.54 -20.65
C PRO E 228 -4.35 21.26 -20.63
N ILE E 229 -5.29 21.14 -19.71
CA ILE E 229 -6.23 19.99 -19.75
C ILE E 229 -7.13 19.99 -20.97
N GLY E 230 -7.62 21.17 -21.35
CA GLY E 230 -8.49 21.34 -22.48
C GLY E 230 -7.79 21.50 -23.82
N ASP E 231 -6.53 21.94 -23.81
CA ASP E 231 -5.84 22.25 -25.07
C ASP E 231 -4.33 22.30 -24.78
N THR E 232 -3.54 21.72 -25.66
CA THR E 232 -2.09 21.72 -25.57
C THR E 232 -1.48 23.06 -25.89
N GLY E 233 -0.62 23.55 -25.01
CA GLY E 233 0.12 24.75 -25.32
C GLY E 233 1.55 24.50 -25.75
N LEU E 234 2.10 25.39 -26.56
CA LEU E 234 3.51 25.39 -26.95
C LEU E 234 3.99 26.81 -27.00
N THR E 235 5.27 27.01 -26.73
CA THR E 235 5.88 28.30 -26.91
C THR E 235 5.76 28.72 -28.42
N GLY E 236 5.45 30.01 -28.65
CA GLY E 236 5.54 30.54 -30.00
C GLY E 236 4.40 30.17 -30.91
N ARG E 237 3.20 29.92 -30.32
CA ARG E 237 2.03 29.54 -31.09
C ARG E 237 0.96 30.67 -31.04
N LYS E 238 1.36 31.83 -30.52
CA LYS E 238 0.47 33.00 -30.54
C LYS E 238 1.20 34.21 -31.13
N ILE E 239 1.91 33.99 -32.23
CA ILE E 239 2.81 35.03 -32.74
C ILE E 239 2.05 36.27 -33.31
N ILE E 240 0.80 36.07 -33.68
CA ILE E 240 -0.02 37.16 -34.20
C ILE E 240 -0.62 37.96 -33.06
N VAL E 241 -1.08 37.27 -32.02
CA VAL E 241 -1.46 37.93 -30.77
C VAL E 241 -0.27 38.70 -30.13
N ASP E 242 0.94 38.17 -30.28
CA ASP E 242 2.14 38.79 -29.76
C ASP E 242 2.53 40.06 -30.55
N THR E 243 2.01 40.23 -31.74
CA THR E 243 2.46 41.26 -32.62
C THR E 243 1.30 42.22 -33.00
N TYR E 244 0.78 42.16 -34.22
CA TYR E 244 -0.10 43.20 -34.72
C TYR E 244 -1.49 42.69 -35.16
N GLY E 245 -1.92 41.51 -34.66
CA GLY E 245 -3.31 41.15 -34.84
C GLY E 245 -3.75 40.88 -36.25
N GLY E 246 -2.81 40.54 -37.11
CA GLY E 246 -3.16 40.21 -38.48
C GLY E 246 -3.21 41.47 -39.42
N VAL E 247 -3.10 42.66 -38.85
CA VAL E 247 -3.02 43.90 -39.66
C VAL E 247 -1.59 44.02 -40.19
N GLY E 248 -0.61 43.73 -39.35
CA GLY E 248 0.82 43.73 -39.82
C GLY E 248 1.19 42.37 -40.37
N HIS E 249 2.17 42.35 -41.27
CA HIS E 249 2.70 41.07 -41.78
C HIS E 249 3.56 40.45 -40.71
N HIS E 250 3.89 39.19 -40.89
CA HIS E 250 4.74 38.49 -39.95
C HIS E 250 5.64 37.53 -40.74
N GLY E 251 6.88 37.42 -40.28
CA GLY E 251 7.85 36.56 -40.92
C GLY E 251 8.00 35.18 -40.32
N GLY E 252 7.23 34.88 -39.28
CA GLY E 252 7.05 33.51 -38.74
C GLY E 252 7.83 33.18 -37.46
N GLY E 253 8.72 34.06 -37.06
CA GLY E 253 9.58 33.82 -35.89
C GLY E 253 8.87 34.12 -34.57
N ALA E 254 9.04 33.28 -33.58
CA ALA E 254 8.46 33.54 -32.27
C ALA E 254 9.45 34.27 -31.41
N PHE E 255 8.98 34.96 -30.39
CA PHE E 255 9.86 35.77 -29.52
C PHE E 255 10.29 35.07 -28.21
N SER E 256 9.37 34.43 -27.53
CA SER E 256 9.60 34.06 -26.13
C SER E 256 10.67 32.98 -26.00
N GLY E 257 11.47 33.14 -24.96
CA GLY E 257 12.52 32.17 -24.61
C GLY E 257 13.90 32.47 -25.27
N LYS E 258 13.97 33.53 -26.11
CA LYS E 258 15.15 33.77 -26.95
C LYS E 258 15.94 34.98 -26.44
N ASP E 259 17.27 34.83 -26.39
CA ASP E 259 18.18 35.92 -26.03
C ASP E 259 18.28 36.85 -27.26
N PRO E 260 18.78 38.06 -27.09
CA PRO E 260 18.79 39.06 -28.16
C PRO E 260 19.63 38.73 -29.41
N THR E 261 20.55 37.74 -29.34
CA THR E 261 21.27 37.33 -30.56
C THR E 261 20.36 36.59 -31.53
N LYS E 262 19.16 36.19 -31.09
CA LYS E 262 18.18 35.62 -31.99
C LYS E 262 17.46 36.82 -32.62
N VAL E 263 17.77 37.09 -33.88
CA VAL E 263 17.20 38.27 -34.56
C VAL E 263 15.71 38.23 -34.76
N ASP E 264 15.10 37.03 -34.78
CA ASP E 264 13.64 36.97 -34.73
C ASP E 264 13.05 37.85 -33.66
N ARG E 265 13.70 37.91 -32.51
CA ARG E 265 13.24 38.77 -31.45
C ARG E 265 13.84 40.19 -31.56
N SER E 266 15.14 40.33 -31.49
CA SER E 266 15.76 41.64 -31.42
C SER E 266 15.49 42.49 -32.66
N ALA E 267 15.51 41.90 -33.83
CA ALA E 267 15.24 42.71 -35.04
C ALA E 267 13.81 43.03 -35.20
N SER E 268 12.91 42.18 -34.68
CA SER E 268 11.48 42.56 -34.64
C SER E 268 11.24 43.77 -33.76
N TYR E 269 11.90 43.80 -32.64
CA TYR E 269 11.79 44.97 -31.74
C TYR E 269 12.40 46.23 -32.39
N PHE E 270 13.55 46.05 -33.01
CA PHE E 270 14.17 47.13 -33.75
C PHE E 270 13.31 47.67 -34.86
N ALA E 271 12.69 46.79 -35.65
CA ALA E 271 11.83 47.20 -36.71
C ALA E 271 10.58 47.92 -36.22
N ARG E 272 10.03 47.46 -35.09
CA ARG E 272 8.90 48.16 -34.45
C ARG E 272 9.33 49.60 -34.09
N TRP E 273 10.51 49.70 -33.48
CA TRP E 273 11.01 50.99 -32.99
C TRP E 273 11.13 51.99 -34.18
N ILE E 274 11.61 51.48 -35.32
CA ILE E 274 11.71 52.31 -36.52
C ILE E 274 10.31 52.73 -36.97
N ALA E 275 9.43 51.73 -37.19
CA ALA E 275 8.11 52.01 -37.70
C ALA E 275 7.32 53.02 -36.82
N LYS E 276 7.41 52.82 -35.51
CA LYS E 276 6.67 53.65 -34.59
C LYS E 276 7.18 55.09 -34.65
N ASN E 277 8.49 55.24 -34.77
CA ASN E 277 9.07 56.58 -34.82
C ASN E 277 8.76 57.28 -36.15
N VAL E 278 8.68 56.51 -37.24
CA VAL E 278 8.26 57.05 -38.54
C VAL E 278 6.86 57.62 -38.44
N VAL E 279 5.95 56.87 -37.85
CA VAL E 279 4.59 57.32 -37.72
C VAL E 279 4.47 58.51 -36.74
N ALA E 280 5.15 58.41 -35.61
CA ALA E 280 5.14 59.51 -34.63
C ALA E 280 5.74 60.81 -35.19
N ALA E 281 6.71 60.70 -36.08
CA ALA E 281 7.29 61.83 -36.75
C ALA E 281 6.38 62.42 -37.84
N LYS E 282 5.22 61.83 -38.06
CA LYS E 282 4.25 62.23 -39.05
C LYS E 282 4.77 62.11 -40.45
N LEU E 283 5.66 61.16 -40.70
CA LEU E 283 6.11 60.89 -42.05
C LEU E 283 5.10 60.03 -42.84
N ALA E 284 4.29 59.26 -42.10
CA ALA E 284 3.26 58.41 -42.65
C ALA E 284 2.22 58.13 -41.58
N LYS E 285 1.03 57.68 -41.96
CA LYS E 285 0.01 57.30 -41.02
C LYS E 285 0.19 55.79 -40.62
N GLN E 286 0.72 54.99 -41.55
CA GLN E 286 1.05 53.58 -41.31
C GLN E 286 2.44 53.32 -41.88
N CYS E 287 3.23 52.47 -41.20
CA CYS E 287 4.52 52.13 -41.71
C CYS E 287 4.81 50.67 -41.35
N GLU E 288 5.27 49.90 -42.33
CA GLU E 288 5.74 48.55 -42.10
C GLU E 288 7.15 48.42 -42.63
N ILE E 289 8.03 47.81 -41.83
CA ILE E 289 9.44 47.65 -42.17
C ILE E 289 9.72 46.17 -42.23
N GLN E 290 10.16 45.66 -43.36
CA GLN E 290 10.66 44.30 -43.47
C GLN E 290 12.17 44.28 -43.44
N LEU E 291 12.78 43.39 -42.62
CA LEU E 291 14.22 43.20 -42.63
C LEU E 291 14.49 41.72 -42.81
N ALA E 292 15.50 41.38 -43.62
CA ALA E 292 15.90 39.99 -43.81
C ALA E 292 17.35 39.83 -43.38
N PHE E 293 17.66 38.63 -42.91
CA PHE E 293 18.94 38.32 -42.35
C PHE E 293 19.53 37.06 -42.94
N ALA E 294 20.84 36.91 -42.74
CA ALA E 294 21.57 35.69 -43.07
C ALA E 294 22.38 35.31 -41.85
N ILE E 295 22.38 34.03 -41.55
CA ILE E 295 23.06 33.60 -40.35
C ILE E 295 24.56 33.95 -40.42
N GLY E 296 25.06 34.53 -39.35
CA GLY E 296 26.46 34.90 -39.23
C GLY E 296 26.77 36.32 -39.78
N GLN E 297 25.84 36.94 -40.45
CA GLN E 297 26.10 38.30 -41.01
C GLN E 297 25.58 39.37 -40.07
N PRO E 298 26.39 40.41 -39.82
CA PRO E 298 26.08 41.36 -38.75
C PRO E 298 25.09 42.45 -39.09
N GLN E 299 24.67 42.53 -40.32
CA GLN E 299 23.65 43.49 -40.77
C GLN E 299 22.58 42.75 -41.59
N PRO E 300 21.41 43.38 -41.75
CA PRO E 300 20.40 42.80 -42.60
C PRO E 300 20.89 42.68 -44.03
N VAL E 301 20.41 41.68 -44.76
CA VAL E 301 20.72 41.51 -46.15
C VAL E 301 19.66 42.16 -47.05
N ALA E 302 18.52 42.57 -46.50
CA ALA E 302 17.53 43.31 -47.27
C ALA E 302 16.63 44.09 -46.35
N MET E 303 16.06 45.17 -46.90
CA MET E 303 15.10 45.95 -46.20
C MET E 303 14.03 46.48 -47.19
N TYR E 304 12.79 46.55 -46.75
CA TYR E 304 11.73 47.15 -47.50
C TYR E 304 10.84 47.97 -46.55
N VAL E 305 10.48 49.18 -47.00
CA VAL E 305 9.69 50.11 -46.21
C VAL E 305 8.41 50.34 -46.94
N ASN E 306 7.27 50.06 -46.31
CA ASN E 306 5.96 50.22 -46.92
C ASN E 306 5.20 51.24 -46.10
N THR E 307 4.73 52.31 -46.74
CA THR E 307 3.87 53.28 -46.09
C THR E 307 2.43 53.31 -46.58
N PHE E 308 2.06 52.31 -47.38
CA PHE E 308 0.66 52.02 -47.71
C PHE E 308 -0.04 53.24 -48.33
N ASN E 309 0.71 54.00 -49.11
CA ASN E 309 0.23 55.24 -49.70
C ASN E 309 -0.26 56.29 -48.71
N THR E 310 0.27 56.29 -47.49
CA THR E 310 -0.08 57.29 -46.49
C THR E 310 1.11 58.14 -46.20
N ASN E 311 2.17 58.02 -46.99
CA ASN E 311 3.36 58.83 -46.80
C ASN E 311 3.04 60.32 -47.01
N LEU E 312 3.56 61.17 -46.14
CA LEU E 312 3.34 62.62 -46.19
C LEU E 312 4.49 63.31 -46.91
N ILE E 313 5.59 62.61 -47.15
CA ILE E 313 6.68 63.06 -47.98
C ILE E 313 7.06 61.90 -48.90
N ASP E 314 8.01 62.13 -49.80
CA ASP E 314 8.42 61.12 -50.77
C ASP E 314 8.94 59.85 -50.06
N GLU E 315 8.55 58.68 -50.55
CA GLU E 315 8.99 57.38 -49.98
C GLU E 315 10.50 57.24 -49.96
N THR E 316 11.18 57.75 -51.00
CA THR E 316 12.64 57.69 -51.01
C THR E 316 13.25 58.48 -49.87
N LYS E 317 12.67 59.62 -49.51
CA LYS E 317 13.18 60.39 -48.39
C LYS E 317 12.94 59.71 -47.04
N ILE E 318 11.83 58.97 -46.91
CA ILE E 318 11.57 58.21 -45.69
C ILE E 318 12.68 57.15 -45.54
N PHE E 319 12.90 56.39 -46.61
CA PHE E 319 13.90 55.34 -46.64
C PHE E 319 15.25 55.91 -46.27
N GLU E 320 15.63 57.03 -46.86
CA GLU E 320 16.91 57.68 -46.56
C GLU E 320 16.99 58.16 -45.11
N ALA E 321 15.93 58.78 -44.61
CA ALA E 321 15.91 59.26 -43.24
C ALA E 321 16.08 58.08 -42.24
N ILE E 322 15.45 56.97 -42.54
CA ILE E 322 15.61 55.76 -41.70
C ILE E 322 17.08 55.32 -41.71
N LYS E 323 17.67 55.23 -42.88
CA LYS E 323 19.07 54.76 -43.00
C LYS E 323 20.00 55.68 -42.25
N LYS E 324 19.75 56.98 -42.30
CA LYS E 324 20.59 57.93 -41.56
C LYS E 324 20.33 58.00 -40.09
N SER E 325 19.16 57.59 -39.62
CA SER E 325 18.77 57.81 -38.21
C SER E 325 19.02 56.56 -37.33
N PHE E 326 19.19 55.39 -37.95
CA PHE E 326 19.32 54.15 -37.16
C PHE E 326 20.59 53.42 -37.55
N ASN E 327 21.17 52.70 -36.60
CA ASN E 327 22.28 51.84 -36.85
C ASN E 327 21.82 50.38 -37.01
N PHE E 328 22.10 49.76 -38.16
CA PHE E 328 21.60 48.47 -38.51
C PHE E 328 22.53 47.33 -38.13
N ASP E 329 23.65 47.66 -37.52
CA ASP E 329 24.54 46.63 -36.99
C ASP E 329 23.83 45.95 -35.80
N ILE E 330 23.78 44.63 -35.81
CA ILE E 330 22.98 43.87 -34.81
C ILE E 330 23.49 44.13 -33.41
N LYS E 331 24.81 44.02 -33.18
CA LYS E 331 25.29 44.27 -31.83
C LYS E 331 24.91 45.66 -31.33
N THR E 332 24.98 46.61 -32.26
CA THR E 332 24.70 47.99 -31.93
C THR E 332 23.23 48.21 -31.60
N PHE E 333 22.33 47.67 -32.42
CA PHE E 333 20.90 47.91 -32.09
C PHE E 333 20.45 47.11 -30.83
N ILE E 334 21.07 45.94 -30.59
CA ILE E 334 20.81 45.24 -29.34
C ILE E 334 21.15 46.14 -28.15
N ASN E 335 22.35 46.74 -28.21
CA ASN E 335 22.78 47.67 -27.15
C ASN E 335 21.96 48.97 -27.06
N ASP E 336 21.59 49.52 -28.21
CA ASP E 336 20.80 50.73 -28.23
C ASP E 336 19.45 50.48 -27.56
N LEU E 337 18.89 49.27 -27.70
CA LEU E 337 17.60 48.94 -27.07
C LEU E 337 17.75 48.29 -25.68
N ASN E 338 18.96 48.22 -25.15
CA ASN E 338 19.20 47.64 -23.84
C ASN E 338 18.58 46.24 -23.69
N LEU E 339 18.72 45.43 -24.72
CA LEU E 339 18.04 44.16 -24.73
C LEU E 339 18.66 43.15 -23.79
N TRP E 340 19.93 43.30 -23.39
CA TRP E 340 20.52 42.38 -22.43
C TRP E 340 19.98 42.55 -21.01
N THR E 341 19.41 43.71 -20.72
CA THR E 341 18.90 44.01 -19.39
C THR E 341 17.43 44.28 -19.36
N THR E 342 16.70 44.06 -20.44
CA THR E 342 15.24 44.19 -20.41
C THR E 342 14.67 42.86 -19.85
N LYS E 343 13.60 42.98 -19.08
CA LYS E 343 12.87 41.80 -18.58
C LYS E 343 11.79 41.45 -19.59
N TYR E 344 11.78 40.20 -19.99
CA TYR E 344 10.85 39.74 -21.06
C TYR E 344 9.57 39.12 -20.56
N LEU E 345 9.56 38.56 -19.35
CA LEU E 345 8.33 38.03 -18.84
C LEU E 345 7.10 38.98 -19.02
N PRO E 346 7.24 40.30 -18.78
CA PRO E 346 6.07 41.16 -18.91
C PRO E 346 5.46 41.24 -20.31
N VAL E 347 6.22 40.95 -21.37
CA VAL E 347 5.68 40.95 -22.72
C VAL E 347 5.22 39.58 -23.19
N ALA E 348 5.35 38.55 -22.34
CA ALA E 348 4.86 37.26 -22.70
C ALA E 348 3.35 37.11 -22.65
N THR E 349 2.65 38.07 -22.04
CA THR E 349 1.20 38.11 -22.09
C THR E 349 0.81 39.54 -22.63
N TYR E 350 -0.27 39.58 -23.41
CA TYR E 350 -0.91 40.85 -23.84
C TYR E 350 -0.12 41.64 -24.89
N GLY E 351 0.82 40.96 -25.57
CA GLY E 351 1.54 41.56 -26.70
C GLY E 351 2.82 42.25 -26.41
N HIS E 352 3.72 42.23 -27.38
CA HIS E 352 5.06 42.79 -27.18
C HIS E 352 5.12 44.25 -27.59
N PHE E 353 4.07 44.75 -28.21
CA PHE E 353 4.10 46.11 -28.78
C PHE E 353 2.95 46.97 -28.29
N GLY E 354 3.15 48.28 -28.33
CA GLY E 354 2.16 49.23 -27.85
C GLY E 354 1.67 49.05 -26.42
N ARG E 355 2.57 48.96 -25.54
CA ARG E 355 2.24 48.55 -24.16
C ARG E 355 2.44 49.81 -23.35
N ASP E 356 1.40 50.64 -23.30
CA ASP E 356 1.43 51.87 -22.51
C ASP E 356 1.39 51.58 -21.01
N ASP E 357 1.11 50.34 -20.62
CA ASP E 357 1.34 49.86 -19.25
C ASP E 357 2.77 49.46 -18.89
N LEU E 358 3.72 49.49 -19.81
CA LEU E 358 5.12 49.08 -19.53
C LEU E 358 6.00 50.20 -20.05
N ASP E 359 7.30 50.07 -19.90
CA ASP E 359 8.26 51.04 -20.40
C ASP E 359 9.30 50.38 -21.28
N LEU E 360 8.98 50.03 -22.50
CA LEU E 360 9.87 49.19 -23.31
C LEU E 360 10.75 50.10 -24.17
N SER E 361 12.02 49.75 -24.34
CA SER E 361 12.93 50.57 -25.14
C SER E 361 12.51 50.74 -26.61
N TRP E 362 11.86 49.71 -27.19
CA TRP E 362 11.52 49.73 -28.58
C TRP E 362 10.24 50.52 -28.82
N GLU E 363 9.61 50.98 -27.75
CA GLU E 363 8.41 51.79 -27.81
C GLU E 363 8.69 53.30 -27.59
N LYS E 364 9.95 53.65 -27.36
CA LYS E 364 10.30 55.05 -27.07
C LYS E 364 10.30 55.87 -28.37
N LEU E 365 9.73 57.06 -28.30
CA LEU E 365 9.76 57.98 -29.41
C LEU E 365 10.99 58.89 -29.43
N ASN E 366 12.13 58.31 -29.21
CA ASN E 366 13.39 59.06 -29.10
C ASN E 366 14.12 59.17 -30.45
N LYS E 367 13.51 58.80 -31.56
CA LYS E 367 14.12 58.95 -32.87
C LYS E 367 13.34 59.89 -33.80
N VAL E 368 12.27 60.47 -33.28
CA VAL E 368 11.44 61.39 -34.06
C VAL E 368 12.28 62.60 -34.57
N GLU E 369 13.06 63.19 -33.68
CA GLU E 369 13.85 64.41 -34.01
C GLU E 369 14.87 64.05 -35.11
N ASP E 370 15.54 62.90 -34.96
CA ASP E 370 16.48 62.49 -35.98
C ASP E 370 15.80 62.22 -37.33
N LEU E 371 14.65 61.56 -37.30
CA LEU E 371 13.94 61.25 -38.54
C LEU E 371 13.50 62.57 -39.28
N ILE E 372 12.95 63.51 -38.52
CA ILE E 372 12.51 64.78 -39.09
C ILE E 372 13.71 65.52 -39.71
N LYS E 373 14.77 65.69 -38.93
CA LYS E 373 15.98 66.30 -39.45
C LYS E 373 16.51 65.58 -40.70
N ASN E 374 16.60 64.26 -40.68
CA ASN E 374 17.18 63.53 -41.79
C ASN E 374 16.25 63.32 -42.98
N SER E 375 15.00 63.75 -42.88
CA SER E 375 14.11 63.61 -43.99
C SER E 375 14.05 64.89 -44.86
N LYS E 376 14.67 65.98 -44.39
CA LYS E 376 14.57 67.27 -45.08
C LYS E 376 15.60 67.45 -46.20
N HIS E 377 16.84 67.02 -46.01
CA HIS E 377 17.89 67.23 -47.05
C HIS E 377 18.98 66.15 -46.87
N LYS F 4 15.18 50.44 -54.72
CA LYS F 4 14.70 49.05 -55.07
C LYS F 4 13.64 48.51 -54.12
N LYS F 5 12.64 47.81 -54.66
CA LYS F 5 11.59 47.14 -53.89
C LYS F 5 11.96 45.66 -53.73
N ILE F 6 12.57 45.29 -52.61
CA ILE F 6 13.08 43.90 -52.40
C ILE F 6 12.23 43.19 -51.33
N ILE F 7 11.51 42.15 -51.78
CA ILE F 7 10.68 41.32 -50.92
C ILE F 7 11.34 39.95 -50.75
N THR F 8 11.21 39.34 -49.57
CA THR F 8 11.97 38.11 -49.28
C THR F 8 11.06 37.11 -48.57
N SER F 9 11.18 35.84 -48.96
CA SER F 9 10.48 34.75 -48.28
C SER F 9 11.43 33.59 -48.04
N GLU F 10 10.99 32.66 -47.24
CA GLU F 10 11.79 31.48 -46.86
C GLU F 10 11.14 30.16 -47.11
N SER F 11 11.95 29.09 -47.03
CA SER F 11 11.42 27.76 -46.86
C SER F 11 12.35 26.96 -46.00
N VAL F 12 11.89 25.79 -45.58
CA VAL F 12 12.72 24.86 -44.81
C VAL F 12 12.51 23.46 -45.30
N GLY F 13 13.48 22.60 -45.03
CA GLY F 13 13.45 21.27 -45.59
C GLY F 13 12.75 20.24 -44.73
N ALA F 14 12.75 19.00 -45.19
CA ALA F 14 12.04 17.92 -44.50
C ALA F 14 12.71 17.52 -43.22
N GLY F 15 14.02 17.80 -43.10
CA GLY F 15 14.77 17.53 -41.87
C GLY F 15 14.95 18.68 -40.93
N HIS F 16 14.32 19.79 -41.26
CA HIS F 16 14.27 20.91 -40.33
C HIS F 16 13.41 20.45 -39.12
N PRO F 17 13.80 20.76 -37.90
CA PRO F 17 13.13 20.15 -36.75
C PRO F 17 11.68 20.59 -36.56
N ASP F 18 11.34 21.81 -36.91
CA ASP F 18 9.92 22.25 -36.83
C ASP F 18 9.09 21.45 -37.86
N LYS F 19 9.65 21.26 -39.05
CA LYS F 19 8.97 20.46 -40.06
C LYS F 19 8.89 18.99 -39.76
N ILE F 20 9.87 18.41 -39.05
CA ILE F 20 9.72 17.06 -38.57
C ILE F 20 8.46 16.98 -37.72
N CYS F 21 8.29 17.93 -36.79
CA CYS F 21 7.10 17.96 -35.96
C CYS F 21 5.80 18.10 -36.74
N ASP F 22 5.76 19.02 -37.72
CA ASP F 22 4.58 19.14 -38.56
C ASP F 22 4.29 17.81 -39.28
N GLN F 23 5.31 17.15 -39.77
CA GLN F 23 5.11 15.89 -40.48
C GLN F 23 4.58 14.78 -39.54
N ILE F 24 5.13 14.68 -38.31
CA ILE F 24 4.66 13.64 -37.40
C ILE F 24 3.16 13.96 -37.02
N SER F 25 2.85 15.24 -36.79
CA SER F 25 1.49 15.67 -36.48
C SER F 25 0.52 15.23 -37.57
N ASP F 26 0.86 15.55 -38.80
CA ASP F 26 -0.04 15.22 -39.92
C ASP F 26 -0.04 13.76 -40.25
N ALA F 27 1.06 13.03 -40.04
CA ALA F 27 1.04 11.61 -40.25
C ALA F 27 0.12 10.93 -39.26
N ILE F 28 0.11 11.42 -38.02
CA ILE F 28 -0.75 10.85 -37.03
C ILE F 28 -2.24 11.18 -37.39
N LEU F 29 -2.48 12.42 -37.77
CA LEU F 29 -3.80 12.81 -38.20
C LEU F 29 -4.28 11.89 -39.37
N ASP F 30 -3.43 11.73 -40.37
CA ASP F 30 -3.83 10.91 -41.55
C ASP F 30 -4.18 9.51 -41.14
N GLU F 31 -3.39 8.91 -40.23
CA GLU F 31 -3.76 7.58 -39.74
C GLU F 31 -5.08 7.54 -39.01
N CYS F 32 -5.37 8.51 -38.18
CA CYS F 32 -6.69 8.57 -37.51
C CYS F 32 -7.82 8.67 -38.58
N LEU F 33 -7.71 9.57 -39.54
CA LEU F 33 -8.79 9.79 -40.45
C LEU F 33 -8.96 8.60 -41.42
N SER F 34 -7.88 7.83 -41.70
CA SER F 34 -8.05 6.65 -42.54
CA SER F 34 -8.05 6.64 -42.57
C SER F 34 -8.92 5.62 -41.84
N GLN F 35 -8.91 5.58 -40.52
CA GLN F 35 -9.67 4.59 -39.75
C GLN F 35 -11.02 5.14 -39.33
N ASP F 36 -11.13 6.44 -39.09
CA ASP F 36 -12.33 6.99 -38.46
C ASP F 36 -12.47 8.44 -38.98
N GLN F 37 -13.32 8.60 -39.97
CA GLN F 37 -13.56 9.90 -40.56
C GLN F 37 -14.29 10.89 -39.66
N ASN F 38 -14.76 10.49 -38.51
CA ASN F 38 -15.29 11.43 -37.54
C ASN F 38 -14.30 11.72 -36.38
N SER F 39 -13.02 11.36 -36.53
CA SER F 39 -12.04 11.61 -35.48
C SER F 39 -11.98 13.10 -35.17
N ARG F 40 -11.71 13.43 -33.91
CA ARG F 40 -11.32 14.76 -33.53
C ARG F 40 -9.86 14.70 -33.10
N VAL F 41 -9.00 15.45 -33.76
CA VAL F 41 -7.58 15.33 -33.61
C VAL F 41 -6.95 16.73 -33.55
N ALA F 42 -6.13 16.95 -32.55
CA ALA F 42 -5.29 18.11 -32.40
C ALA F 42 -3.95 17.65 -31.86
N CYS F 43 -3.09 17.19 -32.75
CA CYS F 43 -1.87 16.44 -32.35
C CYS F 43 -0.71 17.41 -32.47
N GLU F 44 0.00 17.65 -31.37
CA GLU F 44 1.12 18.59 -31.32
C GLU F 44 2.38 17.81 -30.96
N VAL F 45 3.50 18.15 -31.57
CA VAL F 45 4.74 17.39 -31.40
C VAL F 45 5.86 18.36 -31.08
N LEU F 46 6.76 17.92 -30.21
CA LEU F 46 8.00 18.65 -29.87
C LEU F 46 9.15 17.67 -30.12
N ALA F 47 10.21 18.17 -30.74
CA ALA F 47 11.46 17.36 -30.97
C ALA F 47 12.67 18.15 -30.52
N CYS F 48 13.33 17.68 -29.53
CA CYS F 48 14.54 18.39 -28.93
CA CYS F 48 14.51 18.38 -28.92
C CYS F 48 15.57 17.40 -28.48
N ASN F 49 16.75 17.51 -29.00
CA ASN F 49 17.95 16.81 -28.72
C ASN F 49 17.66 15.32 -28.95
N ARG F 50 17.36 14.61 -27.91
CA ARG F 50 16.99 13.20 -28.00
C ARG F 50 15.57 12.84 -27.45
N LEU F 51 14.65 13.77 -27.52
CA LEU F 51 13.32 13.55 -27.10
C LEU F 51 12.33 13.96 -28.16
N ILE F 52 11.35 13.13 -28.44
CA ILE F 52 10.16 13.52 -29.23
C ILE F 52 8.97 13.36 -28.35
N VAL F 53 8.16 14.39 -28.20
CA VAL F 53 6.96 14.35 -27.37
C VAL F 53 5.76 14.49 -28.29
N ILE F 54 4.87 13.53 -28.25
CA ILE F 54 3.66 13.50 -29.04
C ILE F 54 2.50 13.72 -28.10
N ALA F 55 1.85 14.86 -28.25
CA ALA F 55 0.81 15.23 -27.36
C ALA F 55 -0.42 15.77 -28.11
N GLY F 56 -1.34 16.29 -27.36
CA GLY F 56 -2.57 16.86 -27.89
C GLY F 56 -3.82 16.05 -27.52
N GLU F 57 -4.92 16.37 -28.21
CA GLU F 57 -6.23 15.91 -27.81
C GLU F 57 -6.81 15.17 -29.01
N ILE F 58 -7.12 13.92 -28.77
CA ILE F 58 -7.64 13.02 -29.79
C ILE F 58 -8.82 12.27 -29.24
N THR F 59 -9.98 12.32 -29.92
CA THR F 59 -11.06 11.41 -29.57
C THR F 59 -11.40 10.70 -30.86
N THR F 60 -11.28 9.38 -30.83
CA THR F 60 -11.40 8.59 -32.08
C THR F 60 -11.70 7.17 -31.80
N HIS F 61 -12.23 6.47 -32.79
CA HIS F 61 -12.25 4.98 -32.79
C HIS F 61 -10.98 4.37 -33.32
N ALA F 62 -10.14 5.15 -33.92
CA ALA F 62 -8.88 4.66 -34.47
C ALA F 62 -7.88 4.30 -33.38
N TYR F 63 -6.86 3.53 -33.75
CA TYR F 63 -5.68 3.38 -32.92
C TYR F 63 -4.50 3.71 -33.80
N VAL F 64 -3.66 4.66 -33.40
CA VAL F 64 -2.45 4.99 -34.15
C VAL F 64 -1.22 4.63 -33.33
N ASP F 65 -0.30 3.88 -33.93
CA ASP F 65 0.97 3.58 -33.34
C ASP F 65 1.87 4.79 -33.53
N VAL F 66 2.00 5.61 -32.45
CA VAL F 66 2.68 6.90 -32.64
C VAL F 66 4.16 6.71 -32.83
N VAL F 67 4.73 5.66 -32.24
CA VAL F 67 6.12 5.38 -32.41
C VAL F 67 6.44 4.98 -33.84
N LYS F 68 5.72 4.03 -34.35
CA LYS F 68 5.87 3.60 -35.73
C LYS F 68 5.69 4.79 -36.68
N THR F 69 4.71 5.62 -36.41
CA THR F 69 4.50 6.81 -37.26
C THR F 69 5.66 7.77 -37.23
N ALA F 70 6.17 8.05 -36.04
CA ALA F 70 7.29 8.91 -35.93
C ALA F 70 8.53 8.34 -36.67
N TRP F 71 8.76 7.05 -36.54
CA TRP F 71 9.86 6.42 -37.25
C TRP F 71 9.71 6.54 -38.77
N GLU F 72 8.50 6.51 -39.27
CA GLU F 72 8.27 6.72 -40.71
C GLU F 72 8.67 8.08 -41.19
N ILE F 73 8.63 9.09 -40.33
CA ILE F 73 9.07 10.40 -40.70
C ILE F 73 10.59 10.51 -40.56
N ILE F 74 11.17 9.99 -39.46
CA ILE F 74 12.55 10.27 -39.17
C ILE F 74 13.56 9.33 -39.86
N LYS F 75 13.17 8.08 -40.15
CA LYS F 75 14.07 7.12 -40.84
C LYS F 75 14.53 7.59 -42.25
N PRO F 76 13.66 8.15 -43.07
CA PRO F 76 14.19 8.64 -44.37
C PRO F 76 15.09 9.88 -44.24
N LEU F 77 15.13 10.50 -43.08
CA LEU F 77 16.05 11.59 -42.77
C LEU F 77 17.36 11.14 -42.20
N GLY F 78 17.52 9.84 -41.94
CA GLY F 78 18.77 9.33 -41.48
C GLY F 78 18.80 8.94 -40.03
N TYR F 79 17.70 9.11 -39.29
CA TYR F 79 17.66 8.72 -37.89
C TYR F 79 17.29 7.27 -37.73
N ASP F 80 17.56 6.70 -36.60
CA ASP F 80 17.10 5.33 -36.33
C ASP F 80 16.28 5.21 -35.05
N GLU F 81 15.98 3.97 -34.68
CA GLU F 81 15.08 3.65 -33.57
C GLU F 81 15.67 3.92 -32.21
N ASN F 82 16.97 4.15 -32.12
CA ASN F 82 17.57 4.44 -30.84
C ASN F 82 17.95 5.90 -30.70
N ASP F 83 17.63 6.76 -31.66
CA ASP F 83 17.98 8.15 -31.55
C ASP F 83 17.12 8.96 -30.59
N PHE F 84 15.83 8.62 -30.47
CA PHE F 84 14.94 9.41 -29.61
C PHE F 84 14.16 8.60 -28.61
N THR F 85 14.06 9.12 -27.39
CA THR F 85 13.00 8.78 -26.47
C THR F 85 11.69 9.34 -27.02
N ILE F 86 10.63 8.56 -27.03
CA ILE F 86 9.35 9.02 -27.48
C ILE F 86 8.37 9.00 -26.37
N ILE F 87 7.71 10.14 -26.16
CA ILE F 87 6.72 10.32 -25.14
C ILE F 87 5.36 10.45 -25.78
N SER F 88 4.42 9.62 -25.43
CA SER F 88 3.08 9.67 -25.94
C SER F 88 2.12 10.14 -24.84
N ASN F 89 1.57 11.33 -25.04
CA ASN F 89 0.69 11.95 -24.05
C ASN F 89 -0.60 12.38 -24.77
N VAL F 90 -1.42 11.43 -25.10
CA VAL F 90 -2.61 11.65 -25.89
C VAL F 90 -3.75 11.78 -24.95
N ASN F 91 -4.27 13.00 -24.82
CA ASN F 91 -5.44 13.27 -23.98
C ASN F 91 -6.69 13.16 -24.91
N LYS F 92 -7.88 13.12 -24.32
CA LYS F 92 -9.11 13.21 -25.14
C LYS F 92 -9.52 14.66 -25.40
N GLN F 93 -10.32 14.85 -26.41
CA GLN F 93 -10.95 16.18 -26.67
C GLN F 93 -11.87 16.53 -25.49
N SER F 94 -11.74 17.79 -25.05
CA SER F 94 -12.65 18.29 -24.07
C SER F 94 -14.10 18.06 -24.45
N VAL F 95 -14.89 17.47 -23.55
CA VAL F 95 -16.31 17.29 -23.85
C VAL F 95 -17.03 18.65 -23.93
N ASP F 96 -16.48 19.68 -23.29
CA ASP F 96 -17.08 21.03 -23.38
C ASP F 96 -16.91 21.61 -24.76
N ILE F 97 -15.78 21.34 -25.41
CA ILE F 97 -15.57 21.80 -26.79
C ILE F 97 -16.46 20.96 -27.70
N ALA F 98 -16.42 19.64 -27.47
CA ALA F 98 -17.13 18.71 -28.36
C ALA F 98 -18.63 19.03 -28.51
N GLN F 99 -19.30 19.36 -27.42
CA GLN F 99 -20.76 19.60 -27.45
C GLN F 99 -21.05 20.84 -28.28
N SER F 100 -20.10 21.81 -28.33
CA SER F 100 -20.26 23.02 -29.12
CA SER F 100 -20.25 23.04 -29.14
C SER F 100 -20.11 22.76 -30.63
N VAL F 101 -19.19 21.87 -30.98
CA VAL F 101 -18.85 21.55 -32.35
C VAL F 101 -19.89 20.63 -32.93
N ASP F 102 -20.27 19.59 -32.18
CA ASP F 102 -21.15 18.52 -32.68
C ASP F 102 -22.57 18.90 -32.34
N LYS F 103 -23.18 19.63 -33.23
CA LYS F 103 -24.42 20.25 -32.85
C LYS F 103 -25.52 19.16 -32.69
N THR F 104 -26.53 19.44 -31.84
CA THR F 104 -27.76 18.61 -31.75
C THR F 104 -28.45 18.45 -33.13
N ASN F 105 -28.56 19.60 -33.83
CA ASN F 105 -28.93 19.66 -35.23
C ASN F 105 -27.73 19.04 -35.96
N LYS F 106 -27.95 17.79 -36.34
CA LYS F 106 -26.84 17.00 -36.94
C LYS F 106 -26.50 17.46 -38.39
N ASN F 107 -27.18 18.45 -38.94
CA ASN F 107 -26.69 19.02 -40.17
C ASN F 107 -25.74 20.13 -39.99
N LEU F 108 -25.32 20.46 -38.75
CA LEU F 108 -24.39 21.58 -38.58
C LEU F 108 -23.12 21.18 -37.87
N ILE F 109 -22.03 21.86 -38.20
CA ILE F 109 -20.79 21.76 -37.45
C ILE F 109 -20.52 23.15 -36.96
N GLY F 110 -20.32 23.28 -35.64
CA GLY F 110 -19.89 24.56 -35.06
C GLY F 110 -18.37 24.67 -35.23
N ALA F 111 -17.88 25.90 -35.38
CA ALA F 111 -16.46 26.13 -35.47
C ALA F 111 -15.76 25.57 -34.26
N GLY F 112 -14.60 24.97 -34.46
CA GLY F 112 -13.88 24.34 -33.36
C GLY F 112 -13.18 25.33 -32.42
N ASP F 113 -13.16 26.61 -32.80
CA ASP F 113 -12.57 27.65 -31.99
C ASP F 113 -13.03 29.02 -32.55
N GLN F 114 -12.77 30.09 -31.80
CA GLN F 114 -12.76 31.40 -32.43
C GLN F 114 -11.51 31.48 -33.34
N GLY F 115 -11.36 32.55 -34.07
CA GLY F 115 -10.09 32.83 -34.73
C GLY F 115 -10.24 33.59 -36.02
N ILE F 116 -9.11 33.99 -36.56
CA ILE F 116 -9.06 34.66 -37.83
C ILE F 116 -8.15 33.91 -38.73
N VAL F 117 -8.58 33.77 -40.00
CA VAL F 117 -7.76 33.14 -41.02
C VAL F 117 -7.68 34.07 -42.21
N PHE F 118 -6.59 33.92 -42.99
CA PHE F 118 -6.44 34.64 -44.24
C PHE F 118 -6.14 33.65 -45.34
N GLY F 119 -6.81 33.83 -46.47
CA GLY F 119 -6.50 33.18 -47.72
C GLY F 119 -5.88 34.23 -48.66
N TYR F 120 -4.99 33.83 -49.54
CA TYR F 120 -4.27 34.77 -50.41
C TYR F 120 -4.01 34.11 -51.75
N ALA F 121 -4.02 34.91 -52.83
CA ALA F 121 -3.55 34.47 -54.12
C ALA F 121 -3.11 35.69 -54.93
N CYS F 122 -2.23 35.45 -55.88
CA CYS F 122 -1.74 36.50 -56.77
C CYS F 122 -1.41 35.88 -58.13
N ASP F 123 -1.18 36.73 -59.13
CA ASP F 123 -1.02 36.20 -60.49
C ASP F 123 0.46 36.12 -60.89
N GLU F 124 1.40 36.08 -59.96
CA GLU F 124 2.81 36.08 -60.31
C GLU F 124 3.30 34.77 -60.84
N THR F 125 2.66 33.63 -60.50
CA THR F 125 3.21 32.33 -60.88
C THR F 125 2.07 31.48 -61.36
N PRO F 126 2.36 30.36 -62.01
CA PRO F 126 1.27 29.45 -62.40
C PRO F 126 0.55 28.85 -61.19
N GLN F 127 1.23 28.82 -60.06
CA GLN F 127 0.65 28.38 -58.80
C GLN F 127 -0.29 29.39 -58.14
N TYR F 128 -0.37 30.59 -58.68
CA TYR F 128 -1.05 31.72 -58.09
C TYR F 128 -0.51 32.08 -56.68
N MET F 129 0.81 32.02 -56.56
CA MET F 129 1.54 32.27 -55.33
C MET F 129 2.62 33.30 -55.54
N PRO F 130 3.04 33.96 -54.44
CA PRO F 130 4.22 34.81 -54.48
C PRO F 130 5.42 34.09 -55.02
N LEU F 131 6.11 34.78 -55.94
CA LEU F 131 7.29 34.16 -56.54
C LEU F 131 8.38 33.84 -55.53
N THR F 132 8.57 34.71 -54.54
CA THR F 132 9.57 34.46 -53.54
C THR F 132 9.40 33.10 -52.84
N SER F 133 8.17 32.80 -52.45
CA SER F 133 7.85 31.54 -51.77
CA SER F 133 7.88 31.56 -51.75
C SER F 133 8.02 30.37 -52.70
N VAL F 134 7.52 30.51 -53.95
CA VAL F 134 7.62 29.40 -54.91
C VAL F 134 9.09 29.02 -55.13
N LEU F 135 9.95 30.02 -55.35
CA LEU F 135 11.34 29.73 -55.61
C LEU F 135 12.01 29.11 -54.35
N ALA F 136 11.68 29.61 -53.18
CA ALA F 136 12.33 29.14 -51.94
C ALA F 136 12.03 27.64 -51.74
N HIS F 137 10.79 27.25 -51.95
CA HIS F 137 10.40 25.84 -51.82
C HIS F 137 11.06 25.00 -52.92
N GLU F 138 11.07 25.49 -54.14
CA GLU F 138 11.60 24.70 -55.26
C GLU F 138 13.07 24.39 -55.08
N LEU F 139 13.82 25.33 -54.51
CA LEU F 139 15.23 25.08 -54.22
C LEU F 139 15.38 23.92 -53.30
N LEU F 140 14.61 23.89 -52.23
CA LEU F 140 14.78 22.82 -51.23
C LEU F 140 14.22 21.51 -51.71
N LYS F 141 13.17 21.55 -52.49
CA LYS F 141 12.63 20.30 -53.06
C LYS F 141 13.65 19.63 -53.96
N GLU F 142 14.33 20.43 -54.77
CA GLU F 142 15.35 19.88 -55.65
C GLU F 142 16.57 19.35 -54.92
N ILE F 143 17.05 20.06 -53.90
CA ILE F 143 18.15 19.58 -53.12
C ILE F 143 17.78 18.26 -52.42
N GLU F 144 16.58 18.16 -51.87
CA GLU F 144 16.18 16.97 -51.12
C GLU F 144 15.98 15.85 -52.10
N ARG F 145 15.44 16.16 -53.30
CA ARG F 145 15.33 15.11 -54.34
C ARG F 145 16.72 14.51 -54.64
N GLN F 146 17.71 15.38 -54.81
CA GLN F 146 19.05 14.93 -55.10
C GLN F 146 19.73 14.25 -53.94
N ARG F 147 19.44 14.66 -52.70
CA ARG F 147 19.97 13.98 -51.53
C ARG F 147 19.52 12.50 -51.55
N ARG F 148 18.25 12.28 -51.84
CA ARG F 148 17.68 10.93 -51.80
C ARG F 148 18.14 10.09 -52.99
N SER F 149 18.27 10.68 -54.17
CA SER F 149 18.73 9.92 -55.33
C SER F 149 20.26 9.76 -55.35
N LYS F 150 20.99 10.41 -54.43
CA LYS F 150 22.43 10.42 -54.37
C LYS F 150 23.12 11.19 -55.50
N GLU F 151 22.39 12.07 -56.18
CA GLU F 151 22.98 12.98 -57.11
C GLU F 151 23.75 14.11 -56.39
N PHE F 152 23.41 14.38 -55.13
CA PHE F 152 24.10 15.41 -54.31
C PHE F 152 24.52 14.67 -53.07
N ILE F 153 25.80 14.38 -52.93
CA ILE F 153 26.28 13.55 -51.85
C ILE F 153 26.82 14.44 -50.72
N LYS F 154 27.00 13.77 -49.57
CA LYS F 154 27.56 14.32 -48.35
C LYS F 154 26.81 15.53 -47.80
N ILE F 155 25.50 15.48 -47.95
CA ILE F 155 24.59 16.39 -47.28
C ILE F 155 23.55 15.62 -46.45
N GLN F 156 22.86 16.36 -45.59
CA GLN F 156 21.88 15.82 -44.70
C GLN F 156 20.56 16.61 -44.95
N ALA F 157 19.53 16.24 -44.20
CA ALA F 157 18.18 16.69 -44.52
C ALA F 157 17.73 18.02 -43.95
N ASP F 158 18.46 18.53 -42.92
CA ASP F 158 18.12 19.83 -42.32
C ASP F 158 18.66 20.91 -43.28
N MET F 159 17.79 21.82 -43.70
CA MET F 159 18.13 22.86 -44.62
C MET F 159 17.11 23.98 -44.61
N LYS F 160 17.53 25.14 -45.06
CA LYS F 160 16.67 26.33 -45.16
C LYS F 160 17.04 27.07 -46.42
N SER F 161 16.11 27.84 -46.92
CA SER F 161 16.36 28.72 -48.05
C SER F 161 15.72 30.06 -47.83
N GLN F 162 16.15 31.06 -48.59
CA GLN F 162 15.57 32.36 -48.49
C GLN F 162 15.77 33.03 -49.86
N VAL F 163 14.72 33.59 -50.43
CA VAL F 163 14.80 34.15 -51.76
C VAL F 163 14.30 35.58 -51.74
N SER F 164 15.13 36.50 -52.26
CA SER F 164 14.79 37.92 -52.34
C SER F 164 14.58 38.29 -53.80
N ILE F 165 13.43 38.92 -54.09
CA ILE F 165 13.09 39.36 -55.43
C ILE F 165 12.94 40.86 -55.46
N ASP F 166 13.47 41.44 -56.55
CA ASP F 166 13.37 42.88 -56.81
C ASP F 166 12.18 43.10 -57.71
N TYR F 167 11.19 43.77 -57.16
CA TYR F 167 9.94 44.06 -57.85
C TYR F 167 9.91 45.55 -58.30
N SER F 168 11.05 46.20 -58.40
CA SER F 168 11.12 47.64 -58.80
C SER F 168 10.58 47.91 -60.18
N ASN F 169 10.64 46.96 -61.09
CA ASN F 169 10.29 47.14 -62.53
C ASN F 169 9.17 46.15 -62.83
N SER F 170 8.59 46.19 -64.02
CA SER F 170 7.44 45.28 -64.27
C SER F 170 7.84 43.81 -64.40
N THR F 171 9.04 43.51 -64.86
CA THR F 171 9.56 42.14 -64.77
C THR F 171 10.28 42.00 -63.41
N PRO F 172 9.89 41.02 -62.59
CA PRO F 172 10.67 40.72 -61.39
C PRO F 172 12.06 40.23 -61.72
N LEU F 173 13.04 40.59 -60.89
CA LEU F 173 14.38 40.06 -61.00
C LEU F 173 14.74 39.36 -59.69
N ILE F 174 15.40 38.22 -59.75
CA ILE F 174 15.90 37.63 -58.52
C ILE F 174 17.06 38.50 -58.02
N GLU F 175 17.03 38.92 -56.76
CA GLU F 175 18.12 39.67 -56.19
C GLU F 175 19.13 38.76 -55.50
N THR F 176 18.62 37.86 -54.64
CA THR F 176 19.47 36.90 -53.90
C THR F 176 18.76 35.55 -53.76
N MET F 177 19.50 34.46 -53.91
CA MET F 177 19.09 33.15 -53.41
C MET F 177 20.06 32.74 -52.35
N LEU F 178 19.53 32.26 -51.23
CA LEU F 178 20.31 31.86 -50.06
C LEU F 178 19.86 30.45 -49.72
N VAL F 179 20.82 29.57 -49.47
CA VAL F 179 20.53 28.24 -48.96
C VAL F 179 21.53 27.95 -47.84
N SER F 180 21.08 27.23 -46.82
CA SER F 180 21.94 26.60 -45.84
C SER F 180 21.57 25.14 -45.78
N ILE F 181 22.56 24.24 -45.93
CA ILE F 181 22.31 22.81 -45.98
C ILE F 181 23.24 22.17 -45.01
N GLN F 182 22.70 21.32 -44.15
CA GLN F 182 23.51 20.54 -43.25
C GLN F 182 24.38 19.58 -44.09
N HIS F 183 25.65 19.53 -43.76
CA HIS F 183 26.63 18.76 -44.53
C HIS F 183 27.45 17.86 -43.65
N ASP F 184 28.01 16.82 -44.27
CA ASP F 184 28.91 15.90 -43.55
C ASP F 184 30.22 16.59 -43.22
N GLU F 185 30.84 16.11 -42.15
CA GLU F 185 32.14 16.64 -41.69
C GLU F 185 33.18 16.57 -42.80
N ASP F 186 33.19 15.48 -43.56
CA ASP F 186 34.21 15.24 -44.58
C ASP F 186 33.78 15.72 -45.95
N TYR F 187 32.85 16.69 -46.03
CA TYR F 187 32.44 17.19 -47.31
C TYR F 187 33.55 17.95 -48.04
N ASP F 188 33.32 18.13 -49.32
CA ASP F 188 34.20 18.90 -50.17
C ASP F 188 33.42 20.18 -50.53
N VAL F 189 33.86 21.28 -49.93
CA VAL F 189 33.15 22.53 -50.01
C VAL F 189 33.06 23.05 -51.45
N GLU F 190 34.08 22.74 -52.25
CA GLU F 190 34.05 23.16 -53.66
C GLU F 190 32.97 22.44 -54.46
N TYR F 191 32.87 21.14 -54.27
CA TYR F 191 31.81 20.32 -54.87
C TYR F 191 30.40 20.84 -54.40
N PHE F 192 30.30 21.06 -53.10
CA PHE F 192 29.05 21.52 -52.49
C PHE F 192 28.60 22.88 -53.10
N ASN F 193 29.50 23.84 -53.12
CA ASN F 193 29.20 25.16 -53.71
C ASN F 193 28.78 25.10 -55.15
N LYS F 194 29.46 24.25 -55.92
CA LYS F 194 29.12 24.07 -57.36
C LYS F 194 27.74 23.42 -57.53
N LYS F 195 27.44 22.38 -56.74
CA LYS F 195 26.12 21.77 -56.81
C LYS F 195 25.00 22.77 -56.48
N VAL F 196 25.17 23.54 -55.42
CA VAL F 196 24.14 24.45 -54.98
C VAL F 196 23.97 25.53 -56.05
N SER F 197 25.08 26.07 -56.56
CA SER F 197 25.02 27.11 -57.59
C SER F 197 24.28 26.66 -58.82
N ALA F 198 24.51 25.44 -59.24
CA ALA F 198 23.81 24.89 -60.42
C ALA F 198 22.32 24.70 -60.16
N ILE F 199 21.98 24.22 -58.95
CA ILE F 199 20.57 24.06 -58.59
C ILE F 199 19.86 25.41 -58.60
N MET F 200 20.50 26.43 -58.01
CA MET F 200 19.94 27.74 -57.98
C MET F 200 19.67 28.25 -59.42
N GLU F 201 20.63 28.05 -60.30
CA GLU F 201 20.45 28.50 -61.71
C GLU F 201 19.39 27.73 -62.43
N GLN F 202 19.32 26.43 -62.17
CA GLN F 202 18.34 25.56 -62.83
C GLN F 202 16.89 26.07 -62.39
N ILE F 203 16.73 26.39 -61.10
CA ILE F 203 15.41 26.87 -60.67
C ILE F 203 15.06 28.24 -61.33
N ALA F 204 16.01 29.16 -61.37
CA ALA F 204 15.81 30.45 -62.01
C ALA F 204 15.38 30.29 -63.48
N LYS F 205 16.09 29.41 -64.20
CA LYS F 205 15.78 29.13 -65.62
C LYS F 205 14.43 28.50 -65.79
N LYS F 206 14.07 27.60 -64.89
CA LYS F 206 12.70 27.04 -64.94
C LYS F 206 11.61 28.10 -64.88
N TYR F 207 11.82 29.21 -64.18
CA TYR F 207 10.82 30.26 -64.10
C TYR F 207 11.11 31.43 -65.06
N ASN F 208 12.05 31.23 -66.02
CA ASN F 208 12.42 32.26 -67.01
C ASN F 208 12.93 33.52 -66.39
N LEU F 209 13.72 33.39 -65.33
CA LEU F 209 14.22 34.58 -64.65
C LEU F 209 15.71 34.77 -64.95
N ASN F 210 16.26 35.86 -64.49
CA ASN F 210 17.70 36.10 -64.56
C ASN F 210 18.50 35.08 -63.79
N THR F 211 19.75 34.87 -64.22
CA THR F 211 20.67 33.93 -63.54
C THR F 211 21.89 34.63 -62.97
N ASN F 212 21.89 35.96 -62.94
CA ASN F 212 23.02 36.71 -62.40
C ASN F 212 22.81 37.25 -60.95
N PHE F 213 22.06 36.56 -60.13
CA PHE F 213 21.73 37.08 -58.81
C PHE F 213 22.85 36.70 -57.79
N LYS F 214 22.86 37.37 -56.66
CA LYS F 214 23.77 37.01 -55.57
C LYS F 214 23.33 35.63 -54.99
N LYS F 215 24.32 34.84 -54.66
CA LYS F 215 24.18 33.56 -54.06
C LYS F 215 24.81 33.51 -52.72
N ILE F 216 24.05 33.14 -51.68
CA ILE F 216 24.61 33.05 -50.36
C ILE F 216 24.47 31.56 -49.99
N ILE F 217 25.58 30.89 -49.87
CA ILE F 217 25.62 29.45 -49.71
C ILE F 217 26.31 29.16 -48.40
N ASN F 218 25.59 28.57 -47.44
CA ASN F 218 26.10 28.23 -46.13
C ASN F 218 26.88 29.36 -45.47
N SER F 219 26.18 30.47 -45.26
CA SER F 219 26.80 31.66 -44.68
C SER F 219 27.36 31.46 -43.30
N SER F 220 26.87 30.47 -42.53
CA SER F 220 27.43 30.26 -41.18
C SER F 220 28.86 29.73 -41.27
N GLY F 221 29.19 29.09 -42.37
CA GLY F 221 30.50 28.53 -42.58
C GLY F 221 30.68 27.14 -42.08
N ARG F 222 29.75 26.61 -41.25
CA ARG F 222 29.82 25.23 -40.84
C ARG F 222 28.44 24.83 -40.29
N PHE F 223 27.91 23.72 -40.81
CA PHE F 223 26.58 23.23 -40.45
C PHE F 223 26.64 21.72 -40.45
N VAL F 224 27.29 21.20 -39.42
CA VAL F 224 27.42 19.78 -39.26
C VAL F 224 26.38 19.28 -38.25
N ILE F 225 26.31 19.95 -37.11
CA ILE F 225 25.25 19.69 -36.10
C ILE F 225 23.91 20.18 -36.71
N GLY F 226 22.87 19.33 -36.67
CA GLY F 226 21.58 19.79 -37.19
C GLY F 226 20.46 18.90 -36.71
N GLY F 227 19.32 19.06 -37.34
CA GLY F 227 18.06 18.52 -36.84
C GLY F 227 17.74 18.93 -35.44
N PRO F 228 16.99 18.06 -34.71
CA PRO F 228 16.65 18.39 -33.35
C PRO F 228 17.82 18.52 -32.39
N ILE F 229 18.97 17.98 -32.75
CA ILE F 229 20.17 18.19 -31.92
CA ILE F 229 20.20 18.17 -31.94
C ILE F 229 20.66 19.63 -31.91
N GLY F 230 20.59 20.29 -33.06
CA GLY F 230 20.97 21.66 -33.20
C GLY F 230 19.92 22.70 -32.84
N ASP F 231 18.64 22.31 -32.84
CA ASP F 231 17.55 23.30 -32.66
C ASP F 231 16.28 22.52 -32.33
N THR F 232 15.53 23.00 -31.37
CA THR F 232 14.28 22.38 -30.99
C THR F 232 13.18 22.64 -31.98
N GLY F 233 12.47 21.59 -32.40
CA GLY F 233 11.31 21.78 -33.24
C GLY F 233 9.99 21.63 -32.50
N LEU F 234 8.96 22.34 -32.95
CA LEU F 234 7.60 22.20 -32.44
CA LEU F 234 7.58 22.25 -32.43
C LEU F 234 6.63 22.28 -33.60
N THR F 235 5.49 21.62 -33.48
CA THR F 235 4.45 21.75 -34.48
C THR F 235 3.97 23.21 -34.54
N GLY F 236 3.72 23.69 -35.76
CA GLY F 236 3.07 25.03 -35.91
C GLY F 236 4.00 26.20 -35.67
N ARG F 237 5.28 26.01 -35.95
CA ARG F 237 6.29 27.10 -35.77
C ARG F 237 6.84 27.55 -37.12
N LYS F 238 6.24 27.07 -38.20
CA LYS F 238 6.62 27.47 -39.55
C LYS F 238 5.38 27.95 -40.33
N ILE F 239 4.54 28.74 -39.69
CA ILE F 239 3.23 29.03 -40.27
C ILE F 239 3.31 29.96 -41.47
N ILE F 240 4.37 30.74 -41.57
CA ILE F 240 4.58 31.62 -42.70
C ILE F 240 5.15 30.87 -43.88
N VAL F 241 6.11 29.96 -43.61
CA VAL F 241 6.55 29.02 -44.63
C VAL F 241 5.42 28.15 -45.17
N ASP F 242 4.46 27.78 -44.28
CA ASP F 242 3.34 26.94 -44.65
C ASP F 242 2.32 27.69 -45.52
N THR F 243 2.38 29.00 -45.55
CA THR F 243 1.35 29.79 -46.15
C THR F 243 1.97 30.67 -47.26
N TYR F 244 2.10 31.99 -47.04
CA TYR F 244 2.37 32.89 -48.15
C TYR F 244 3.68 33.70 -48.02
N GLY F 245 4.62 33.24 -47.20
CA GLY F 245 5.94 33.83 -47.22
C GLY F 245 6.03 35.25 -46.76
N GLY F 246 5.10 35.69 -45.97
CA GLY F 246 5.16 37.06 -45.48
C GLY F 246 4.43 38.08 -46.39
N VAL F 247 4.08 37.69 -47.60
CA VAL F 247 3.36 38.54 -48.52
C VAL F 247 1.87 38.59 -48.11
N GLY F 248 1.33 37.44 -47.75
CA GLY F 248 -0.05 37.41 -47.20
C GLY F 248 -0.04 37.61 -45.70
N HIS F 249 -1.15 38.07 -45.18
CA HIS F 249 -1.32 38.22 -43.70
C HIS F 249 -1.59 36.83 -43.16
N HIS F 250 -1.50 36.72 -41.85
CA HIS F 250 -1.73 35.47 -41.15
C HIS F 250 -2.45 35.75 -39.85
N GLY F 251 -3.39 34.88 -39.50
CA GLY F 251 -4.16 35.04 -38.27
C GLY F 251 -3.60 34.30 -37.06
N GLY F 252 -2.54 33.52 -37.27
CA GLY F 252 -1.77 32.90 -36.19
C GLY F 252 -1.99 31.42 -35.96
N GLY F 253 -3.03 30.83 -36.62
CA GLY F 253 -3.36 29.45 -36.39
C GLY F 253 -2.47 28.48 -37.18
N ALA F 254 -2.01 27.39 -36.58
CA ALA F 254 -1.21 26.44 -37.26
C ALA F 254 -2.11 25.37 -37.91
N PHE F 255 -1.61 24.68 -38.92
CA PHE F 255 -2.39 23.67 -39.62
C PHE F 255 -2.23 22.23 -39.18
N SER F 256 -0.98 21.82 -39.04
CA SER F 256 -0.66 20.42 -38.93
C SER F 256 -1.23 19.79 -37.68
N GLY F 257 -1.72 18.57 -37.84
CA GLY F 257 -2.22 17.77 -36.72
C GLY F 257 -3.70 17.92 -36.42
N LYS F 258 -4.39 18.83 -37.17
CA LYS F 258 -5.77 19.24 -36.85
C LYS F 258 -6.74 18.63 -37.87
N ASP F 259 -7.87 18.08 -37.36
CA ASP F 259 -8.94 17.58 -38.20
C ASP F 259 -9.71 18.82 -38.75
N PRO F 260 -10.49 18.65 -39.80
CA PRO F 260 -11.19 19.74 -40.45
C PRO F 260 -12.20 20.56 -39.60
N THR F 261 -12.63 20.07 -38.47
CA THR F 261 -13.48 20.89 -37.57
C THR F 261 -12.69 22.01 -36.92
N LYS F 262 -11.36 21.97 -37.00
CA LYS F 262 -10.54 23.08 -36.55
C LYS F 262 -10.49 24.05 -37.71
N VAL F 263 -11.21 25.14 -37.61
CA VAL F 263 -11.31 26.12 -38.69
C VAL F 263 -10.03 26.82 -39.01
N ASP F 264 -9.08 26.91 -38.08
CA ASP F 264 -7.73 27.33 -38.43
C ASP F 264 -7.19 26.66 -39.68
N ARG F 265 -7.49 25.38 -39.82
CA ARG F 265 -7.08 24.65 -40.99
C ARG F 265 -8.13 24.73 -42.13
N SER F 266 -9.33 24.23 -41.88
CA SER F 266 -10.29 24.08 -42.95
C SER F 266 -10.71 25.47 -43.54
N ALA F 267 -10.86 26.48 -42.71
CA ALA F 267 -11.26 27.77 -43.25
C ALA F 267 -10.11 28.48 -43.94
N SER F 268 -8.87 28.20 -43.55
CA SER F 268 -7.72 28.70 -44.28
C SER F 268 -7.67 28.12 -45.68
N TYR F 269 -7.96 26.83 -45.80
CA TYR F 269 -8.01 26.20 -47.11
C TYR F 269 -9.17 26.76 -47.96
N PHE F 270 -10.33 26.92 -47.32
CA PHE F 270 -11.46 27.52 -47.95
C PHE F 270 -11.18 28.92 -48.46
N ALA F 271 -10.55 29.76 -47.63
CA ALA F 271 -10.20 31.10 -48.01
C ALA F 271 -9.21 31.15 -49.15
N ARG F 272 -8.24 30.25 -49.16
CA ARG F 272 -7.30 30.15 -50.29
C ARG F 272 -8.08 29.81 -51.59
N TRP F 273 -9.01 28.85 -51.47
CA TRP F 273 -9.77 28.37 -52.65
C TRP F 273 -10.55 29.57 -53.25
N ILE F 274 -11.14 30.40 -52.36
CA ILE F 274 -11.84 31.58 -52.82
C ILE F 274 -10.87 32.55 -53.50
N ALA F 275 -9.83 32.91 -52.79
CA ALA F 275 -8.87 33.91 -53.32
C ALA F 275 -8.27 33.47 -54.66
N LYS F 276 -7.91 32.20 -54.77
CA LYS F 276 -7.28 31.70 -55.98
C LYS F 276 -8.24 31.78 -57.15
N ASN F 277 -9.50 31.45 -56.89
CA ASN F 277 -10.51 31.46 -57.97
C ASN F 277 -10.85 32.92 -58.36
N VAL F 278 -10.81 33.86 -57.41
CA VAL F 278 -11.00 35.27 -57.70
C VAL F 278 -9.93 35.77 -58.64
N VAL F 279 -8.69 35.43 -58.35
CA VAL F 279 -7.58 35.88 -59.18
C VAL F 279 -7.61 35.16 -60.55
N ALA F 280 -7.85 33.86 -60.56
CA ALA F 280 -7.96 33.12 -61.82
C ALA F 280 -9.11 33.60 -62.72
N ALA F 281 -10.19 34.07 -62.13
CA ALA F 281 -11.28 34.64 -62.82
C ALA F 281 -11.01 36.06 -63.36
N LYS F 282 -9.83 36.59 -63.10
CA LYS F 282 -9.39 37.90 -63.51
C LYS F 282 -10.19 38.97 -62.87
N LEU F 283 -10.67 38.76 -61.67
CA LEU F 283 -11.35 39.84 -60.93
C LEU F 283 -10.33 40.74 -60.24
N ALA F 284 -9.12 40.24 -60.01
CA ALA F 284 -8.05 41.02 -59.32
C ALA F 284 -6.73 40.41 -59.58
N LYS F 285 -5.62 41.16 -59.37
CA LYS F 285 -4.31 40.56 -59.56
C LYS F 285 -3.84 39.85 -58.26
N GLN F 286 -4.28 40.39 -57.12
CA GLN F 286 -4.01 39.85 -55.78
C GLN F 286 -5.31 39.90 -55.02
N CYS F 287 -5.58 38.88 -54.23
CA CYS F 287 -6.79 38.85 -53.42
C CYS F 287 -6.46 38.19 -52.08
N GLU F 288 -6.87 38.83 -51.01
CA GLU F 288 -6.73 38.28 -49.68
C GLU F 288 -8.09 38.28 -49.01
N ILE F 289 -8.47 37.15 -48.41
CA ILE F 289 -9.79 36.98 -47.80
C ILE F 289 -9.56 36.72 -46.34
N GLN F 290 -10.10 37.56 -45.48
CA GLN F 290 -10.07 37.34 -44.05
C GLN F 290 -11.43 36.77 -43.61
N LEU F 291 -11.43 35.70 -42.81
CA LEU F 291 -12.65 35.18 -42.21
C LEU F 291 -12.44 35.07 -40.70
N ALA F 292 -13.43 35.41 -39.92
CA ALA F 292 -13.39 35.29 -38.48
C ALA F 292 -14.50 34.39 -37.99
N PHE F 293 -14.21 33.66 -36.91
CA PHE F 293 -15.08 32.63 -36.38
C PHE F 293 -15.37 32.80 -34.92
N ALA F 294 -16.44 32.15 -34.49
CA ALA F 294 -16.76 32.04 -33.07
C ALA F 294 -16.98 30.58 -32.71
N ILE F 295 -16.46 30.15 -31.61
CA ILE F 295 -16.55 28.73 -31.28
C ILE F 295 -18.02 28.31 -31.14
N GLY F 296 -18.37 27.22 -31.80
CA GLY F 296 -19.74 26.68 -31.78
C GLY F 296 -20.63 27.24 -32.85
N GLN F 297 -20.23 28.30 -33.55
CA GLN F 297 -21.13 28.92 -34.56
C GLN F 297 -20.77 28.37 -35.95
N PRO F 298 -21.76 28.02 -36.75
CA PRO F 298 -21.53 27.27 -37.97
C PRO F 298 -21.13 28.05 -39.18
N GLN F 299 -21.15 29.38 -39.07
CA GLN F 299 -20.69 30.26 -40.15
C GLN F 299 -19.73 31.30 -39.60
N PRO F 300 -18.91 31.89 -40.47
CA PRO F 300 -18.03 32.96 -40.02
C PRO F 300 -18.86 34.12 -39.45
N VAL F 301 -18.28 34.84 -38.50
CA VAL F 301 -18.89 36.03 -37.96
C VAL F 301 -18.45 37.28 -38.72
N ALA F 302 -17.42 37.21 -39.56
CA ALA F 302 -16.96 38.34 -40.33
C ALA F 302 -16.18 37.88 -41.53
N MET F 303 -16.20 38.72 -42.55
CA MET F 303 -15.41 38.51 -43.72
C MET F 303 -14.93 39.89 -44.25
N TYR F 304 -13.71 39.91 -44.77
CA TYR F 304 -13.18 41.06 -45.44
C TYR F 304 -12.41 40.62 -46.67
N VAL F 305 -12.59 41.34 -47.78
CA VAL F 305 -11.97 41.00 -49.05
C VAL F 305 -11.08 42.14 -49.41
N ASN F 306 -9.80 41.89 -49.62
CA ASN F 306 -8.81 42.94 -49.92
C ASN F 306 -8.22 42.61 -51.24
N THR F 307 -8.31 43.55 -52.21
CA THR F 307 -7.68 43.38 -53.50
C THR F 307 -6.50 44.30 -53.75
N PHE F 308 -6.09 45.04 -52.73
CA PHE F 308 -4.83 45.82 -52.73
C PHE F 308 -4.80 46.82 -53.91
N ASN F 309 -5.94 47.37 -54.22
CA ASN F 309 -6.14 48.22 -55.41
C ASN F 309 -5.75 47.61 -56.73
N THR F 310 -5.86 46.29 -56.86
CA THR F 310 -5.58 45.60 -58.12
C THR F 310 -6.84 45.01 -58.64
N ASN F 311 -7.98 45.38 -58.08
CA ASN F 311 -9.27 44.91 -58.59
C ASN F 311 -9.47 45.37 -60.03
N LEU F 312 -9.94 44.46 -60.89
CA LEU F 312 -10.17 44.75 -62.30
C LEU F 312 -11.62 45.07 -62.53
N ILE F 313 -12.49 44.85 -61.54
CA ILE F 313 -13.88 45.31 -61.52
C ILE F 313 -14.13 45.90 -60.16
N ASP F 314 -15.32 46.46 -59.92
CA ASP F 314 -15.65 47.12 -58.64
C ASP F 314 -15.50 46.09 -57.47
N GLU F 315 -14.93 46.53 -56.35
CA GLU F 315 -14.72 45.69 -55.18
C GLU F 315 -16.04 45.12 -54.64
N THR F 316 -17.08 45.92 -54.65
CA THR F 316 -18.39 45.44 -54.20
C THR F 316 -18.92 44.33 -55.07
N LYS F 317 -18.68 44.37 -56.38
CA LYS F 317 -19.14 43.26 -57.21
C LYS F 317 -18.32 41.95 -56.97
N ILE F 318 -17.03 42.10 -56.63
CA ILE F 318 -16.23 40.92 -56.26
C ILE F 318 -16.82 40.28 -55.01
N PHE F 319 -17.04 41.11 -53.99
CA PHE F 319 -17.59 40.69 -52.70
C PHE F 319 -18.92 39.95 -52.94
N GLU F 320 -19.78 40.52 -53.75
CA GLU F 320 -21.08 39.91 -54.07
C GLU F 320 -20.94 38.60 -54.81
N ALA F 321 -20.05 38.55 -55.80
CA ALA F 321 -19.84 37.35 -56.57
C ALA F 321 -19.30 36.19 -55.62
N ILE F 322 -18.45 36.54 -54.70
CA ILE F 322 -17.94 35.56 -53.75
C ILE F 322 -19.11 35.02 -52.88
N LYS F 323 -19.95 35.91 -52.37
CA LYS F 323 -21.07 35.47 -51.52
C LYS F 323 -22.03 34.59 -52.28
N LYS F 324 -22.25 34.88 -53.55
CA LYS F 324 -23.13 34.04 -54.37
C LYS F 324 -22.51 32.77 -54.87
N SER F 325 -21.19 32.66 -54.91
CA SER F 325 -20.56 31.49 -55.54
C SER F 325 -20.14 30.42 -54.52
N PHE F 326 -20.03 30.80 -53.24
CA PHE F 326 -19.46 29.85 -52.22
C PHE F 326 -20.44 29.67 -51.09
N ASN F 327 -20.41 28.51 -50.46
CA ASN F 327 -21.25 28.25 -49.29
C ASN F 327 -20.39 28.38 -48.03
N PHE F 328 -20.79 29.29 -47.11
CA PHE F 328 -19.97 29.61 -45.96
C PHE F 328 -20.28 28.77 -44.72
N ASP F 329 -21.23 27.84 -44.86
CA ASP F 329 -21.49 26.90 -43.78
C ASP F 329 -20.27 25.97 -43.63
N ILE F 330 -19.76 25.82 -42.41
CA ILE F 330 -18.51 25.03 -42.17
C ILE F 330 -18.66 23.60 -42.61
N LYS F 331 -19.72 22.93 -42.21
CA LYS F 331 -19.89 21.52 -42.58
C LYS F 331 -19.90 21.40 -44.14
N THR F 332 -20.52 22.38 -44.78
CA THR F 332 -20.67 22.33 -46.21
C THR F 332 -19.34 22.56 -46.90
N PHE F 333 -18.56 23.59 -46.48
CA PHE F 333 -17.29 23.77 -47.15
C PHE F 333 -16.28 22.65 -46.85
N ILE F 334 -16.34 22.06 -45.66
CA ILE F 334 -15.48 20.89 -45.35
C ILE F 334 -15.79 19.79 -46.39
N ASN F 335 -17.09 19.52 -46.62
CA ASN F 335 -17.48 18.49 -47.58
CA ASN F 335 -17.54 18.48 -47.61
C ASN F 335 -17.20 18.88 -49.05
N ASP F 336 -17.39 20.15 -49.39
CA ASP F 336 -17.10 20.60 -50.72
C ASP F 336 -15.63 20.40 -51.04
N LEU F 337 -14.74 20.57 -50.04
CA LEU F 337 -13.29 20.39 -50.26
C LEU F 337 -12.79 18.99 -49.90
N ASN F 338 -13.71 18.07 -49.61
CA ASN F 338 -13.34 16.68 -49.31
C ASN F 338 -12.25 16.58 -48.24
N LEU F 339 -12.39 17.40 -47.21
CA LEU F 339 -11.32 17.49 -46.22
C LEU F 339 -11.25 16.27 -45.32
N TRP F 340 -12.32 15.47 -45.20
CA TRP F 340 -12.25 14.25 -44.39
C TRP F 340 -11.44 13.15 -45.03
N THR F 341 -11.24 13.22 -46.35
CA THR F 341 -10.52 12.20 -47.09
C THR F 341 -9.30 12.74 -47.79
N THR F 342 -8.87 13.95 -47.52
CA THR F 342 -7.62 14.45 -48.06
C THR F 342 -6.48 13.95 -47.13
N LYS F 343 -5.35 13.62 -47.70
CA LYS F 343 -4.12 13.31 -47.01
C LYS F 343 -3.34 14.56 -46.73
N TYR F 344 -2.99 14.78 -45.48
CA TYR F 344 -2.33 16.02 -45.07
C TYR F 344 -0.83 15.92 -44.97
N LEU F 345 -0.27 14.74 -44.74
CA LEU F 345 1.16 14.60 -44.73
C LEU F 345 1.86 15.32 -45.90
N PRO F 346 1.35 15.22 -47.16
CA PRO F 346 2.08 15.85 -48.26
C PRO F 346 2.20 17.34 -48.17
N VAL F 347 1.29 18.03 -47.46
CA VAL F 347 1.40 19.47 -47.29
C VAL F 347 2.13 19.90 -46.05
N ALA F 348 2.64 18.95 -45.26
CA ALA F 348 3.41 19.30 -44.08
C ALA F 348 4.82 19.75 -44.41
N THR F 349 5.28 19.55 -45.62
CA THR F 349 6.53 20.15 -46.08
C THR F 349 6.26 20.92 -47.38
N TYR F 350 6.98 22.00 -47.57
CA TYR F 350 7.00 22.78 -48.84
C TYR F 350 5.72 23.58 -49.10
N GLY F 351 4.93 23.81 -48.06
CA GLY F 351 3.76 24.70 -48.13
C GLY F 351 2.44 24.02 -48.44
N HIS F 352 1.37 24.61 -47.95
CA HIS F 352 0.06 24.04 -48.10
C HIS F 352 -0.63 24.56 -49.38
N PHE F 353 -0.03 25.59 -50.00
CA PHE F 353 -0.69 26.27 -51.11
C PHE F 353 0.16 26.32 -52.37
N GLY F 354 -0.52 26.39 -53.52
CA GLY F 354 0.18 26.42 -54.80
C GLY F 354 1.09 25.27 -55.09
N ARG F 355 0.57 24.10 -54.94
CA ARG F 355 1.40 22.91 -54.99
C ARG F 355 0.98 22.25 -56.31
N ASP F 356 1.63 22.67 -57.39
CA ASP F 356 1.36 22.07 -58.71
C ASP F 356 1.94 20.67 -58.80
N ASP F 357 2.74 20.25 -57.83
CA ASP F 357 3.10 18.84 -57.63
C ASP F 357 2.09 17.97 -56.91
N LEU F 358 0.97 18.48 -56.44
CA LEU F 358 -0.05 17.69 -55.72
C LEU F 358 -1.38 17.99 -56.36
N ASP F 359 -2.45 17.40 -55.89
CA ASP F 359 -3.77 17.63 -56.41
C ASP F 359 -4.75 18.03 -55.30
N LEU F 360 -4.68 19.25 -54.80
CA LEU F 360 -5.40 19.65 -53.62
C LEU F 360 -6.75 20.23 -53.95
N SER F 361 -7.80 19.89 -53.21
CA SER F 361 -9.14 20.43 -53.51
C SER F 361 -9.22 21.96 -53.46
N TRP F 362 -8.47 22.58 -52.55
CA TRP F 362 -8.55 23.99 -52.36
C TRP F 362 -7.75 24.76 -53.42
N GLU F 363 -7.05 24.03 -54.26
CA GLU F 363 -6.26 24.59 -55.36
C GLU F 363 -6.98 24.49 -56.73
N LYS F 364 -8.16 23.88 -56.75
CA LYS F 364 -8.87 23.64 -58.00
C LYS F 364 -9.55 24.94 -58.46
N LEU F 365 -9.44 25.22 -59.76
CA LEU F 365 -10.07 26.38 -60.35
C LEU F 365 -11.49 26.10 -60.84
N ASN F 366 -12.28 25.42 -60.03
CA ASN F 366 -13.61 25.00 -60.40
C ASN F 366 -14.67 26.00 -59.96
N LYS F 367 -14.31 27.21 -59.53
CA LYS F 367 -15.28 28.23 -59.23
C LYS F 367 -15.15 29.48 -60.12
N VAL F 368 -14.23 29.43 -61.05
CA VAL F 368 -14.01 30.57 -61.96
C VAL F 368 -15.29 30.97 -62.73
N GLU F 369 -15.93 29.96 -63.31
CA GLU F 369 -17.15 30.21 -64.15
C GLU F 369 -18.24 30.79 -63.27
N ASP F 370 -18.41 30.28 -62.08
CA ASP F 370 -19.42 30.79 -61.15
C ASP F 370 -19.11 32.24 -60.76
N LEU F 371 -17.85 32.53 -60.46
CA LEU F 371 -17.46 33.87 -60.05
C LEU F 371 -17.71 34.91 -61.25
N ILE F 372 -17.34 34.52 -62.44
CA ILE F 372 -17.54 35.37 -63.63
C ILE F 372 -19.05 35.64 -63.83
N LYS F 373 -19.83 34.59 -63.89
CA LYS F 373 -21.28 34.72 -63.99
C LYS F 373 -21.86 35.59 -62.87
N ASN F 374 -21.48 35.35 -61.61
CA ASN F 374 -22.06 36.09 -60.50
C ASN F 374 -21.49 37.47 -60.30
N SER F 375 -20.48 37.87 -61.05
CA SER F 375 -19.96 39.21 -60.93
C SER F 375 -20.62 40.21 -61.92
N LYS F 376 -21.45 39.75 -62.84
CA LYS F 376 -22.42 40.64 -63.57
C LYS F 376 -23.44 41.37 -62.66
#